data_5LZR
#
_entry.id   5LZR
#
_cell.length_a   83.720
_cell.length_b   108.870
_cell.length_c   105.810
_cell.angle_alpha   90.000
_cell.angle_beta   108.790
_cell.angle_gamma   90.000
#
_symmetry.space_group_name_H-M   'P 1 21 1'
#
loop_
_entity.id
_entity.type
_entity.pdbx_description
1 polymer 'K(+)-stimulated pyrophosphate-energized sodium pump'
2 non-polymer TUNGSTATE(VI)ION
3 non-polymer 'MAGNESIUM ION'
#
_entity_poly.entity_id   1
_entity_poly.type   'polypeptide(L)'
_entity_poly.pdbx_seq_one_letter_code
;MRGSHHHHHHYVAALFFLIPLVALGFAAANFAAVVRKPEGTERMKEISSYIRSGADSFLAHETKAIFKVAIVIAILLMIF
TTWQTGVAFLLGAVMSASAGIVGMKMATRANVRVAEAARTTKKIGPALKVAYQGGSVMGLSVGGFALLGLVLVYLIFGKW
MGQVDNLNIYTNWLGINFVPFAMTVSGYALGCSIIAMFDRVGGGVYTKAADMAADLVGKTELNLPEDDPRNPATIADNVG
DNVGDVAGLGADLLESFVGAIVSSIILASYMFPIYVQKIGENLVHQVPKETIQALISYPIFFALVGLGCSMLGILYVIVK
KPSDNPQRELNISLWTSALLTVVLTAFLTYFYLKDLQGLDVLGFRFGAISPWFSAIIGIFSGILIGFWAEYYTSYRYKPT
QFLGKSSIEGTGMVISNGLSLGMKSVFPPTLTLVLGILFADYFAGLYGVAIAALGMLSFVATSVSVDSYGPIADNAGGIS
EMCELDPEVRKITDHLDAVGNTTAAIGKGFAIGSAIFAALSLFASYMFSQISPSDIGKPPSLVLLLNMLDARVIAGALLG
AAITYYFSGYLISAVTKAAMKMVDEIRRQAREIPGLLEGKAKPDYNRCIEITSDNALKQMGYPAFIAILTPLVTGFLLGA
EFVGGVLIGTVLSGAMLAILTANSGGAWDNAKKYLEAGNLEGYGKGSEPHKALVIGDTVGDPLKDTVGPSLDILIKIMSV
VSVIAVSIFKHVHLF
;
_entity_poly.pdbx_strand_id   A,B
#
# COMPACT_ATOMS: atom_id res chain seq x y z
N TYR A 11 -30.15 -12.21 -40.31
CA TYR A 11 -30.21 -10.81 -39.90
C TYR A 11 -28.94 -10.44 -39.12
N VAL A 12 -28.89 -9.22 -38.62
CA VAL A 12 -27.69 -8.58 -38.09
C VAL A 12 -27.09 -9.28 -36.85
N ALA A 13 -27.87 -10.12 -36.20
CA ALA A 13 -27.49 -10.76 -34.94
C ALA A 13 -26.27 -11.68 -35.07
N ALA A 14 -26.44 -12.85 -35.72
CA ALA A 14 -25.35 -13.80 -35.90
C ALA A 14 -24.11 -13.23 -36.61
N LEU A 15 -24.30 -12.41 -37.64
CA LEU A 15 -23.21 -11.70 -38.33
C LEU A 15 -22.20 -11.20 -37.28
N PHE A 16 -22.70 -10.49 -36.28
CA PHE A 16 -21.88 -10.02 -35.16
C PHE A 16 -21.27 -11.19 -34.39
N PHE A 17 -22.03 -12.25 -34.19
CA PHE A 17 -21.57 -13.37 -33.36
C PHE A 17 -20.47 -14.20 -34.04
N LEU A 18 -20.30 -14.03 -35.34
CA LEU A 18 -19.21 -14.70 -36.06
C LEU A 18 -17.94 -13.83 -36.10
N ILE A 19 -18.04 -12.61 -35.57
CA ILE A 19 -16.89 -11.70 -35.55
C ILE A 19 -15.66 -12.35 -34.87
N PRO A 20 -15.86 -13.11 -33.77
CA PRO A 20 -14.67 -13.72 -33.15
C PRO A 20 -14.05 -14.72 -34.10
N LEU A 21 -14.89 -15.41 -34.88
CA LEU A 21 -14.44 -16.31 -35.93
C LEU A 21 -13.58 -15.57 -36.94
N VAL A 22 -14.02 -14.37 -37.34
CA VAL A 22 -13.28 -13.62 -38.35
C VAL A 22 -11.93 -13.24 -37.74
N ALA A 23 -11.96 -12.70 -36.51
CA ALA A 23 -10.76 -12.48 -35.72
C ALA A 23 -9.83 -13.69 -35.77
N LEU A 24 -10.42 -14.86 -35.56
CA LEU A 24 -9.71 -16.14 -35.54
C LEU A 24 -9.15 -16.53 -36.90
N GLY A 25 -9.97 -16.40 -37.94
CA GLY A 25 -9.50 -16.60 -39.30
C GLY A 25 -8.38 -15.66 -39.70
N PHE A 26 -8.44 -14.42 -39.20
CA PHE A 26 -7.43 -13.43 -39.53
C PHE A 26 -6.12 -13.87 -38.89
N ALA A 27 -6.20 -14.29 -37.63
CA ALA A 27 -5.10 -14.97 -36.96
C ALA A 27 -4.62 -16.11 -37.83
N ALA A 28 -5.56 -16.96 -38.23
CA ALA A 28 -5.25 -18.17 -39.00
C ALA A 28 -4.57 -17.82 -40.32
N ALA A 29 -4.93 -16.66 -40.87
CA ALA A 29 -4.31 -16.14 -42.10
C ALA A 29 -2.90 -15.61 -41.83
N ASN A 30 -2.79 -14.73 -40.85
CA ASN A 30 -1.51 -14.16 -40.42
C ASN A 30 -0.51 -15.26 -40.10
N PHE A 31 -1.01 -16.36 -39.56
CA PHE A 31 -0.21 -17.56 -39.32
C PHE A 31 0.38 -18.06 -40.63
N ALA A 32 -0.48 -18.31 -41.61
CA ALA A 32 -0.08 -18.74 -42.96
C ALA A 32 0.98 -17.81 -43.56
N ALA A 33 0.67 -16.53 -43.61
CA ALA A 33 1.48 -15.49 -44.26
C ALA A 33 2.86 -15.32 -43.62
N VAL A 34 2.96 -15.63 -42.33
CA VAL A 34 4.24 -15.63 -41.62
C VAL A 34 5.11 -16.85 -42.00
N VAL A 35 4.51 -18.03 -41.95
CA VAL A 35 5.25 -19.29 -42.18
C VAL A 35 6.02 -19.33 -43.50
N ARG A 36 5.39 -18.88 -44.58
CA ARG A 36 6.03 -18.78 -45.91
C ARG A 36 7.26 -17.85 -46.00
N LYS A 37 7.47 -16.99 -45.03
CA LYS A 37 8.72 -16.21 -44.99
C LYS A 37 9.92 -17.13 -44.71
N PRO A 38 11.08 -16.80 -45.30
CA PRO A 38 12.27 -17.65 -45.14
C PRO A 38 13.21 -17.24 -44.00
N GLU A 39 14.10 -18.16 -43.66
CA GLU A 39 15.26 -17.88 -42.82
C GLU A 39 16.53 -18.09 -43.63
N GLY A 40 17.54 -17.25 -43.38
CA GLY A 40 18.85 -17.45 -44.00
C GLY A 40 19.70 -18.37 -43.14
N THR A 41 20.55 -19.16 -43.78
CA THR A 41 21.62 -19.94 -43.13
C THR A 41 21.19 -20.96 -42.05
N GLU A 42 22.03 -21.99 -41.91
CA GLU A 42 21.93 -23.02 -40.88
C GLU A 42 21.98 -22.48 -39.45
N ARG A 43 22.86 -21.50 -39.25
CA ARG A 43 23.02 -20.78 -37.98
C ARG A 43 21.82 -19.94 -37.51
N MET A 44 21.12 -19.28 -38.42
CA MET A 44 19.97 -18.47 -38.02
C MET A 44 18.91 -19.46 -37.54
N LYS A 45 18.79 -20.57 -38.26
CA LYS A 45 17.88 -21.64 -37.90
C LYS A 45 18.32 -22.31 -36.59
N GLU A 46 19.60 -22.66 -36.49
CA GLU A 46 20.12 -23.36 -35.31
C GLU A 46 19.87 -22.65 -33.97
N ILE A 47 20.09 -21.33 -33.93
CA ILE A 47 19.83 -20.53 -32.74
C ILE A 47 18.33 -20.54 -32.47
N SER A 48 17.56 -20.49 -33.56
CA SER A 48 16.10 -20.39 -33.55
C SER A 48 15.46 -21.59 -32.91
N SER A 49 15.93 -22.77 -33.31
CA SER A 49 15.44 -24.04 -32.80
C SER A 49 15.62 -24.14 -31.29
N TYR A 50 16.77 -23.69 -30.80
CA TYR A 50 17.03 -23.60 -29.36
C TYR A 50 15.87 -22.94 -28.60
N ILE A 51 15.49 -21.73 -29.00
CA ILE A 51 14.46 -20.96 -28.30
C ILE A 51 13.03 -21.49 -28.51
N ARG A 52 12.77 -22.09 -29.67
CA ARG A 52 11.44 -22.59 -29.99
C ARG A 52 11.10 -23.85 -29.18
N SER A 53 12.05 -24.78 -29.17
CA SER A 53 12.01 -25.98 -28.33
C SER A 53 11.95 -25.67 -26.84
N GLY A 54 12.76 -24.72 -26.41
CA GLY A 54 12.75 -24.26 -25.03
C GLY A 54 11.37 -23.88 -24.52
N ALA A 55 10.61 -23.16 -25.33
CA ALA A 55 9.27 -22.76 -24.90
C ALA A 55 8.33 -23.95 -24.73
N ASP A 56 8.33 -24.87 -25.69
CA ASP A 56 7.42 -26.02 -25.62
C ASP A 56 7.69 -26.86 -24.38
N SER A 57 8.97 -27.11 -24.09
CA SER A 57 9.38 -27.87 -22.91
C SER A 57 8.74 -27.23 -21.70
N PHE A 58 8.85 -25.90 -21.68
CA PHE A 58 8.36 -25.05 -20.62
C PHE A 58 6.83 -25.09 -20.66
N LEU A 59 6.30 -25.08 -21.89
CA LEU A 59 4.87 -25.09 -22.14
C LEU A 59 4.25 -26.41 -21.67
N ALA A 60 4.95 -27.51 -21.93
CA ALA A 60 4.51 -28.85 -21.53
C ALA A 60 4.25 -29.01 -20.03
N HIS A 61 5.26 -28.74 -19.20
CA HIS A 61 5.12 -28.96 -17.76
C HIS A 61 4.00 -28.15 -17.13
N GLU A 62 3.85 -26.90 -17.58
CA GLU A 62 2.87 -26.00 -17.00
C GLU A 62 1.45 -26.38 -17.38
N THR A 63 1.21 -26.60 -18.67
CA THR A 63 -0.11 -27.01 -19.12
C THR A 63 -0.51 -28.23 -18.31
N LYS A 64 0.42 -29.18 -18.19
CA LYS A 64 0.15 -30.43 -17.48
C LYS A 64 -0.19 -30.13 -16.02
N ALA A 65 0.50 -29.14 -15.46
CA ALA A 65 0.31 -28.72 -14.08
C ALA A 65 -1.05 -28.04 -13.92
N ILE A 66 -1.34 -27.17 -14.88
CA ILE A 66 -2.62 -26.48 -15.00
C ILE A 66 -3.78 -27.46 -15.04
N PHE A 67 -3.65 -28.48 -15.88
CA PHE A 67 -4.66 -29.51 -16.06
C PHE A 67 -5.09 -30.08 -14.70
N LYS A 68 -4.12 -30.47 -13.89
CA LYS A 68 -4.39 -31.09 -12.59
C LYS A 68 -5.22 -30.16 -11.70
N VAL A 69 -4.86 -28.88 -11.72
CA VAL A 69 -5.57 -27.84 -10.97
C VAL A 69 -6.94 -27.55 -11.59
N ALA A 70 -7.00 -27.58 -12.92
CA ALA A 70 -8.23 -27.26 -13.64
C ALA A 70 -9.30 -28.31 -13.35
N ILE A 71 -8.87 -29.56 -13.21
CA ILE A 71 -9.78 -30.66 -12.86
C ILE A 71 -10.46 -30.48 -11.50
N VAL A 72 -9.66 -30.26 -10.47
CA VAL A 72 -10.17 -30.11 -9.11
C VAL A 72 -11.23 -28.99 -9.00
N ILE A 73 -10.95 -27.86 -9.63
CA ILE A 73 -11.85 -26.71 -9.58
C ILE A 73 -13.19 -26.94 -10.30
N ALA A 74 -13.14 -27.66 -11.43
CA ALA A 74 -14.35 -27.89 -12.22
C ALA A 74 -15.44 -28.72 -11.54
N ILE A 75 -15.08 -29.89 -11.01
CA ILE A 75 -16.04 -30.73 -10.30
C ILE A 75 -16.68 -29.95 -9.16
N LEU A 76 -15.84 -29.24 -8.42
CA LEU A 76 -16.28 -28.42 -7.29
C LEU A 76 -17.35 -27.40 -7.67
N LEU A 77 -17.13 -26.67 -8.76
CA LEU A 77 -18.12 -25.70 -9.21
C LEU A 77 -19.47 -26.37 -9.51
N MET A 78 -19.42 -27.57 -10.08
CA MET A 78 -20.64 -28.27 -10.48
C MET A 78 -21.45 -28.77 -9.28
N ILE A 79 -20.73 -29.30 -8.31
CA ILE A 79 -21.33 -29.75 -7.07
C ILE A 79 -21.93 -28.63 -6.24
N PHE A 80 -21.18 -27.56 -6.05
CA PHE A 80 -21.58 -26.53 -5.10
C PHE A 80 -22.44 -25.44 -5.73
N THR A 81 -22.29 -25.22 -7.04
CA THR A 81 -23.13 -24.24 -7.72
C THR A 81 -24.13 -24.87 -8.70
N THR A 82 -23.71 -25.02 -9.95
CA THR A 82 -24.48 -25.74 -10.98
C THR A 82 -23.54 -26.24 -12.07
N TRP A 83 -23.97 -27.28 -12.77
CA TRP A 83 -23.10 -27.92 -13.76
C TRP A 83 -22.70 -26.96 -14.87
N GLN A 84 -23.60 -26.06 -15.26
CA GLN A 84 -23.29 -25.07 -16.30
C GLN A 84 -22.05 -24.28 -15.91
N THR A 85 -22.04 -23.83 -14.65
CA THR A 85 -20.94 -23.06 -14.10
C THR A 85 -19.64 -23.83 -14.22
N GLY A 86 -19.70 -25.12 -13.90
CA GLY A 86 -18.53 -25.98 -13.97
C GLY A 86 -18.06 -26.17 -15.41
N VAL A 87 -19.02 -26.29 -16.32
CA VAL A 87 -18.72 -26.42 -17.74
C VAL A 87 -18.10 -25.15 -18.30
N ALA A 88 -18.73 -24.02 -17.98
CA ALA A 88 -18.29 -22.70 -18.43
C ALA A 88 -16.84 -22.44 -18.05
N PHE A 89 -16.50 -22.74 -16.81
CA PHE A 89 -15.13 -22.63 -16.30
C PHE A 89 -14.07 -23.30 -17.16
N LEU A 90 -14.24 -24.58 -17.47
CA LEU A 90 -13.31 -25.25 -18.38
C LEU A 90 -13.22 -24.61 -19.76
N LEU A 91 -14.33 -24.09 -20.26
CA LEU A 91 -14.36 -23.44 -21.57
C LEU A 91 -13.48 -22.20 -21.57
N GLY A 92 -13.61 -21.40 -20.52
CA GLY A 92 -12.79 -20.22 -20.33
C GLY A 92 -11.33 -20.58 -20.17
N ALA A 93 -11.05 -21.66 -19.44
CA ALA A 93 -9.68 -22.08 -19.24
C ALA A 93 -9.07 -22.51 -20.59
N VAL A 94 -9.83 -23.27 -21.36
CA VAL A 94 -9.40 -23.72 -22.69
C VAL A 94 -9.18 -22.55 -23.67
N MET A 95 -10.04 -21.54 -23.58
CA MET A 95 -9.99 -20.40 -24.51
C MET A 95 -8.70 -19.64 -24.29
N SER A 96 -8.34 -19.44 -23.02
CA SER A 96 -7.16 -18.68 -22.69
C SER A 96 -5.93 -19.56 -22.91
N ALA A 97 -5.93 -20.76 -22.34
CA ALA A 97 -4.95 -21.80 -22.69
C ALA A 97 -4.57 -21.78 -24.17
N SER A 98 -5.58 -21.93 -25.03
CA SER A 98 -5.39 -22.02 -26.47
C SER A 98 -4.57 -20.84 -27.02
N ALA A 99 -4.93 -19.65 -26.56
CA ALA A 99 -4.27 -18.42 -26.99
C ALA A 99 -2.78 -18.50 -26.71
N GLY A 100 -2.44 -18.93 -25.49
CA GLY A 100 -1.06 -19.05 -25.08
C GLY A 100 -0.30 -20.06 -25.92
N ILE A 101 -0.92 -21.20 -26.21
CA ILE A 101 -0.28 -22.21 -27.03
C ILE A 101 0.01 -21.64 -28.41
N VAL A 102 -0.91 -20.81 -28.90
CA VAL A 102 -0.78 -20.26 -30.25
C VAL A 102 0.26 -19.13 -30.31
N GLY A 103 0.11 -18.18 -29.41
CA GLY A 103 1.02 -17.05 -29.31
C GLY A 103 2.49 -17.37 -29.12
N MET A 104 2.75 -18.38 -28.29
CA MET A 104 4.12 -18.84 -28.04
C MET A 104 4.75 -19.48 -29.28
N LYS A 105 4.02 -20.39 -29.91
CA LYS A 105 4.43 -21.01 -31.16
C LYS A 105 4.80 -20.02 -32.25
N MET A 106 3.91 -19.03 -32.46
CA MET A 106 4.13 -17.98 -33.44
C MET A 106 5.38 -17.13 -33.21
N ALA A 107 5.52 -16.61 -31.99
CA ALA A 107 6.63 -15.71 -31.66
C ALA A 107 7.98 -16.30 -31.99
N THR A 108 8.20 -17.54 -31.55
CA THR A 108 9.52 -18.17 -31.66
C THR A 108 9.86 -18.59 -33.09
N ARG A 109 8.92 -18.40 -34.02
CA ARG A 109 9.20 -18.60 -35.44
C ARG A 109 9.24 -17.29 -36.24
N ALA A 110 8.46 -16.31 -35.79
CA ALA A 110 8.38 -15.00 -36.45
C ALA A 110 9.66 -14.17 -36.31
N ASN A 111 10.25 -14.19 -35.13
CA ASN A 111 11.54 -13.52 -34.87
C ASN A 111 12.61 -13.60 -35.96
N VAL A 112 13.05 -14.81 -36.26
CA VAL A 112 14.00 -15.06 -37.34
C VAL A 112 13.67 -14.38 -38.66
N ARG A 113 12.43 -14.55 -39.11
CA ARG A 113 12.00 -13.97 -40.37
C ARG A 113 11.88 -12.45 -40.33
N VAL A 114 11.98 -11.86 -39.14
CA VAL A 114 12.17 -10.42 -39.06
C VAL A 114 13.61 -10.11 -39.38
N ALA A 115 14.52 -10.75 -38.63
CA ALA A 115 15.95 -10.53 -38.81
C ALA A 115 16.32 -10.75 -40.28
N GLU A 116 15.81 -11.84 -40.86
CA GLU A 116 16.04 -12.12 -42.27
C GLU A 116 15.38 -11.06 -43.16
N ALA A 117 14.19 -10.60 -42.77
CA ALA A 117 13.54 -9.47 -43.45
C ALA A 117 14.53 -8.32 -43.50
N ALA A 118 15.17 -8.08 -42.37
CA ALA A 118 16.15 -7.00 -42.21
C ALA A 118 17.35 -7.24 -43.13
N ARG A 119 17.25 -8.30 -43.94
CA ARG A 119 18.29 -8.67 -44.88
C ARG A 119 17.72 -9.18 -46.21
N THR A 120 16.91 -10.24 -46.19
CA THR A 120 16.23 -10.65 -47.42
C THR A 120 15.53 -9.46 -48.14
N THR A 121 14.60 -8.78 -47.49
CA THR A 121 13.93 -7.63 -48.12
C THR A 121 14.89 -6.43 -47.99
N LYS A 122 15.76 -6.51 -46.97
CA LYS A 122 16.98 -5.69 -46.86
C LYS A 122 16.79 -4.32 -46.20
N LYS A 123 15.58 -4.05 -45.71
CA LYS A 123 15.32 -2.78 -45.03
C LYS A 123 14.31 -2.98 -43.91
N ILE A 124 14.13 -1.93 -43.12
CA ILE A 124 13.42 -2.04 -41.84
C ILE A 124 11.91 -1.90 -41.92
N GLY A 125 11.41 -1.07 -42.84
CA GLY A 125 9.97 -0.96 -43.03
C GLY A 125 9.24 -2.22 -43.46
N PRO A 126 9.80 -2.98 -44.41
CA PRO A 126 9.17 -4.26 -44.75
C PRO A 126 9.46 -5.36 -43.72
N ALA A 127 10.42 -5.10 -42.85
CA ALA A 127 10.71 -5.94 -41.70
C ALA A 127 9.77 -5.74 -40.50
N LEU A 128 9.37 -4.49 -40.26
CA LEU A 128 8.30 -4.15 -39.31
C LEU A 128 6.95 -4.76 -39.67
N LYS A 129 6.62 -4.75 -40.95
CA LYS A 129 5.40 -5.36 -41.46
C LYS A 129 5.39 -6.85 -41.15
N VAL A 130 6.52 -7.53 -41.36
CA VAL A 130 6.66 -8.93 -40.93
C VAL A 130 6.44 -9.05 -39.42
N ALA A 131 7.30 -8.45 -38.60
CA ALA A 131 7.30 -8.62 -37.15
C ALA A 131 5.91 -8.40 -36.53
N TYR A 132 5.23 -7.36 -37.01
CA TYR A 132 3.90 -6.96 -36.54
C TYR A 132 2.77 -7.93 -36.92
N GLN A 133 2.83 -8.48 -38.12
CA GLN A 133 1.94 -9.56 -38.54
C GLN A 133 1.91 -10.76 -37.59
N GLY A 134 3.07 -11.17 -37.09
CA GLY A 134 3.12 -12.27 -36.12
C GLY A 134 2.38 -11.92 -34.85
N GLY A 135 2.75 -10.79 -34.25
CA GLY A 135 2.16 -10.30 -33.01
C GLY A 135 0.64 -10.27 -33.00
N SER A 136 0.06 -9.88 -34.13
CA SER A 136 -1.39 -9.73 -34.26
C SER A 136 -2.13 -11.06 -34.10
N VAL A 137 -1.43 -12.16 -34.32
CA VAL A 137 -2.04 -13.48 -34.18
C VAL A 137 -2.39 -13.67 -32.71
N MET A 138 -1.47 -13.28 -31.84
CA MET A 138 -1.68 -13.37 -30.40
C MET A 138 -2.84 -12.47 -30.00
N GLY A 139 -2.92 -11.30 -30.62
CA GLY A 139 -3.94 -10.32 -30.26
C GLY A 139 -5.32 -10.73 -30.74
N LEU A 140 -5.41 -11.16 -31.99
CA LEU A 140 -6.68 -11.61 -32.53
C LEU A 140 -7.16 -12.89 -31.87
N SER A 141 -6.23 -13.78 -31.52
CA SER A 141 -6.62 -15.01 -30.84
C SER A 141 -7.11 -14.67 -29.44
N VAL A 142 -6.49 -13.68 -28.81
CA VAL A 142 -6.88 -13.30 -27.45
C VAL A 142 -8.30 -12.77 -27.56
N GLY A 143 -8.53 -11.95 -28.58
CA GLY A 143 -9.81 -11.31 -28.77
C GLY A 143 -10.77 -12.38 -29.23
N GLY A 144 -10.39 -13.08 -30.29
CA GLY A 144 -11.22 -14.12 -30.88
C GLY A 144 -11.66 -15.22 -29.94
N PHE A 145 -10.71 -15.84 -29.25
CA PHE A 145 -11.01 -16.89 -28.27
C PHE A 145 -11.94 -16.38 -27.17
N ALA A 146 -11.47 -15.37 -26.44
CA ALA A 146 -12.23 -14.82 -25.32
C ALA A 146 -13.67 -14.51 -25.71
N LEU A 147 -13.85 -13.91 -26.87
CA LEU A 147 -15.20 -13.57 -27.32
C LEU A 147 -15.95 -14.78 -27.86
N LEU A 148 -15.25 -15.67 -28.55
CA LEU A 148 -15.85 -16.91 -29.03
C LEU A 148 -16.47 -17.72 -27.88
N GLY A 149 -15.68 -17.90 -26.83
CA GLY A 149 -16.11 -18.58 -25.63
C GLY A 149 -17.39 -18.00 -25.10
N LEU A 150 -17.37 -16.69 -24.84
CA LEU A 150 -18.51 -16.00 -24.25
C LEU A 150 -19.72 -16.12 -25.17
N VAL A 151 -19.50 -16.07 -26.47
CA VAL A 151 -20.59 -16.27 -27.42
C VAL A 151 -21.18 -17.66 -27.22
N LEU A 152 -20.31 -18.66 -27.07
CA LEU A 152 -20.76 -20.04 -26.86
C LEU A 152 -21.62 -20.14 -25.60
N VAL A 153 -21.08 -19.67 -24.48
CA VAL A 153 -21.75 -19.72 -23.19
C VAL A 153 -23.10 -19.01 -23.23
N TYR A 154 -23.12 -17.87 -23.93
CA TYR A 154 -24.31 -17.08 -24.12
C TYR A 154 -25.36 -17.80 -24.97
N LEU A 155 -24.92 -18.33 -26.10
CA LEU A 155 -25.79 -19.05 -27.01
C LEU A 155 -26.34 -20.33 -26.39
N ILE A 156 -25.44 -21.14 -25.82
CA ILE A 156 -25.80 -22.46 -25.34
C ILE A 156 -26.55 -22.39 -24.01
N PHE A 157 -25.86 -21.91 -22.99
CA PHE A 157 -26.41 -21.85 -21.64
C PHE A 157 -27.43 -20.73 -21.40
N GLY A 158 -27.23 -19.58 -22.03
CA GLY A 158 -28.09 -18.42 -21.83
C GLY A 158 -29.45 -18.41 -22.49
N LYS A 159 -29.48 -18.76 -23.77
CA LYS A 159 -30.66 -18.64 -24.62
C LYS A 159 -31.40 -19.96 -24.72
N TRP A 160 -30.71 -20.98 -25.22
CA TRP A 160 -31.24 -22.32 -25.38
C TRP A 160 -31.77 -22.85 -24.05
N MET A 161 -30.91 -22.90 -23.03
CA MET A 161 -31.30 -23.42 -21.73
C MET A 161 -32.12 -22.39 -20.95
N GLY A 162 -32.38 -21.23 -21.55
CA GLY A 162 -33.25 -20.25 -20.95
C GLY A 162 -32.74 -19.49 -19.74
N GLN A 163 -31.42 -19.44 -19.58
CA GLN A 163 -30.82 -18.75 -18.44
C GLN A 163 -31.00 -17.24 -18.60
N VAL A 164 -31.16 -16.78 -19.83
CA VAL A 164 -31.39 -15.35 -20.06
C VAL A 164 -32.91 -15.12 -19.94
N ASP A 165 -33.66 -16.23 -19.92
CA ASP A 165 -35.10 -16.17 -19.67
C ASP A 165 -35.40 -16.24 -18.18
N ILE A 169 -34.13 -16.02 -10.21
CA ILE A 169 -33.08 -16.26 -9.22
C ILE A 169 -33.20 -17.67 -8.65
N TYR A 170 -32.25 -18.52 -9.01
CA TYR A 170 -32.29 -19.94 -8.65
C TYR A 170 -31.52 -20.28 -7.36
N THR A 171 -31.94 -21.35 -6.71
CA THR A 171 -31.29 -21.83 -5.50
C THR A 171 -31.06 -23.33 -5.72
N ASN A 172 -29.82 -23.79 -5.55
CA ASN A 172 -29.46 -25.13 -6.02
C ASN A 172 -29.65 -26.24 -4.99
N TRP A 173 -29.23 -27.45 -5.35
CA TRP A 173 -29.47 -28.64 -4.54
C TRP A 173 -28.83 -28.59 -3.14
N LEU A 174 -27.87 -27.71 -2.92
CA LEU A 174 -27.32 -27.56 -1.58
C LEU A 174 -27.90 -26.35 -0.84
N GLY A 175 -28.91 -25.74 -1.46
CA GLY A 175 -29.50 -24.51 -0.97
C GLY A 175 -28.66 -23.28 -1.19
N ILE A 176 -27.63 -23.41 -2.01
CA ILE A 176 -26.82 -22.26 -2.40
C ILE A 176 -27.57 -21.49 -3.49
N ASN A 177 -27.76 -20.19 -3.28
CA ASN A 177 -28.54 -19.40 -4.23
C ASN A 177 -27.76 -18.38 -5.04
N PHE A 178 -28.18 -18.22 -6.30
CA PHE A 178 -27.54 -17.33 -7.27
C PHE A 178 -28.42 -17.22 -8.50
N VAL A 179 -28.21 -16.18 -9.30
CA VAL A 179 -28.82 -16.12 -10.62
C VAL A 179 -27.93 -16.98 -11.52
N PRO A 180 -28.46 -18.11 -12.00
CA PRO A 180 -27.78 -19.14 -12.78
C PRO A 180 -26.71 -18.60 -13.74
N PHE A 181 -27.09 -17.71 -14.65
CA PHE A 181 -26.17 -17.22 -15.66
C PHE A 181 -25.03 -16.42 -15.01
N ALA A 182 -25.39 -15.57 -14.06
CA ALA A 182 -24.41 -14.81 -13.27
C ALA A 182 -23.36 -15.78 -12.75
N MET A 183 -23.83 -16.85 -12.11
CA MET A 183 -22.96 -17.87 -11.55
C MET A 183 -22.17 -18.52 -12.66
N THR A 184 -22.84 -18.79 -13.78
CA THR A 184 -22.25 -19.52 -14.89
C THR A 184 -21.02 -18.81 -15.46
N VAL A 185 -21.17 -17.52 -15.76
CA VAL A 185 -20.09 -16.74 -16.36
C VAL A 185 -18.96 -16.49 -15.37
N SER A 186 -19.31 -16.45 -14.10
CA SER A 186 -18.32 -16.39 -13.03
C SER A 186 -17.34 -17.57 -13.10
N GLY A 187 -17.86 -18.76 -13.42
CA GLY A 187 -16.99 -19.90 -13.63
C GLY A 187 -16.09 -19.66 -14.81
N TYR A 188 -16.68 -19.20 -15.92
CA TYR A 188 -15.91 -18.91 -17.14
C TYR A 188 -14.78 -17.94 -16.85
N ALA A 189 -15.09 -16.91 -16.08
CA ALA A 189 -14.12 -15.91 -15.68
C ALA A 189 -12.99 -16.55 -14.88
N LEU A 190 -13.37 -17.46 -13.99
CA LEU A 190 -12.39 -18.13 -13.14
C LEU A 190 -11.40 -18.93 -13.97
N GLY A 191 -11.88 -19.51 -15.07
CA GLY A 191 -11.06 -20.33 -15.94
C GLY A 191 -9.92 -19.53 -16.54
N CYS A 192 -10.27 -18.43 -17.18
CA CYS A 192 -9.31 -17.48 -17.70
C CYS A 192 -8.33 -17.02 -16.63
N SER A 193 -8.87 -16.73 -15.43
CA SER A 193 -8.03 -16.38 -14.29
C SER A 193 -6.98 -17.43 -13.98
N ILE A 194 -7.38 -18.71 -13.98
CA ILE A 194 -6.47 -19.77 -13.59
C ILE A 194 -5.30 -19.85 -14.57
N ILE A 195 -5.59 -19.72 -15.86
CA ILE A 195 -4.54 -19.90 -16.85
C ILE A 195 -3.65 -18.66 -16.84
N ALA A 196 -4.22 -17.54 -16.45
CA ALA A 196 -3.47 -16.29 -16.35
C ALA A 196 -2.51 -16.32 -15.17
N MET A 197 -2.97 -16.88 -14.05
CA MET A 197 -2.18 -16.92 -12.83
C MET A 197 -0.91 -17.73 -13.02
N PHE A 198 -1.08 -18.96 -13.50
CA PHE A 198 0.05 -19.83 -13.81
C PHE A 198 1.00 -19.18 -14.81
N ASP A 199 0.42 -18.61 -15.86
CA ASP A 199 1.21 -17.91 -16.87
C ASP A 199 1.99 -16.75 -16.28
N ARG A 200 1.41 -16.06 -15.30
CA ARG A 200 2.10 -14.97 -14.62
C ARG A 200 2.91 -15.40 -13.39
N VAL A 201 2.24 -15.99 -12.41
CA VAL A 201 2.91 -16.32 -11.16
C VAL A 201 3.88 -17.50 -11.32
N GLY A 202 3.69 -18.29 -12.37
CA GLY A 202 4.62 -19.35 -12.70
C GLY A 202 5.62 -18.92 -13.75
N GLY A 203 5.12 -18.40 -14.87
CA GLY A 203 5.96 -18.07 -16.00
C GLY A 203 6.80 -16.84 -15.67
N GLY A 204 6.23 -15.97 -14.85
CA GLY A 204 6.93 -14.78 -14.37
C GLY A 204 8.13 -15.13 -13.52
N VAL A 205 8.02 -16.18 -12.71
CA VAL A 205 9.16 -16.63 -11.92
C VAL A 205 10.23 -17.21 -12.84
N TYR A 206 9.80 -17.93 -13.88
CA TYR A 206 10.76 -18.59 -14.77
C TYR A 206 11.61 -17.56 -15.51
N THR A 207 10.93 -16.66 -16.22
CA THR A 207 11.56 -15.62 -17.05
C THR A 207 12.66 -14.82 -16.36
N LYS A 208 12.39 -14.42 -15.13
CA LYS A 208 13.33 -13.60 -14.37
C LYS A 208 14.35 -14.45 -13.61
N ALA A 209 13.97 -15.67 -13.26
CA ALA A 209 14.96 -16.63 -12.79
C ALA A 209 16.06 -16.80 -13.84
N ALA A 210 15.64 -16.90 -15.10
CA ALA A 210 16.59 -17.02 -16.21
C ALA A 210 17.41 -15.75 -16.40
N ASP A 211 16.75 -14.59 -16.38
CA ASP A 211 17.43 -13.32 -16.64
C ASP A 211 18.51 -13.12 -15.58
N MET A 212 18.10 -13.27 -14.31
CA MET A 212 19.05 -13.30 -13.19
C MET A 212 20.18 -14.27 -13.51
N ALA A 213 19.82 -15.54 -13.72
CA ALA A 213 20.79 -16.63 -13.92
C ALA A 213 21.79 -16.26 -15.02
N ALA A 214 21.25 -15.80 -16.15
CA ALA A 214 22.05 -15.34 -17.29
C ALA A 214 23.00 -14.24 -16.86
N ASP A 215 22.47 -13.26 -16.14
CA ASP A 215 23.26 -12.12 -15.65
C ASP A 215 24.12 -12.53 -14.44
N LEU A 216 24.39 -13.82 -14.32
CA LEU A 216 25.14 -14.36 -13.18
C LEU A 216 26.18 -15.38 -13.65
N VAL A 217 26.72 -15.15 -14.85
CA VAL A 217 27.70 -16.02 -15.51
C VAL A 217 28.40 -15.29 -16.66
N GLY A 218 29.36 -14.45 -16.30
CA GLY A 218 30.01 -13.54 -17.23
C GLY A 218 30.98 -14.22 -18.16
N LYS A 219 30.47 -15.01 -19.10
CA LYS A 219 31.25 -15.57 -20.20
C LYS A 219 30.34 -16.22 -21.23
N ASN A 231 29.11 -18.11 -24.65
CA ASN A 231 27.75 -18.57 -24.84
C ASN A 231 27.24 -19.35 -23.64
N PRO A 232 26.64 -18.63 -22.68
CA PRO A 232 25.95 -19.17 -21.51
C PRO A 232 24.57 -19.69 -21.90
N ALA A 233 23.92 -20.43 -21.00
CA ALA A 233 22.60 -20.97 -21.29
C ALA A 233 21.57 -19.86 -21.14
N THR A 234 21.82 -18.78 -21.88
CA THR A 234 20.92 -17.66 -22.02
C THR A 234 19.62 -18.01 -22.69
N ILE A 235 19.66 -18.87 -23.72
CA ILE A 235 18.45 -19.38 -24.37
C ILE A 235 17.21 -19.45 -23.48
N ALA A 236 17.39 -19.88 -22.22
CA ALA A 236 16.29 -19.87 -21.26
C ALA A 236 15.67 -18.48 -21.14
N ASP A 237 16.56 -17.49 -21.03
CA ASP A 237 16.19 -16.08 -20.89
C ASP A 237 15.53 -15.58 -22.15
N ASN A 238 16.06 -16.03 -23.29
CA ASN A 238 15.51 -15.66 -24.58
C ASN A 238 14.11 -16.20 -24.79
N VAL A 239 13.80 -17.38 -24.25
CA VAL A 239 12.42 -17.84 -24.42
C VAL A 239 11.61 -16.99 -23.44
N GLY A 240 12.18 -16.74 -22.26
CA GLY A 240 11.56 -15.86 -21.27
C GLY A 240 11.03 -14.55 -21.80
N ASP A 241 11.84 -13.89 -22.63
CA ASP A 241 11.49 -12.59 -23.21
C ASP A 241 10.19 -12.69 -23.99
N ASN A 242 9.99 -13.87 -24.57
CA ASN A 242 8.75 -14.24 -25.27
C ASN A 242 7.66 -14.64 -24.27
N VAL A 243 8.01 -15.54 -23.35
CA VAL A 243 7.10 -16.02 -22.31
C VAL A 243 6.34 -14.89 -21.61
N GLY A 244 7.11 -13.92 -21.11
CA GLY A 244 6.60 -12.76 -20.39
C GLY A 244 5.64 -11.81 -21.09
N ASP A 245 6.08 -11.17 -22.17
CA ASP A 245 5.32 -10.08 -22.76
C ASP A 245 4.42 -10.53 -23.92
N VAL A 246 4.62 -11.75 -24.42
CA VAL A 246 3.65 -12.32 -25.35
C VAL A 246 2.57 -13.06 -24.56
N ALA A 247 2.92 -14.22 -24.01
CA ALA A 247 1.94 -15.04 -23.29
C ALA A 247 1.42 -14.39 -22.01
N GLY A 248 2.32 -13.94 -21.14
CA GLY A 248 1.91 -13.36 -19.88
C GLY A 248 1.11 -12.08 -20.00
N LEU A 249 1.67 -11.10 -20.70
CA LEU A 249 1.00 -9.83 -20.95
C LEU A 249 -0.33 -10.06 -21.67
N GLY A 250 -0.30 -10.99 -22.62
CA GLY A 250 -1.47 -11.32 -23.43
C GLY A 250 -2.60 -11.89 -22.60
N ALA A 251 -2.25 -12.73 -21.63
CA ALA A 251 -3.23 -13.46 -20.84
C ALA A 251 -3.87 -12.50 -19.85
N ASP A 252 -3.06 -11.57 -19.36
CA ASP A 252 -3.50 -10.53 -18.44
C ASP A 252 -4.64 -9.71 -19.05
N LEU A 253 -4.41 -9.19 -20.25
CA LEU A 253 -5.38 -8.33 -20.90
C LEU A 253 -6.67 -9.10 -21.21
N LEU A 254 -6.51 -10.34 -21.67
CA LEU A 254 -7.68 -11.21 -21.91
C LEU A 254 -8.55 -11.32 -20.67
N GLU A 255 -7.93 -11.61 -19.53
CA GLU A 255 -8.66 -11.76 -18.27
C GLU A 255 -9.38 -10.48 -17.86
N SER A 256 -8.66 -9.36 -17.90
CA SER A 256 -9.24 -8.04 -17.65
C SER A 256 -10.37 -7.77 -18.64
N PHE A 257 -10.14 -8.15 -19.88
CA PHE A 257 -11.14 -8.03 -20.95
C PHE A 257 -12.37 -8.81 -20.53
N VAL A 258 -12.19 -10.11 -20.29
CA VAL A 258 -13.29 -10.97 -19.84
C VAL A 258 -13.82 -10.46 -18.51
N GLY A 259 -12.91 -9.97 -17.66
CA GLY A 259 -13.28 -9.47 -16.34
C GLY A 259 -14.22 -8.28 -16.46
N ALA A 260 -13.96 -7.42 -17.44
CA ALA A 260 -14.76 -6.23 -17.64
C ALA A 260 -16.15 -6.59 -18.15
N ILE A 261 -16.21 -7.49 -19.13
CA ILE A 261 -17.48 -7.94 -19.68
C ILE A 261 -18.32 -8.71 -18.68
N VAL A 262 -17.72 -9.71 -18.04
CA VAL A 262 -18.39 -10.50 -17.01
C VAL A 262 -18.94 -9.62 -15.89
N SER A 263 -18.21 -8.57 -15.53
CA SER A 263 -18.61 -7.75 -14.41
C SER A 263 -19.83 -6.91 -14.78
N SER A 264 -19.84 -6.42 -16.01
CA SER A 264 -20.99 -5.67 -16.53
C SER A 264 -22.27 -6.50 -16.46
N ILE A 265 -22.15 -7.78 -16.82
CA ILE A 265 -23.27 -8.70 -16.85
C ILE A 265 -23.79 -9.10 -15.47
N ILE A 266 -22.88 -9.32 -14.54
CA ILE A 266 -23.24 -9.71 -13.18
C ILE A 266 -24.03 -8.62 -12.47
N LEU A 267 -23.57 -7.38 -12.58
CA LEU A 267 -24.25 -6.26 -11.95
C LEU A 267 -25.65 -6.12 -12.54
N ALA A 268 -25.71 -6.16 -13.88
CA ALA A 268 -26.96 -6.09 -14.60
C ALA A 268 -27.96 -7.16 -14.15
N SER A 269 -27.52 -8.41 -14.19
CA SER A 269 -28.39 -9.56 -13.90
C SER A 269 -29.08 -9.47 -12.54
N TYR A 270 -28.28 -9.24 -11.50
CA TYR A 270 -28.80 -9.09 -10.14
C TYR A 270 -29.67 -7.85 -9.94
N MET A 271 -29.54 -6.87 -10.81
CA MET A 271 -30.39 -5.68 -10.74
C MET A 271 -31.88 -6.05 -10.86
N PHE A 272 -32.17 -7.14 -11.57
CA PHE A 272 -33.55 -7.60 -11.73
C PHE A 272 -34.23 -7.95 -10.39
N PRO A 273 -33.64 -8.86 -9.57
CA PRO A 273 -34.33 -9.14 -8.31
C PRO A 273 -34.18 -8.01 -7.29
N ILE A 274 -33.12 -7.22 -7.42
CA ILE A 274 -32.83 -6.12 -6.49
C ILE A 274 -33.91 -5.05 -6.53
N TYR A 275 -34.22 -4.61 -7.74
CA TYR A 275 -35.15 -3.51 -8.00
C TYR A 275 -36.62 -3.93 -8.07
N VAL A 276 -37.10 -4.66 -7.08
CA VAL A 276 -38.54 -4.96 -7.02
C VAL A 276 -39.28 -4.14 -5.95
N GLN A 277 -40.49 -3.72 -6.32
CA GLN A 277 -41.43 -3.04 -5.42
C GLN A 277 -42.59 -3.95 -5.05
N LYS A 278 -42.94 -3.95 -3.77
CA LYS A 278 -44.14 -4.64 -3.31
C LYS A 278 -45.41 -3.81 -3.42
N ILE A 279 -46.22 -4.13 -4.43
CA ILE A 279 -47.42 -3.38 -4.76
C ILE A 279 -48.61 -4.29 -4.48
N GLY A 280 -49.19 -4.12 -3.29
CA GLY A 280 -50.42 -4.79 -2.89
C GLY A 280 -50.40 -6.30 -3.07
N GLU A 281 -49.36 -6.93 -2.51
CA GLU A 281 -49.19 -8.38 -2.52
C GLU A 281 -48.83 -8.93 -3.88
N ASN A 282 -48.44 -8.04 -4.80
CA ASN A 282 -47.71 -8.44 -5.99
C ASN A 282 -46.26 -7.99 -5.98
N LEU A 283 -45.42 -8.70 -6.73
CA LEU A 283 -44.03 -8.30 -6.96
C LEU A 283 -43.89 -7.67 -8.32
N VAL A 284 -43.49 -6.41 -8.32
CA VAL A 284 -43.40 -5.65 -9.55
C VAL A 284 -41.94 -5.35 -9.86
N HIS A 285 -41.44 -5.97 -10.92
CA HIS A 285 -40.04 -5.85 -11.28
C HIS A 285 -39.83 -4.45 -11.85
N GLN A 286 -39.39 -3.54 -11.00
CA GLN A 286 -39.24 -2.13 -11.36
C GLN A 286 -38.20 -1.95 -12.47
N VAL A 287 -37.21 -2.83 -12.50
CA VAL A 287 -36.43 -2.98 -13.73
C VAL A 287 -36.88 -4.30 -14.38
N PRO A 288 -37.61 -4.20 -15.50
CA PRO A 288 -38.24 -5.34 -16.17
C PRO A 288 -37.32 -6.22 -17.02
N LYS A 289 -37.77 -7.45 -17.26
CA LYS A 289 -37.00 -8.49 -17.94
C LYS A 289 -36.33 -8.02 -19.24
N GLU A 290 -37.09 -7.31 -20.07
CA GLU A 290 -36.57 -6.78 -21.33
C GLU A 290 -35.33 -5.93 -21.14
N THR A 291 -35.40 -5.03 -20.16
CA THR A 291 -34.30 -4.11 -19.86
C THR A 291 -33.06 -4.87 -19.40
N ILE A 292 -33.24 -5.76 -18.42
CA ILE A 292 -32.14 -6.53 -17.88
C ILE A 292 -31.43 -7.31 -18.97
N GLN A 293 -32.20 -7.95 -19.85
CA GLN A 293 -31.64 -8.85 -20.84
C GLN A 293 -30.78 -8.13 -21.87
N ALA A 294 -31.14 -6.89 -22.19
CA ALA A 294 -30.38 -6.08 -23.14
C ALA A 294 -29.07 -5.59 -22.53
N LEU A 295 -29.15 -5.04 -21.33
CA LEU A 295 -27.97 -4.59 -20.59
C LEU A 295 -26.97 -5.73 -20.38
N ILE A 296 -27.50 -6.96 -20.33
CA ILE A 296 -26.67 -8.16 -20.27
C ILE A 296 -26.01 -8.43 -21.61
N SER A 297 -26.80 -8.39 -22.68
CA SER A 297 -26.32 -8.70 -24.03
C SER A 297 -25.41 -7.61 -24.59
N TYR A 298 -25.70 -6.36 -24.21
CA TYR A 298 -25.00 -5.16 -24.69
C TYR A 298 -23.44 -5.20 -24.64
N PRO A 299 -22.84 -5.55 -23.49
CA PRO A 299 -21.37 -5.58 -23.46
C PRO A 299 -20.73 -6.57 -24.44
N ILE A 300 -21.40 -7.68 -24.72
CA ILE A 300 -20.90 -8.66 -25.68
C ILE A 300 -20.83 -8.05 -27.07
N PHE A 301 -21.93 -7.44 -27.50
CA PHE A 301 -22.00 -6.79 -28.80
C PHE A 301 -20.96 -5.66 -28.86
N PHE A 302 -20.79 -4.97 -27.74
CA PHE A 302 -19.77 -3.91 -27.62
C PHE A 302 -18.41 -4.53 -27.91
N ALA A 303 -18.12 -5.61 -27.21
CA ALA A 303 -16.84 -6.31 -27.33
C ALA A 303 -16.64 -6.81 -28.76
N LEU A 304 -17.71 -7.22 -29.43
CA LEU A 304 -17.59 -7.67 -30.80
C LEU A 304 -17.14 -6.52 -31.67
N VAL A 305 -17.77 -5.36 -31.50
CA VAL A 305 -17.38 -4.16 -32.23
C VAL A 305 -15.93 -3.81 -31.94
N GLY A 306 -15.53 -3.92 -30.67
CA GLY A 306 -14.15 -3.72 -30.29
C GLY A 306 -13.24 -4.63 -31.09
N LEU A 307 -13.62 -5.90 -31.17
CA LEU A 307 -12.79 -6.90 -31.81
C LEU A 307 -12.76 -6.58 -33.30
N GLY A 308 -13.92 -6.16 -33.81
CA GLY A 308 -14.11 -5.79 -35.19
C GLY A 308 -13.26 -4.60 -35.62
N CYS A 309 -13.24 -3.59 -34.77
CA CYS A 309 -12.48 -2.36 -35.00
C CYS A 309 -11.00 -2.64 -35.06
N SER A 310 -10.53 -3.50 -34.17
CA SER A 310 -9.12 -3.87 -34.13
C SER A 310 -8.71 -4.58 -35.41
N MET A 311 -9.61 -5.41 -35.95
CA MET A 311 -9.36 -6.06 -37.22
C MET A 311 -9.15 -5.04 -38.34
N LEU A 312 -10.03 -4.05 -38.42
CA LEU A 312 -9.86 -2.94 -39.36
C LEU A 312 -8.57 -2.16 -39.08
N GLY A 313 -8.32 -1.94 -37.80
CA GLY A 313 -7.11 -1.27 -37.35
C GLY A 313 -5.87 -2.05 -37.70
N ILE A 314 -5.95 -3.37 -37.56
CA ILE A 314 -4.80 -4.24 -37.76
C ILE A 314 -4.50 -4.33 -39.24
N LEU A 315 -5.52 -4.67 -40.03
CA LEU A 315 -5.36 -4.82 -41.47
C LEU A 315 -4.83 -3.55 -42.15
N TYR A 316 -5.35 -2.39 -41.76
CA TYR A 316 -4.92 -1.13 -42.39
C TYR A 316 -3.41 -0.98 -42.28
N VAL A 317 -2.91 -1.17 -41.06
CA VAL A 317 -1.50 -0.98 -40.76
C VAL A 317 -0.70 -2.04 -41.49
N ILE A 318 -1.22 -3.26 -41.47
CA ILE A 318 -0.67 -4.36 -42.25
C ILE A 318 -0.57 -4.03 -43.75
N VAL A 319 -1.67 -3.69 -44.39
CA VAL A 319 -1.64 -3.48 -45.83
C VAL A 319 -0.90 -2.23 -46.29
N LYS A 320 -0.91 -1.18 -45.45
CA LYS A 320 -0.20 0.07 -45.72
C LYS A 320 1.20 -0.06 -46.33
N LYS A 321 1.56 0.91 -47.18
CA LYS A 321 2.94 1.13 -47.62
C LYS A 321 3.86 1.27 -46.40
N PRO A 322 5.07 0.68 -46.47
CA PRO A 322 5.89 0.70 -45.24
C PRO A 322 6.40 2.09 -44.86
N SER A 323 6.89 2.22 -43.64
CA SER A 323 7.51 3.45 -43.14
C SER A 323 8.97 3.23 -42.73
N ASP A 324 9.64 4.29 -42.30
CA ASP A 324 10.93 4.16 -41.63
C ASP A 324 10.78 4.14 -40.12
N ASN A 325 9.63 4.60 -39.63
CA ASN A 325 9.40 4.69 -38.20
C ASN A 325 8.33 3.70 -37.79
N PRO A 326 8.73 2.58 -37.17
CA PRO A 326 7.79 1.53 -36.75
C PRO A 326 6.94 1.92 -35.53
N GLN A 327 7.41 2.89 -34.75
CA GLN A 327 6.61 3.39 -33.64
C GLN A 327 5.32 4.04 -34.17
N ARG A 328 5.46 4.89 -35.19
CA ARG A 328 4.32 5.55 -35.80
C ARG A 328 3.29 4.57 -36.37
N GLU A 329 3.77 3.56 -37.10
CA GLU A 329 2.97 2.43 -37.60
C GLU A 329 2.10 1.77 -36.52
N LEU A 330 2.75 1.22 -35.50
CA LEU A 330 2.11 0.52 -34.38
C LEU A 330 1.00 1.38 -33.78
N ASN A 331 1.29 2.68 -33.66
CA ASN A 331 0.37 3.64 -33.07
C ASN A 331 -0.87 3.85 -33.94
N ILE A 332 -0.70 3.81 -35.25
CA ILE A 332 -1.85 3.91 -36.16
C ILE A 332 -2.91 2.84 -35.89
N SER A 333 -2.48 1.62 -35.59
CA SER A 333 -3.42 0.54 -35.31
C SER A 333 -4.29 0.76 -34.08
N LEU A 334 -3.67 1.17 -32.98
CA LEU A 334 -4.39 1.54 -31.77
C LEU A 334 -5.45 2.63 -31.96
N TRP A 335 -5.01 3.83 -32.32
CA TRP A 335 -5.90 4.95 -32.62
C TRP A 335 -7.02 4.61 -33.59
N THR A 336 -6.70 3.85 -34.65
CA THR A 336 -7.71 3.51 -35.64
C THR A 336 -8.76 2.62 -35.00
N SER A 337 -8.29 1.66 -34.21
CA SER A 337 -9.16 0.72 -33.51
C SER A 337 -9.99 1.43 -32.45
N ALA A 338 -9.45 2.51 -31.91
CA ALA A 338 -10.08 3.20 -30.79
C ALA A 338 -11.08 4.24 -31.30
N LEU A 339 -10.69 5.01 -32.31
CA LEU A 339 -11.60 5.97 -32.92
C LEU A 339 -12.82 5.18 -33.37
N LEU A 340 -12.57 4.09 -34.08
CA LEU A 340 -13.62 3.27 -34.66
C LEU A 340 -14.60 2.80 -33.60
N THR A 341 -14.06 2.33 -32.47
CA THR A 341 -14.89 1.77 -31.41
C THR A 341 -15.77 2.86 -30.78
N VAL A 342 -15.18 4.02 -30.52
CA VAL A 342 -15.93 5.17 -30.01
C VAL A 342 -17.15 5.50 -30.88
N VAL A 343 -16.94 5.49 -32.20
CA VAL A 343 -17.99 5.89 -33.13
C VAL A 343 -19.15 4.90 -33.20
N LEU A 344 -18.86 3.66 -33.60
CA LEU A 344 -19.92 2.68 -33.83
C LEU A 344 -20.71 2.41 -32.55
N THR A 345 -20.00 2.42 -31.42
CA THR A 345 -20.62 2.20 -30.11
C THR A 345 -21.73 3.22 -29.85
N ALA A 346 -21.53 4.46 -30.27
CA ALA A 346 -22.53 5.50 -30.02
C ALA A 346 -23.78 5.13 -30.76
N PHE A 347 -23.62 4.71 -32.01
CA PHE A 347 -24.74 4.20 -32.77
C PHE A 347 -25.23 2.97 -32.04
N LEU A 348 -24.30 2.07 -31.72
CA LEU A 348 -24.64 0.83 -31.04
C LEU A 348 -25.42 1.13 -29.77
N THR A 349 -24.97 2.13 -29.02
CA THR A 349 -25.56 2.42 -27.73
C THR A 349 -26.93 3.05 -27.95
N TYR A 350 -26.97 4.07 -28.79
CA TYR A 350 -28.19 4.80 -29.10
C TYR A 350 -29.34 3.94 -29.64
N PHE A 351 -29.07 3.15 -30.69
CA PHE A 351 -30.18 2.47 -31.35
C PHE A 351 -30.63 1.35 -30.44
N TYR A 352 -29.67 0.76 -29.74
CA TYR A 352 -29.90 -0.38 -28.87
C TYR A 352 -30.45 0.33 -27.64
N LEU A 353 -31.13 -0.36 -26.74
CA LEU A 353 -31.71 0.30 -25.56
C LEU A 353 -32.58 1.54 -25.85
N LYS A 354 -32.86 1.84 -27.12
CA LYS A 354 -33.44 3.13 -27.51
C LYS A 354 -34.68 3.53 -26.71
N ASP A 355 -35.58 2.58 -26.51
CA ASP A 355 -36.87 2.88 -25.88
C ASP A 355 -37.09 2.11 -24.58
N LEU A 356 -36.06 1.99 -23.73
CA LEU A 356 -36.03 0.83 -22.85
C LEU A 356 -36.86 0.98 -21.58
N GLN A 357 -36.89 2.19 -21.01
CA GLN A 357 -37.65 2.48 -19.78
C GLN A 357 -36.95 2.03 -18.49
N GLY A 358 -36.99 2.89 -17.48
CA GLY A 358 -36.34 2.61 -16.20
C GLY A 358 -34.83 2.72 -16.15
N LEU A 359 -34.23 3.28 -17.19
CA LEU A 359 -32.78 3.43 -17.23
C LEU A 359 -32.39 4.45 -16.17
N ASP A 360 -33.26 5.45 -15.99
CA ASP A 360 -33.22 6.34 -14.83
C ASP A 360 -32.98 5.51 -13.57
N VAL A 361 -33.87 4.55 -13.32
CA VAL A 361 -33.86 3.79 -12.07
C VAL A 361 -32.60 2.91 -12.05
N LEU A 362 -32.16 2.51 -13.24
CA LEU A 362 -30.98 1.67 -13.41
C LEU A 362 -29.71 2.41 -13.00
N GLY A 363 -29.77 3.74 -13.06
CA GLY A 363 -28.63 4.59 -12.78
C GLY A 363 -28.13 5.37 -13.97
N PHE A 364 -28.92 5.41 -15.04
CA PHE A 364 -28.47 6.00 -16.30
C PHE A 364 -28.85 7.48 -16.31
N ARG A 365 -27.90 8.35 -15.99
CA ARG A 365 -28.22 9.75 -15.72
C ARG A 365 -28.71 10.47 -16.97
N PHE A 366 -28.24 10.04 -18.14
CA PHE A 366 -28.60 10.73 -19.37
C PHE A 366 -29.36 9.81 -20.32
N GLY A 367 -30.00 8.80 -19.77
CA GLY A 367 -30.76 7.86 -20.58
C GLY A 367 -29.93 7.05 -21.56
N ALA A 368 -30.65 6.33 -22.42
CA ALA A 368 -30.11 5.43 -23.46
C ALA A 368 -28.61 5.54 -23.80
N ILE A 369 -28.14 6.75 -24.07
CA ILE A 369 -26.77 6.99 -24.52
C ILE A 369 -25.68 6.83 -23.42
N SER A 370 -26.11 6.87 -22.16
CA SER A 370 -25.21 6.89 -21.00
C SER A 370 -23.98 5.95 -21.04
N PRO A 371 -24.16 4.63 -21.27
CA PRO A 371 -23.00 3.74 -21.18
C PRO A 371 -21.92 3.95 -22.24
N TRP A 372 -22.26 4.55 -23.37
CA TRP A 372 -21.26 4.90 -24.38
C TRP A 372 -20.25 5.90 -23.85
N PHE A 373 -20.75 6.89 -23.12
CA PHE A 373 -19.91 7.88 -22.46
C PHE A 373 -18.95 7.23 -21.48
N SER A 374 -19.42 6.22 -20.77
CA SER A 374 -18.56 5.46 -19.87
C SER A 374 -17.43 4.80 -20.63
N ALA A 375 -17.77 4.17 -21.74
CA ALA A 375 -16.78 3.47 -22.55
C ALA A 375 -15.69 4.43 -23.01
N ILE A 376 -16.09 5.63 -23.42
CA ILE A 376 -15.17 6.64 -23.93
C ILE A 376 -14.17 7.07 -22.87
N ILE A 377 -14.69 7.31 -21.67
CA ILE A 377 -13.88 7.65 -20.51
C ILE A 377 -12.83 6.58 -20.21
N GLY A 378 -13.26 5.32 -20.19
CA GLY A 378 -12.34 4.22 -20.01
C GLY A 378 -11.28 4.25 -21.08
N ILE A 379 -11.70 4.42 -22.33
CA ILE A 379 -10.78 4.47 -23.46
C ILE A 379 -9.70 5.54 -23.21
N PHE A 380 -10.15 6.75 -22.85
CA PHE A 380 -9.24 7.87 -22.68
C PHE A 380 -8.36 7.70 -21.46
N SER A 381 -8.93 7.16 -20.39
CA SER A 381 -8.15 6.76 -19.22
C SER A 381 -6.97 5.85 -19.59
N GLY A 382 -7.27 4.81 -20.36
CA GLY A 382 -6.28 3.84 -20.79
C GLY A 382 -5.09 4.48 -21.50
N ILE A 383 -5.39 5.36 -22.44
CA ILE A 383 -4.37 6.03 -23.23
C ILE A 383 -3.50 6.90 -22.33
N LEU A 384 -4.14 7.65 -21.43
CA LEU A 384 -3.43 8.50 -20.49
C LEU A 384 -2.53 7.70 -19.55
N ILE A 385 -3.08 6.62 -18.99
CA ILE A 385 -2.32 5.76 -18.09
C ILE A 385 -1.07 5.19 -18.75
N GLY A 386 -1.20 4.85 -20.03
CA GLY A 386 -0.03 4.49 -20.82
C GLY A 386 1.04 5.56 -20.85
N PHE A 387 0.66 6.78 -21.25
CA PHE A 387 1.60 7.89 -21.25
C PHE A 387 2.32 8.04 -19.91
N TRP A 388 1.55 7.99 -18.83
CA TRP A 388 2.12 8.18 -17.49
C TRP A 388 3.15 7.11 -17.14
N ALA A 389 2.93 5.90 -17.66
CA ALA A 389 3.75 4.78 -17.25
C ALA A 389 5.10 4.97 -17.92
N GLU A 390 5.00 5.30 -19.21
CA GLU A 390 6.12 5.65 -20.06
C GLU A 390 6.90 6.84 -19.53
N TYR A 391 6.16 7.89 -19.17
CA TYR A 391 6.73 9.16 -18.74
C TYR A 391 7.70 8.96 -17.59
N TYR A 392 7.27 8.18 -16.60
CA TYR A 392 8.09 7.93 -15.43
C TYR A 392 9.17 6.90 -15.69
N THR A 393 9.15 6.27 -16.86
CA THR A 393 10.02 5.11 -17.00
C THR A 393 11.00 5.34 -18.14
N SER A 394 10.64 6.21 -19.08
CA SER A 394 11.47 6.44 -20.26
C SER A 394 12.40 7.64 -20.10
N TYR A 395 13.72 7.47 -20.17
CA TYR A 395 14.60 8.60 -20.45
C TYR A 395 14.06 9.21 -21.75
N ARG A 396 14.29 10.52 -21.99
CA ARG A 396 13.60 11.37 -22.99
C ARG A 396 12.69 12.35 -22.26
N TYR A 397 12.12 11.87 -21.16
CA TYR A 397 11.43 12.77 -20.25
C TYR A 397 12.21 12.79 -18.94
N LYS A 398 11.79 13.66 -18.03
CA LYS A 398 12.62 14.05 -16.89
C LYS A 398 12.91 12.99 -15.80
N PRO A 399 11.90 12.20 -15.36
CA PRO A 399 12.14 11.35 -14.18
C PRO A 399 13.28 10.34 -14.32
N THR A 400 13.35 9.67 -15.46
CA THR A 400 14.36 8.63 -15.68
C THR A 400 15.74 9.23 -15.94
N GLN A 401 15.77 10.32 -16.69
CA GLN A 401 16.98 11.12 -16.89
C GLN A 401 17.71 11.47 -15.60
N PHE A 402 16.96 11.95 -14.61
CA PHE A 402 17.57 12.31 -13.32
C PHE A 402 18.16 11.08 -12.67
N LEU A 403 17.37 10.01 -12.55
CA LEU A 403 17.84 8.75 -11.99
C LEU A 403 19.17 8.41 -12.65
N GLY A 404 19.14 8.25 -13.97
CA GLY A 404 20.33 7.97 -14.75
C GLY A 404 21.54 8.80 -14.37
N LYS A 405 21.35 10.12 -14.42
CA LYS A 405 22.40 11.08 -14.09
C LYS A 405 22.80 11.09 -12.61
N SER A 406 21.89 10.67 -11.73
CA SER A 406 22.23 10.49 -10.32
C SER A 406 23.19 9.33 -10.04
N SER A 407 23.42 8.48 -11.03
CA SER A 407 24.37 7.37 -10.92
C SER A 407 25.76 7.82 -10.51
N ILE A 408 26.10 9.06 -10.86
CA ILE A 408 27.40 9.64 -10.52
C ILE A 408 27.57 9.87 -9.02
N GLU A 409 26.48 9.80 -8.27
CA GLU A 409 26.54 9.97 -6.82
C GLU A 409 26.59 8.65 -6.05
N GLY A 410 26.42 7.53 -6.75
CA GLY A 410 26.72 6.23 -6.16
C GLY A 410 25.62 5.19 -6.28
N THR A 411 25.94 3.96 -5.88
CA THR A 411 24.96 2.88 -5.88
C THR A 411 23.80 3.10 -4.93
N GLY A 412 24.10 3.58 -3.73
CA GLY A 412 23.09 3.94 -2.75
C GLY A 412 22.08 4.90 -3.35
N MET A 413 22.60 5.96 -3.96
CA MET A 413 21.80 6.99 -4.60
C MET A 413 20.91 6.44 -5.73
N VAL A 414 21.47 5.60 -6.58
CA VAL A 414 20.70 5.01 -7.67
C VAL A 414 19.50 4.26 -7.12
N ILE A 415 19.72 3.48 -6.07
CA ILE A 415 18.66 2.67 -5.51
C ILE A 415 17.61 3.58 -4.86
N SER A 416 18.07 4.47 -3.98
CA SER A 416 17.19 5.41 -3.30
C SER A 416 16.34 6.27 -4.25
N ASN A 417 16.98 6.81 -5.29
CA ASN A 417 16.30 7.68 -6.22
C ASN A 417 15.28 6.93 -7.05
N GLY A 418 15.55 5.65 -7.30
CA GLY A 418 14.64 4.83 -8.08
C GLY A 418 13.41 4.49 -7.28
N LEU A 419 13.60 4.14 -6.00
CA LEU A 419 12.48 3.98 -5.08
C LEU A 419 11.63 5.25 -4.95
N SER A 420 12.31 6.39 -4.73
CA SER A 420 11.63 7.68 -4.65
C SER A 420 10.83 7.98 -5.90
N LEU A 421 11.43 7.72 -7.05
CA LEU A 421 10.79 7.95 -8.33
C LEU A 421 9.49 7.17 -8.47
N GLY A 422 9.55 5.88 -8.15
CA GLY A 422 8.39 5.03 -8.35
C GLY A 422 7.28 5.31 -7.37
N MET A 423 7.62 5.58 -6.12
CA MET A 423 6.63 5.97 -5.13
C MET A 423 5.88 7.23 -5.58
N LYS A 424 6.60 8.17 -6.18
CA LYS A 424 5.95 9.38 -6.67
C LYS A 424 5.19 9.06 -7.95
N SER A 425 5.67 8.08 -8.70
CA SER A 425 5.20 7.88 -10.06
C SER A 425 3.81 7.30 -10.03
N VAL A 426 3.41 6.88 -8.83
CA VAL A 426 2.11 6.27 -8.61
C VAL A 426 0.94 7.25 -8.71
N PHE A 427 1.19 8.52 -8.37
CA PHE A 427 0.09 9.47 -8.24
C PHE A 427 -0.61 9.84 -9.55
N PRO A 428 0.14 10.26 -10.58
CA PRO A 428 -0.57 10.66 -11.80
C PRO A 428 -1.46 9.57 -12.42
N PRO A 429 -0.96 8.33 -12.59
CA PRO A 429 -1.88 7.34 -13.16
C PRO A 429 -3.08 7.05 -12.26
N THR A 430 -2.85 6.90 -10.96
CA THR A 430 -3.95 6.73 -10.02
C THR A 430 -4.95 7.89 -10.04
N LEU A 431 -4.46 9.13 -10.05
CA LEU A 431 -5.33 10.30 -10.20
C LEU A 431 -6.15 10.21 -11.48
N THR A 432 -5.52 9.71 -12.53
CA THR A 432 -6.19 9.49 -13.81
C THR A 432 -7.30 8.47 -13.60
N LEU A 433 -7.00 7.41 -12.86
CA LEU A 433 -8.02 6.46 -12.45
C LEU A 433 -9.12 7.10 -11.61
N VAL A 434 -8.72 7.93 -10.64
CA VAL A 434 -9.69 8.56 -9.75
C VAL A 434 -10.70 9.41 -10.50
N LEU A 435 -10.21 10.30 -11.35
CA LEU A 435 -11.10 11.20 -12.07
C LEU A 435 -11.97 10.40 -13.03
N GLY A 436 -11.40 9.37 -13.64
CA GLY A 436 -12.13 8.57 -14.62
C GLY A 436 -13.27 7.82 -13.98
N ILE A 437 -13.02 7.23 -12.82
CA ILE A 437 -14.02 6.51 -12.05
C ILE A 437 -15.15 7.46 -11.67
N LEU A 438 -14.77 8.61 -11.08
CA LEU A 438 -15.70 9.64 -10.64
C LEU A 438 -16.67 10.02 -11.76
N PHE A 439 -16.12 10.25 -12.95
CA PHE A 439 -16.91 10.67 -14.12
C PHE A 439 -17.70 9.47 -14.65
N ALA A 440 -17.05 8.31 -14.73
CA ALA A 440 -17.70 7.04 -15.09
C ALA A 440 -19.04 6.81 -14.38
N ASP A 441 -19.05 7.01 -13.07
CA ASP A 441 -20.21 6.68 -12.22
C ASP A 441 -21.31 7.73 -12.37
N TYR A 442 -20.91 8.93 -12.74
CA TYR A 442 -21.89 9.99 -12.97
C TYR A 442 -22.75 9.67 -14.19
N PHE A 443 -22.14 9.05 -15.20
CA PHE A 443 -22.84 8.76 -16.44
C PHE A 443 -23.77 7.54 -16.40
N ALA A 444 -23.34 6.48 -15.73
CA ALA A 444 -24.01 5.19 -15.88
C ALA A 444 -23.95 4.33 -14.62
N GLY A 445 -23.69 4.96 -13.48
CA GLY A 445 -23.61 4.25 -12.21
C GLY A 445 -22.55 3.18 -12.14
N LEU A 446 -22.70 2.24 -11.20
CA LEU A 446 -21.73 1.17 -10.99
C LEU A 446 -21.52 0.39 -12.26
N TYR A 447 -22.60 0.24 -13.01
CA TYR A 447 -22.56 -0.37 -14.34
C TYR A 447 -21.62 0.38 -15.26
N GLY A 448 -21.63 1.71 -15.17
CA GLY A 448 -20.72 2.53 -15.95
C GLY A 448 -19.26 2.29 -15.64
N VAL A 449 -18.95 1.93 -14.39
CA VAL A 449 -17.57 1.61 -14.04
C VAL A 449 -17.14 0.36 -14.78
N ALA A 450 -18.02 -0.64 -14.85
CA ALA A 450 -17.66 -1.89 -15.50
C ALA A 450 -17.56 -1.71 -17.01
N ILE A 451 -18.48 -0.94 -17.59
CA ILE A 451 -18.45 -0.62 -19.01
C ILE A 451 -17.22 0.21 -19.38
N ALA A 452 -16.76 1.01 -18.43
CA ALA A 452 -15.54 1.79 -18.59
C ALA A 452 -14.36 0.85 -18.75
N ALA A 453 -14.26 -0.11 -17.85
CA ALA A 453 -13.27 -1.17 -17.97
C ALA A 453 -13.32 -1.82 -19.35
N LEU A 454 -14.53 -2.10 -19.83
CA LEU A 454 -14.67 -2.73 -21.14
C LEU A 454 -14.22 -1.80 -22.27
N GLY A 455 -14.61 -0.53 -22.23
CA GLY A 455 -14.19 0.40 -23.26
C GLY A 455 -12.68 0.53 -23.23
N MET A 456 -12.16 0.68 -22.01
CA MET A 456 -10.72 0.70 -21.74
C MET A 456 -10.04 -0.45 -22.45
N LEU A 457 -10.68 -1.60 -22.35
CA LEU A 457 -10.14 -2.84 -22.86
C LEU A 457 -10.73 -3.26 -24.18
N SER A 458 -11.60 -2.43 -24.74
CA SER A 458 -12.05 -2.69 -26.10
C SER A 458 -10.79 -2.57 -26.96
N PHE A 459 -10.88 -2.81 -28.27
CA PHE A 459 -9.69 -2.96 -29.10
C PHE A 459 -8.54 -3.73 -28.41
N VAL A 460 -8.87 -4.62 -27.49
CA VAL A 460 -7.85 -5.42 -26.80
C VAL A 460 -6.97 -6.19 -27.78
N ALA A 461 -7.53 -6.65 -28.88
CA ALA A 461 -6.75 -7.39 -29.88
C ALA A 461 -5.55 -6.56 -30.33
N THR A 462 -5.80 -5.31 -30.73
CA THR A 462 -4.71 -4.45 -31.16
C THR A 462 -3.79 -4.09 -29.99
N SER A 463 -4.37 -3.88 -28.81
CA SER A 463 -3.59 -3.63 -27.60
C SER A 463 -2.61 -4.76 -27.31
N VAL A 464 -3.09 -5.99 -27.36
CA VAL A 464 -2.27 -7.17 -27.10
C VAL A 464 -1.22 -7.39 -28.20
N SER A 465 -1.61 -7.13 -29.44
CA SER A 465 -0.67 -7.12 -30.56
C SER A 465 0.55 -6.23 -30.35
N VAL A 466 0.33 -4.99 -29.91
CA VAL A 466 1.44 -4.08 -29.69
C VAL A 466 2.31 -4.55 -28.52
N ASP A 467 1.68 -5.23 -27.57
CA ASP A 467 2.42 -5.81 -26.46
C ASP A 467 3.31 -6.91 -26.98
N SER A 468 2.71 -7.73 -27.86
CA SER A 468 3.33 -8.94 -28.35
C SER A 468 4.41 -8.65 -29.39
N TYR A 469 4.28 -7.51 -30.07
CA TYR A 469 5.33 -7.01 -30.97
C TYR A 469 6.71 -7.00 -30.32
N GLY A 470 6.75 -6.72 -29.02
CA GLY A 470 8.00 -6.46 -28.32
C GLY A 470 8.92 -7.66 -28.28
N PRO A 471 8.43 -8.80 -27.78
CA PRO A 471 9.26 -10.02 -27.76
C PRO A 471 9.56 -10.55 -29.15
N ILE A 472 8.61 -10.44 -30.07
CA ILE A 472 8.80 -10.93 -31.43
C ILE A 472 10.00 -10.21 -32.05
N ALA A 473 10.02 -8.89 -31.86
CA ALA A 473 11.12 -8.05 -32.31
C ALA A 473 12.43 -8.29 -31.56
N ASP A 474 12.37 -8.31 -30.23
CA ASP A 474 13.56 -8.51 -29.37
C ASP A 474 14.43 -9.72 -29.72
N ASN A 475 13.83 -10.88 -29.90
CA ASN A 475 14.57 -12.08 -30.29
C ASN A 475 15.20 -11.90 -31.68
N ALA A 476 14.41 -11.37 -32.61
CA ALA A 476 14.87 -11.02 -33.96
C ALA A 476 16.19 -10.26 -33.88
N GLY A 477 16.22 -9.26 -33.00
CA GLY A 477 17.41 -8.46 -32.78
C GLY A 477 18.48 -9.40 -32.25
N GLY A 478 18.14 -10.15 -31.20
CA GLY A 478 19.03 -11.13 -30.63
C GLY A 478 19.52 -12.08 -31.72
N ILE A 479 18.58 -12.55 -32.55
CA ILE A 479 18.89 -13.49 -33.62
C ILE A 479 19.91 -12.91 -34.60
N SER A 480 19.84 -11.60 -34.84
CA SER A 480 20.87 -10.88 -35.57
C SER A 480 22.20 -10.91 -34.81
N GLU A 481 22.12 -10.72 -33.50
CA GLU A 481 23.29 -10.69 -32.62
C GLU A 481 24.03 -12.04 -32.51
N MET A 482 23.29 -13.14 -32.41
CA MET A 482 23.92 -14.45 -32.26
C MET A 482 24.69 -14.90 -33.49
N CYS A 483 24.08 -14.80 -34.68
CA CYS A 483 24.79 -15.12 -35.91
C CYS A 483 25.92 -14.14 -36.19
N ASP A 486 25.87 -8.39 -39.31
CA ASP A 486 26.24 -7.13 -39.93
C ASP A 486 26.13 -5.95 -38.96
N PRO A 487 26.57 -4.76 -39.39
CA PRO A 487 26.15 -3.55 -38.66
C PRO A 487 24.96 -2.86 -39.33
N GLU A 488 24.96 -2.77 -40.65
CA GLU A 488 23.84 -2.20 -41.41
C GLU A 488 22.54 -2.94 -41.09
N VAL A 489 22.63 -4.27 -40.98
CA VAL A 489 21.50 -5.11 -40.59
C VAL A 489 21.13 -4.90 -39.12
N ARG A 490 22.15 -4.79 -38.28
CA ARG A 490 21.94 -4.59 -36.85
C ARG A 490 21.26 -3.24 -36.60
N LYS A 491 21.48 -2.28 -37.50
CA LYS A 491 20.87 -0.96 -37.37
C LYS A 491 19.35 -1.11 -37.41
N ILE A 492 18.85 -1.81 -38.43
CA ILE A 492 17.41 -2.07 -38.54
C ILE A 492 16.96 -2.84 -37.29
N THR A 493 17.68 -3.92 -36.99
CA THR A 493 17.44 -4.76 -35.82
C THR A 493 17.32 -3.93 -34.53
N ASP A 494 18.30 -3.08 -34.27
CA ASP A 494 18.30 -2.21 -33.09
C ASP A 494 17.14 -1.25 -33.02
N HIS A 495 16.69 -0.78 -34.19
CA HIS A 495 15.62 0.18 -34.28
C HIS A 495 14.30 -0.48 -33.89
N LEU A 496 13.99 -1.60 -34.54
CA LEU A 496 12.86 -2.45 -34.15
C LEU A 496 12.75 -2.69 -32.64
N ASP A 497 13.86 -3.09 -32.01
CA ASP A 497 13.92 -3.37 -30.57
C ASP A 497 13.64 -2.16 -29.67
N ALA A 498 14.31 -1.05 -29.94
CA ALA A 498 14.04 0.21 -29.24
C ALA A 498 12.54 0.48 -29.11
N VAL A 499 11.81 0.29 -30.21
CA VAL A 499 10.37 0.50 -30.19
C VAL A 499 9.62 -0.59 -29.43
N GLY A 500 10.04 -1.85 -29.61
CA GLY A 500 9.51 -2.95 -28.80
C GLY A 500 9.52 -2.69 -27.30
N ASN A 501 10.63 -2.15 -26.81
CA ASN A 501 10.85 -2.01 -25.37
C ASN A 501 9.98 -0.89 -24.80
N THR A 502 9.79 0.14 -25.61
CA THR A 502 8.88 1.24 -25.28
C THR A 502 7.44 0.77 -25.24
N THR A 503 6.96 0.21 -26.35
CA THR A 503 5.58 -0.28 -26.40
C THR A 503 5.33 -1.32 -25.32
N ALA A 504 6.36 -2.06 -24.93
CA ALA A 504 6.22 -2.98 -23.82
C ALA A 504 6.02 -2.23 -22.50
N ALA A 505 6.70 -1.10 -22.33
CA ALA A 505 6.58 -0.34 -21.09
C ALA A 505 5.26 0.42 -20.97
N ILE A 506 4.85 1.07 -22.05
CA ILE A 506 3.50 1.61 -22.20
C ILE A 506 2.46 0.51 -21.93
N GLY A 507 2.65 -0.64 -22.56
CA GLY A 507 1.78 -1.79 -22.41
C GLY A 507 1.53 -2.30 -21.00
N LYS A 508 2.58 -2.65 -20.26
CA LYS A 508 2.43 -3.01 -18.86
C LYS A 508 1.59 -1.96 -18.12
N GLY A 509 1.86 -0.70 -18.42
CA GLY A 509 1.30 0.40 -17.66
C GLY A 509 -0.18 0.42 -17.94
N PHE A 510 -0.50 0.25 -19.23
CA PHE A 510 -1.88 0.11 -19.67
C PHE A 510 -2.55 -1.14 -19.12
N ALA A 511 -1.83 -2.26 -19.10
CA ALA A 511 -2.40 -3.50 -18.56
C ALA A 511 -2.69 -3.42 -17.07
N ILE A 512 -1.90 -2.64 -16.35
CA ILE A 512 -2.12 -2.40 -14.92
C ILE A 512 -3.32 -1.50 -14.68
N GLY A 513 -3.45 -0.45 -15.49
CA GLY A 513 -4.60 0.42 -15.48
C GLY A 513 -5.87 -0.39 -15.62
N SER A 514 -5.85 -1.35 -16.52
CA SER A 514 -7.04 -2.12 -16.83
C SER A 514 -7.27 -3.11 -15.70
N ALA A 515 -6.18 -3.58 -15.12
CA ALA A 515 -6.24 -4.53 -14.01
C ALA A 515 -6.94 -3.88 -12.83
N ILE A 516 -6.74 -2.58 -12.65
CA ILE A 516 -7.28 -1.91 -11.48
C ILE A 516 -8.76 -1.76 -11.72
N PHE A 517 -9.09 -1.41 -12.97
CA PHE A 517 -10.46 -1.10 -13.35
C PHE A 517 -11.32 -2.35 -13.34
N ALA A 518 -10.77 -3.45 -13.85
CA ALA A 518 -11.43 -4.75 -13.77
C ALA A 518 -11.74 -5.12 -12.34
N ALA A 519 -10.69 -5.12 -11.50
CA ALA A 519 -10.83 -5.50 -10.10
C ALA A 519 -11.85 -4.66 -9.34
N LEU A 520 -11.90 -3.37 -9.64
CA LEU A 520 -12.91 -2.49 -9.06
C LEU A 520 -14.31 -2.84 -9.52
N SER A 521 -14.44 -3.23 -10.79
CA SER A 521 -15.69 -3.74 -11.31
C SER A 521 -16.04 -5.03 -10.59
N LEU A 522 -15.01 -5.86 -10.38
CA LEU A 522 -15.18 -7.17 -9.77
C LEU A 522 -15.50 -7.10 -8.29
N PHE A 523 -15.04 -6.04 -7.61
CA PHE A 523 -15.46 -5.80 -6.25
C PHE A 523 -16.95 -5.48 -6.22
N ALA A 524 -17.37 -4.62 -7.15
CA ALA A 524 -18.77 -4.28 -7.33
C ALA A 524 -19.58 -5.55 -7.58
N SER A 525 -19.00 -6.44 -8.39
CA SER A 525 -19.63 -7.70 -8.74
C SER A 525 -19.81 -8.58 -7.52
N TYR A 526 -18.73 -8.70 -6.75
CA TYR A 526 -18.77 -9.36 -5.45
C TYR A 526 -19.93 -8.92 -4.58
N MET A 527 -20.20 -7.61 -4.55
CA MET A 527 -21.23 -7.07 -3.67
C MET A 527 -22.66 -7.27 -4.18
N PHE A 528 -22.87 -7.11 -5.49
CA PHE A 528 -24.15 -7.42 -6.11
C PHE A 528 -24.51 -8.89 -5.92
N SER A 529 -23.51 -9.75 -6.04
CA SER A 529 -23.67 -11.19 -5.96
C SER A 529 -24.09 -11.64 -4.57
N GLN A 530 -24.12 -10.70 -3.62
CA GLN A 530 -24.51 -11.03 -2.26
C GLN A 530 -25.99 -10.91 -1.99
N ILE A 531 -26.74 -10.35 -2.94
CA ILE A 531 -28.19 -10.22 -2.75
C ILE A 531 -28.77 -11.58 -2.37
N SER A 532 -29.57 -11.62 -1.32
CA SER A 532 -30.20 -12.86 -0.88
C SER A 532 -31.69 -12.80 -1.13
N PRO A 533 -32.37 -13.96 -1.24
CA PRO A 533 -33.82 -13.97 -1.29
C PRO A 533 -34.40 -13.12 -0.15
N SER A 534 -33.70 -13.20 0.99
CA SER A 534 -34.11 -12.56 2.24
C SER A 534 -33.76 -11.08 2.30
N ASP A 535 -33.16 -10.54 1.24
CA ASP A 535 -32.89 -9.11 1.16
C ASP A 535 -33.94 -8.41 0.30
N ILE A 536 -34.81 -9.21 -0.33
CA ILE A 536 -35.71 -8.72 -1.39
C ILE A 536 -36.60 -7.71 -0.67
N GLY A 537 -36.73 -6.53 -1.25
CA GLY A 537 -37.82 -5.64 -0.94
C GLY A 537 -36.95 -4.42 -0.84
N LYS A 538 -35.99 -4.52 0.06
CA LYS A 538 -35.39 -3.40 0.80
C LYS A 538 -34.72 -2.48 -0.21
N PRO A 539 -34.60 -1.19 0.13
CA PRO A 539 -33.88 -0.19 -0.67
C PRO A 539 -32.49 -0.66 -1.08
N PRO A 540 -32.10 -0.34 -2.34
CA PRO A 540 -30.75 -0.56 -2.87
C PRO A 540 -29.70 -0.17 -1.85
N SER A 541 -29.84 1.02 -1.28
CA SER A 541 -28.86 1.52 -0.33
C SER A 541 -28.70 0.60 0.89
N LEU A 542 -29.64 -0.32 1.11
CA LEU A 542 -29.53 -1.29 2.19
C LEU A 542 -29.00 -2.68 1.81
N VAL A 543 -28.74 -2.90 0.52
CA VAL A 543 -28.36 -4.23 0.03
C VAL A 543 -27.01 -4.17 -0.70
N LEU A 544 -26.74 -3.00 -1.26
CA LEU A 544 -25.48 -2.71 -1.92
C LEU A 544 -24.60 -1.99 -0.92
N LEU A 545 -24.18 -2.70 0.12
CA LEU A 545 -23.51 -2.05 1.21
C LEU A 545 -22.40 -2.86 1.88
N LEU A 546 -21.23 -2.26 1.93
CA LEU A 546 -20.12 -2.68 2.79
C LEU A 546 -19.70 -1.51 3.67
N ASN A 547 -20.00 -1.58 4.96
CA ASN A 547 -19.77 -0.45 5.87
C ASN A 547 -18.36 -0.48 6.43
N MET A 548 -17.61 0.57 6.16
CA MET A 548 -16.23 0.68 6.65
C MET A 548 -16.17 0.95 8.15
N LEU A 549 -17.25 1.43 8.73
CA LEU A 549 -17.25 1.65 10.17
C LEU A 549 -17.27 0.29 10.87
N ASP A 550 -17.62 -0.76 10.12
CA ASP A 550 -17.68 -2.10 10.67
C ASP A 550 -16.24 -2.60 10.87
N ALA A 551 -15.91 -3.02 12.09
CA ALA A 551 -14.56 -3.50 12.40
C ALA A 551 -14.06 -4.65 11.52
N ARG A 552 -14.95 -5.59 11.19
CA ARG A 552 -14.60 -6.68 10.29
C ARG A 552 -14.09 -6.19 8.94
N VAL A 553 -14.68 -5.11 8.44
CA VAL A 553 -14.36 -4.64 7.10
C VAL A 553 -12.99 -3.96 7.13
N ILE A 554 -12.75 -3.19 8.18
CA ILE A 554 -11.47 -2.53 8.41
C ILE A 554 -10.36 -3.57 8.54
N ALA A 555 -10.61 -4.58 9.37
CA ALA A 555 -9.68 -5.70 9.54
C ALA A 555 -9.43 -6.44 8.24
N GLY A 556 -10.51 -6.78 7.55
CA GLY A 556 -10.45 -7.36 6.22
C GLY A 556 -9.48 -6.62 5.32
N ALA A 557 -9.66 -5.30 5.28
CA ALA A 557 -8.87 -4.44 4.41
C ALA A 557 -7.39 -4.53 4.79
N LEU A 558 -7.12 -4.58 6.10
CA LEU A 558 -5.75 -4.62 6.56
C LEU A 558 -5.15 -5.98 6.19
N LEU A 559 -5.96 -7.02 6.29
CA LEU A 559 -5.49 -8.37 6.02
C LEU A 559 -5.11 -8.51 4.55
N GLY A 560 -5.91 -7.89 3.69
CA GLY A 560 -5.74 -8.04 2.25
C GLY A 560 -4.52 -7.25 1.85
N ALA A 561 -4.29 -6.15 2.55
CA ALA A 561 -3.16 -5.29 2.26
C ALA A 561 -1.86 -5.97 2.65
N ALA A 562 -1.84 -6.60 3.83
CA ALA A 562 -0.68 -7.33 4.29
C ALA A 562 -0.36 -8.50 3.39
N ILE A 563 -1.40 -9.21 2.99
CA ILE A 563 -1.29 -10.33 2.06
C ILE A 563 -0.69 -9.92 0.73
N THR A 564 -1.02 -8.72 0.25
CA THR A 564 -0.52 -8.26 -1.03
C THR A 564 0.97 -7.93 -0.94
N TYR A 565 1.40 -7.41 0.20
CA TYR A 565 2.82 -7.11 0.36
C TYR A 565 3.58 -8.40 0.51
N TYR A 566 3.01 -9.32 1.28
CA TYR A 566 3.61 -10.63 1.48
C TYR A 566 3.81 -11.31 0.13
N PHE A 567 2.71 -11.37 -0.63
CA PHE A 567 2.67 -11.88 -1.99
C PHE A 567 3.82 -11.32 -2.80
N SER A 568 4.04 -10.02 -2.69
CA SER A 568 5.03 -9.33 -3.51
C SER A 568 6.40 -9.75 -3.01
N GLY A 569 6.53 -9.83 -1.69
CA GLY A 569 7.77 -10.19 -1.05
C GLY A 569 8.22 -11.58 -1.42
N TYR A 570 7.30 -12.54 -1.34
CA TYR A 570 7.62 -13.94 -1.63
C TYR A 570 8.21 -14.14 -3.02
N LEU A 571 7.64 -13.44 -4.00
CA LEU A 571 8.06 -13.56 -5.38
C LEU A 571 9.49 -13.08 -5.64
N ILE A 572 9.92 -12.04 -4.94
CA ILE A 572 11.31 -11.59 -5.07
C ILE A 572 12.25 -12.73 -4.65
N SER A 573 11.96 -13.33 -3.50
CA SER A 573 12.82 -14.36 -2.93
C SER A 573 12.75 -15.60 -3.81
N ALA A 574 11.55 -15.85 -4.33
CA ALA A 574 11.28 -16.95 -5.25
C ALA A 574 12.14 -16.90 -6.50
N VAL A 575 12.25 -15.72 -7.11
CA VAL A 575 13.08 -15.53 -8.30
C VAL A 575 14.54 -15.89 -8.03
N THR A 576 15.04 -15.48 -6.87
CA THR A 576 16.45 -15.70 -6.53
C THR A 576 16.72 -17.17 -6.19
N LYS A 577 15.83 -17.76 -5.40
CA LYS A 577 15.80 -19.21 -5.21
C LYS A 577 15.94 -19.95 -6.53
N ALA A 578 15.01 -19.70 -7.45
CA ALA A 578 15.00 -20.40 -8.74
C ALA A 578 16.26 -20.07 -9.55
N ALA A 579 16.57 -18.79 -9.68
CA ALA A 579 17.81 -18.36 -10.35
C ALA A 579 19.00 -19.19 -9.88
N MET A 580 19.20 -19.19 -8.57
CA MET A 580 20.24 -19.98 -7.92
C MET A 580 20.15 -21.47 -8.27
N LYS A 581 18.94 -21.99 -8.30
CA LYS A 581 18.71 -23.38 -8.70
C LYS A 581 19.24 -23.64 -10.11
N MET A 582 19.13 -22.63 -10.98
CA MET A 582 19.62 -22.73 -12.35
C MET A 582 21.14 -22.58 -12.44
N VAL A 583 21.64 -21.52 -11.80
CA VAL A 583 23.06 -21.18 -11.72
C VAL A 583 24.04 -22.34 -11.50
N ASP A 584 23.71 -23.27 -10.60
CA ASP A 584 24.51 -24.48 -10.44
C ASP A 584 24.36 -25.50 -11.57
N GLU A 585 24.11 -25.01 -12.79
CA GLU A 585 23.98 -25.85 -13.99
C GLU A 585 22.90 -26.93 -13.80
N TYR A 605 20.38 -28.01 -23.31
CA TYR A 605 19.85 -26.72 -22.85
C TYR A 605 18.35 -26.81 -22.56
N ASN A 606 17.72 -27.87 -23.03
CA ASN A 606 16.33 -28.18 -22.68
C ASN A 606 16.20 -28.74 -21.25
N ARG A 607 17.27 -29.39 -20.78
CA ARG A 607 17.30 -29.94 -19.42
C ARG A 607 17.35 -28.84 -18.35
N CYS A 608 18.24 -27.87 -18.53
CA CYS A 608 18.37 -26.74 -17.61
C CYS A 608 17.06 -25.95 -17.51
N ILE A 609 16.33 -25.88 -18.62
CA ILE A 609 15.00 -25.27 -18.65
C ILE A 609 13.96 -26.14 -17.96
N GLU A 610 14.02 -27.45 -18.16
CA GLU A 610 13.09 -28.37 -17.50
C GLU A 610 13.30 -28.33 -15.99
N ILE A 611 14.55 -28.29 -15.57
CA ILE A 611 14.91 -28.27 -14.16
C ILE A 611 14.27 -27.09 -13.41
N THR A 612 14.62 -25.87 -13.81
CA THR A 612 14.03 -24.66 -13.24
C THR A 612 12.53 -24.48 -13.47
N SER A 613 12.01 -24.96 -14.59
CA SER A 613 10.56 -24.93 -14.85
C SER A 613 9.80 -25.79 -13.85
N ASP A 614 10.35 -26.96 -13.53
CA ASP A 614 9.75 -27.83 -12.53
C ASP A 614 9.78 -27.09 -11.19
N ASN A 615 10.94 -26.57 -10.84
CA ASN A 615 11.09 -25.84 -9.59
C ASN A 615 10.20 -24.58 -9.58
N ALA A 616 10.06 -23.97 -10.76
CA ALA A 616 9.17 -22.81 -10.97
C ALA A 616 7.71 -23.11 -10.64
N LEU A 617 7.24 -24.27 -11.09
CA LEU A 617 5.86 -24.72 -10.85
C LEU A 617 5.62 -24.93 -9.37
N LYS A 618 6.45 -25.76 -8.74
CA LYS A 618 6.37 -25.97 -7.28
C LYS A 618 6.14 -24.60 -6.61
N GLN A 619 6.86 -23.57 -7.06
CA GLN A 619 6.77 -22.30 -6.34
C GLN A 619 5.72 -21.38 -6.93
N MET A 620 4.62 -21.97 -7.41
CA MET A 620 3.63 -21.19 -8.11
C MET A 620 2.41 -21.53 -7.29
N GLY A 621 2.25 -22.83 -7.03
CA GLY A 621 1.27 -23.36 -6.09
C GLY A 621 1.06 -22.51 -4.85
N TYR A 622 2.18 -22.20 -4.21
CA TYR A 622 2.26 -21.45 -2.97
C TYR A 622 1.54 -20.09 -3.08
N PRO A 623 1.97 -19.20 -3.99
CA PRO A 623 1.22 -17.95 -4.22
C PRO A 623 -0.25 -18.19 -4.52
N ALA A 624 -0.52 -19.25 -5.26
CA ALA A 624 -1.85 -19.62 -5.72
C ALA A 624 -2.77 -20.01 -4.57
N PHE A 625 -2.25 -20.63 -3.51
CA PHE A 625 -3.12 -20.87 -2.36
C PHE A 625 -3.58 -19.51 -1.86
N ILE A 626 -2.64 -18.59 -1.69
CA ILE A 626 -2.94 -17.25 -1.20
C ILE A 626 -3.99 -16.64 -2.12
N ALA A 627 -3.69 -16.66 -3.42
CA ALA A 627 -4.56 -16.10 -4.44
C ALA A 627 -5.97 -16.68 -4.42
N ILE A 628 -6.07 -18.00 -4.30
CA ILE A 628 -7.33 -18.69 -4.56
C ILE A 628 -8.13 -19.00 -3.29
N LEU A 629 -7.43 -19.43 -2.25
CA LEU A 629 -8.08 -19.91 -1.03
C LEU A 629 -8.43 -18.83 -0.02
N THR A 630 -7.75 -17.68 -0.10
CA THR A 630 -7.97 -16.61 0.88
C THR A 630 -9.44 -16.19 1.02
N PRO A 631 -10.17 -16.01 -0.11
CA PRO A 631 -11.59 -15.68 0.07
C PRO A 631 -12.30 -16.82 0.81
N LEU A 632 -11.98 -18.03 0.38
CA LEU A 632 -12.54 -19.26 0.95
C LEU A 632 -12.25 -19.38 2.44
N VAL A 633 -10.98 -19.37 2.81
CA VAL A 633 -10.57 -19.44 4.21
C VAL A 633 -11.23 -18.34 5.06
N THR A 634 -11.00 -17.08 4.71
CA THR A 634 -11.57 -15.97 5.47
C THR A 634 -13.09 -15.92 5.44
N GLY A 635 -13.67 -16.15 4.27
CA GLY A 635 -15.11 -16.30 4.12
C GLY A 635 -15.79 -17.31 5.01
N PHE A 636 -15.24 -18.51 5.08
CA PHE A 636 -15.90 -19.56 5.84
C PHE A 636 -15.64 -19.32 7.32
N LEU A 637 -14.53 -18.65 7.61
CA LEU A 637 -14.24 -18.19 8.97
C LEU A 637 -15.08 -17.00 9.43
N LEU A 638 -15.12 -15.95 8.61
CA LEU A 638 -15.62 -14.67 9.10
C LEU A 638 -16.74 -14.04 8.26
N GLY A 639 -17.06 -14.62 7.12
CA GLY A 639 -18.21 -14.16 6.36
C GLY A 639 -17.98 -13.13 5.27
N ALA A 640 -19.09 -12.63 4.73
CA ALA A 640 -19.10 -11.75 3.56
C ALA A 640 -18.52 -10.36 3.81
N GLU A 641 -18.81 -9.79 4.98
CA GLU A 641 -18.27 -8.48 5.31
C GLU A 641 -16.75 -8.48 5.35
N PHE A 642 -16.17 -9.48 6.03
CA PHE A 642 -14.72 -9.57 6.16
C PHE A 642 -14.03 -9.70 4.80
N VAL A 643 -14.54 -10.58 3.96
CA VAL A 643 -13.98 -10.82 2.64
C VAL A 643 -14.08 -9.57 1.78
N GLY A 644 -15.10 -8.76 2.06
CA GLY A 644 -15.28 -7.50 1.36
C GLY A 644 -14.10 -6.59 1.65
N GLY A 645 -13.79 -6.44 2.93
CA GLY A 645 -12.53 -5.86 3.35
C GLY A 645 -11.32 -6.38 2.59
N VAL A 646 -11.13 -7.69 2.58
CA VAL A 646 -9.91 -8.30 2.06
C VAL A 646 -9.73 -7.90 0.60
N LEU A 647 -10.81 -8.02 -0.16
CA LEU A 647 -10.80 -7.66 -1.56
C LEU A 647 -10.38 -6.21 -1.77
N ILE A 648 -10.92 -5.32 -0.93
CA ILE A 648 -10.57 -3.90 -0.99
C ILE A 648 -9.09 -3.64 -0.67
N GLY A 649 -8.60 -4.18 0.44
CA GLY A 649 -7.19 -4.13 0.76
C GLY A 649 -6.34 -4.64 -0.38
N THR A 650 -6.75 -5.77 -0.94
CA THR A 650 -5.97 -6.44 -1.98
C THR A 650 -5.89 -5.51 -3.19
N VAL A 651 -7.02 -4.90 -3.54
CA VAL A 651 -7.11 -4.06 -4.72
C VAL A 651 -6.33 -2.77 -4.50
N LEU A 652 -6.56 -2.13 -3.36
CA LEU A 652 -5.89 -0.86 -3.06
C LEU A 652 -4.37 -1.01 -3.01
N SER A 653 -3.92 -2.02 -2.28
CA SER A 653 -2.48 -2.23 -2.07
C SER A 653 -1.84 -2.72 -3.35
N GLY A 654 -2.58 -3.55 -4.08
CA GLY A 654 -2.08 -4.18 -5.28
C GLY A 654 -2.01 -3.16 -6.39
N ALA A 655 -2.97 -2.24 -6.43
CA ALA A 655 -2.95 -1.19 -7.42
C ALA A 655 -1.71 -0.35 -7.22
N MET A 656 -1.49 0.09 -5.99
CA MET A 656 -0.35 0.94 -5.69
C MET A 656 0.98 0.24 -5.96
N LEU A 657 1.14 -0.97 -5.42
CA LEU A 657 2.40 -1.70 -5.56
C LEU A 657 2.69 -2.14 -6.99
N ALA A 658 1.66 -2.40 -7.78
CA ALA A 658 1.90 -2.84 -9.15
C ALA A 658 2.54 -1.71 -9.93
N ILE A 659 1.99 -0.52 -9.73
CA ILE A 659 2.46 0.67 -10.43
C ILE A 659 3.87 1.03 -9.98
N LEU A 660 4.09 1.03 -8.67
CA LEU A 660 5.38 1.40 -8.10
C LEU A 660 6.49 0.56 -8.73
N THR A 661 6.29 -0.76 -8.68
CA THR A 661 7.30 -1.70 -9.14
C THR A 661 7.51 -1.60 -10.65
N ALA A 662 6.41 -1.47 -11.39
CA ALA A 662 6.49 -1.30 -12.83
C ALA A 662 7.31 -0.10 -13.24
N ASN A 663 7.03 1.06 -12.65
CA ASN A 663 7.65 2.28 -13.15
C ASN A 663 9.09 2.43 -12.69
N SER A 664 9.35 2.13 -11.42
CA SER A 664 10.70 2.25 -10.88
C SER A 664 11.64 1.22 -11.49
N GLY A 665 11.07 0.07 -11.85
CA GLY A 665 11.83 -1.04 -12.38
C GLY A 665 12.24 -0.76 -13.81
N GLY A 666 11.28 -0.27 -14.59
CA GLY A 666 11.52 0.21 -15.93
C GLY A 666 12.43 1.43 -15.98
N ALA A 667 12.27 2.33 -15.01
CA ALA A 667 13.11 3.52 -14.91
C ALA A 667 14.56 3.10 -14.76
N TRP A 668 14.81 2.13 -13.89
CA TRP A 668 16.17 1.71 -13.57
C TRP A 668 16.82 1.14 -14.82
N ASP A 669 16.03 0.37 -15.58
CA ASP A 669 16.48 -0.20 -16.83
C ASP A 669 16.80 0.94 -17.79
N ASN A 670 15.83 1.81 -18.03
CA ASN A 670 16.05 2.93 -18.96
C ASN A 670 17.11 3.90 -18.46
N ALA A 671 17.31 3.96 -17.14
CA ALA A 671 18.42 4.74 -16.61
C ALA A 671 19.72 4.07 -17.02
N LYS A 672 19.74 2.74 -16.98
CA LYS A 672 20.90 2.00 -17.45
C LYS A 672 21.13 2.28 -18.94
N LYS A 673 20.06 2.14 -19.72
CA LYS A 673 20.07 2.46 -21.14
C LYS A 673 20.61 3.87 -21.39
N TYR A 674 20.12 4.81 -20.58
CA TYR A 674 20.42 6.23 -20.73
C TYR A 674 21.92 6.51 -20.83
N LEU A 675 22.65 5.99 -19.85
CA LEU A 675 24.11 6.14 -19.79
C LEU A 675 24.85 5.38 -20.89
N GLU A 676 24.37 4.19 -21.19
CA GLU A 676 24.89 3.37 -22.28
C GLU A 676 24.80 3.99 -23.67
N ALA A 677 23.78 4.80 -23.96
CA ALA A 677 23.78 5.51 -25.22
C ALA A 677 24.75 6.68 -25.21
N GLY A 678 25.20 7.05 -24.02
CA GLY A 678 26.12 8.17 -23.84
C GLY A 678 25.39 9.48 -23.62
N ASN A 679 25.13 9.83 -22.36
CA ASN A 679 24.40 11.04 -22.05
C ASN A 679 24.86 11.79 -20.80
N LEU A 680 25.51 11.06 -19.90
CA LEU A 680 26.15 11.70 -18.75
C LEU A 680 27.48 12.38 -19.08
N GLU A 681 27.93 12.22 -20.32
CA GLU A 681 29.19 12.82 -20.80
C GLU A 681 30.43 12.44 -19.98
N GLY A 682 31.33 11.69 -20.61
CA GLY A 682 32.52 11.20 -19.95
C GLY A 682 32.34 9.83 -19.32
N TYR A 683 31.12 9.31 -19.40
CA TYR A 683 30.78 8.04 -18.75
C TYR A 683 30.17 7.10 -19.79
N GLY A 684 30.61 5.84 -19.82
CA GLY A 684 30.12 4.93 -20.85
C GLY A 684 30.45 3.44 -20.79
N LYS A 685 29.46 2.63 -20.41
CA LYS A 685 29.52 1.17 -20.53
C LYS A 685 30.50 0.48 -19.56
N GLY A 686 31.27 1.28 -18.86
CA GLY A 686 32.09 0.82 -17.75
C GLY A 686 32.00 1.98 -16.79
N SER A 687 32.62 1.88 -15.61
CA SER A 687 32.72 2.97 -14.63
C SER A 687 31.69 2.79 -13.53
N GLU A 688 32.01 3.34 -12.36
CA GLU A 688 31.29 3.11 -11.11
C GLU A 688 29.81 3.52 -11.21
N PRO A 689 29.50 4.61 -11.95
CA PRO A 689 28.06 4.82 -12.15
C PRO A 689 27.39 3.72 -12.99
N HIS A 690 28.03 3.23 -14.05
CA HIS A 690 27.42 2.16 -14.83
C HIS A 690 27.19 0.93 -13.96
N LYS A 691 28.20 0.58 -13.15
CA LYS A 691 28.09 -0.50 -12.16
C LYS A 691 26.89 -0.29 -11.24
N ALA A 692 26.72 0.95 -10.78
CA ALA A 692 25.64 1.28 -9.86
C ALA A 692 24.31 1.09 -10.57
N LEU A 693 24.26 1.50 -11.83
CA LEU A 693 23.10 1.28 -12.67
C LEU A 693 22.89 -0.20 -12.97
N VAL A 694 23.98 -0.97 -13.08
CA VAL A 694 23.84 -2.41 -13.27
C VAL A 694 23.14 -2.98 -12.05
N ILE A 695 23.67 -2.62 -10.89
CA ILE A 695 23.09 -3.03 -9.62
C ILE A 695 21.62 -2.63 -9.52
N GLY A 696 21.29 -1.41 -9.94
CA GLY A 696 19.92 -0.97 -9.97
C GLY A 696 19.02 -1.73 -10.93
N ASP A 697 19.54 -2.06 -12.10
CA ASP A 697 18.78 -2.83 -13.08
C ASP A 697 18.51 -4.26 -12.61
N THR A 698 19.47 -4.82 -11.88
CA THR A 698 19.33 -6.20 -11.39
C THR A 698 18.32 -6.24 -10.25
N VAL A 699 18.26 -5.17 -9.47
CA VAL A 699 17.23 -5.03 -8.45
C VAL A 699 15.90 -4.88 -9.17
N GLY A 700 15.96 -4.15 -10.28
CA GLY A 700 14.78 -3.76 -11.01
C GLY A 700 14.15 -4.89 -11.79
N ASP A 701 14.99 -5.79 -12.30
CA ASP A 701 14.56 -6.78 -13.26
C ASP A 701 13.45 -7.74 -12.73
N PRO A 702 13.68 -8.44 -11.59
CA PRO A 702 12.56 -9.11 -10.92
C PRO A 702 11.31 -8.30 -10.54
N LEU A 703 11.46 -7.02 -10.21
CA LEU A 703 10.33 -6.19 -9.81
C LEU A 703 9.37 -5.72 -10.89
N LYS A 704 9.90 -5.25 -12.01
CA LYS A 704 9.05 -4.72 -13.07
C LYS A 704 8.36 -5.79 -13.92
N ASP A 705 9.03 -6.92 -14.08
CA ASP A 705 8.56 -7.98 -14.97
C ASP A 705 7.95 -9.20 -14.26
N THR A 706 8.12 -9.31 -12.95
CA THR A 706 7.50 -10.42 -12.22
C THR A 706 6.55 -10.01 -11.11
N VAL A 707 7.02 -9.21 -10.15
CA VAL A 707 6.18 -8.83 -9.01
C VAL A 707 4.95 -8.08 -9.49
N GLY A 708 5.17 -6.92 -10.10
CA GLY A 708 4.07 -6.07 -10.55
C GLY A 708 3.02 -6.82 -11.37
N PRO A 709 3.45 -7.55 -12.42
CA PRO A 709 2.49 -8.26 -13.28
C PRO A 709 1.72 -9.37 -12.58
N SER A 710 2.34 -9.99 -11.57
CA SER A 710 1.66 -10.97 -10.73
C SER A 710 0.54 -10.33 -9.91
N LEU A 711 0.77 -9.08 -9.53
CA LEU A 711 -0.17 -8.34 -8.71
C LEU A 711 -1.42 -8.00 -9.50
N ASP A 712 -1.24 -7.77 -10.79
CA ASP A 712 -2.35 -7.62 -11.72
C ASP A 712 -3.31 -8.79 -11.54
N ILE A 713 -2.79 -10.00 -11.59
CA ILE A 713 -3.64 -11.19 -11.49
C ILE A 713 -4.26 -11.30 -10.10
N LEU A 714 -3.47 -11.06 -9.05
CA LEU A 714 -3.94 -11.22 -7.68
C LEU A 714 -5.21 -10.41 -7.37
N ILE A 715 -5.17 -9.13 -7.74
CA ILE A 715 -6.26 -8.22 -7.41
C ILE A 715 -7.53 -8.58 -8.18
N LYS A 716 -7.35 -9.31 -9.27
CA LYS A 716 -8.48 -9.78 -10.07
C LYS A 716 -9.01 -11.15 -9.64
N ILE A 717 -8.17 -12.18 -9.75
CA ILE A 717 -8.62 -13.55 -9.45
C ILE A 717 -9.25 -13.66 -8.05
N MET A 718 -8.68 -12.94 -7.08
CA MET A 718 -9.16 -13.03 -5.70
C MET A 718 -10.58 -12.50 -5.63
N SER A 719 -10.87 -11.55 -6.52
CA SER A 719 -12.18 -10.94 -6.61
C SER A 719 -13.15 -11.89 -7.30
N VAL A 720 -12.71 -12.47 -8.41
CA VAL A 720 -13.52 -13.41 -9.18
C VAL A 720 -13.92 -14.59 -8.28
N VAL A 721 -12.94 -15.14 -7.59
CA VAL A 721 -13.17 -16.25 -6.66
C VAL A 721 -14.23 -15.86 -5.63
N SER A 722 -14.07 -14.65 -5.08
CA SER A 722 -14.96 -14.16 -4.03
C SER A 722 -16.38 -14.01 -4.56
N VAL A 723 -16.48 -13.55 -5.81
CA VAL A 723 -17.77 -13.39 -6.47
C VAL A 723 -18.49 -14.73 -6.48
N ILE A 724 -17.74 -15.79 -6.74
CA ILE A 724 -18.29 -17.13 -6.81
C ILE A 724 -18.60 -17.71 -5.43
N ALA A 725 -17.61 -17.74 -4.56
CA ALA A 725 -17.79 -18.39 -3.26
C ALA A 725 -18.70 -17.65 -2.27
N VAL A 726 -19.12 -16.43 -2.59
CA VAL A 726 -19.93 -15.68 -1.62
C VAL A 726 -21.36 -16.21 -1.63
N SER A 727 -21.69 -16.91 -2.72
CA SER A 727 -22.79 -17.85 -2.77
C SER A 727 -22.92 -18.70 -1.51
N ILE A 728 -21.78 -19.15 -0.98
CA ILE A 728 -21.78 -20.13 0.11
C ILE A 728 -21.47 -19.55 1.49
N PHE A 729 -20.34 -18.87 1.64
CA PHE A 729 -19.91 -18.41 2.96
C PHE A 729 -20.66 -17.18 3.52
N LYS A 730 -21.55 -16.59 2.73
CA LYS A 730 -22.46 -15.57 3.26
C LYS A 730 -23.30 -16.09 4.43
N HIS A 731 -23.75 -17.34 4.30
CA HIS A 731 -24.71 -17.92 5.24
C HIS A 731 -23.98 -18.84 6.21
N VAL A 732 -22.99 -19.56 5.67
CA VAL A 732 -22.44 -20.76 6.28
C VAL A 732 -21.15 -20.48 7.05
N HIS A 733 -20.72 -19.21 7.04
CA HIS A 733 -19.50 -18.81 7.73
C HIS A 733 -19.52 -19.19 9.21
N LEU A 734 -18.34 -19.25 9.81
CA LEU A 734 -18.18 -19.80 11.14
C LEU A 734 -18.63 -18.79 12.19
N PHE A 735 -17.84 -17.73 12.34
CA PHE A 735 -18.16 -16.66 13.29
C PHE A 735 -18.97 -15.56 12.62
CA TYR B 11 -13.24 13.84 46.04
C TYR B 11 -12.08 12.91 45.66
N VAL B 12 -12.42 11.65 45.36
CA VAL B 12 -11.49 10.65 44.84
C VAL B 12 -10.82 11.06 43.53
N ALA B 13 -11.42 12.02 42.83
CA ALA B 13 -11.02 12.42 41.48
C ALA B 13 -9.90 13.45 41.47
N ALA B 14 -9.95 14.44 42.37
CA ALA B 14 -8.86 15.40 42.50
C ALA B 14 -7.55 14.67 42.79
N LEU B 15 -7.58 13.69 43.70
CA LEU B 15 -6.44 12.82 43.97
C LEU B 15 -5.74 12.39 42.67
N PHE B 16 -6.56 11.89 41.74
CA PHE B 16 -6.16 11.49 40.39
C PHE B 16 -5.62 12.65 39.53
N PHE B 17 -6.25 13.82 39.65
CA PHE B 17 -5.91 14.98 38.81
C PHE B 17 -4.56 15.61 39.10
N LEU B 18 -3.93 15.27 40.23
CA LEU B 18 -2.61 15.82 40.47
C LEU B 18 -1.47 14.89 40.03
N ILE B 19 -1.81 13.72 39.49
CA ILE B 19 -0.81 12.80 38.96
C ILE B 19 0.08 13.45 37.88
N PRO B 20 -0.52 14.25 36.96
CA PRO B 20 0.33 14.82 35.90
C PRO B 20 1.35 15.80 36.46
N LEU B 21 0.96 16.51 37.51
CA LEU B 21 1.86 17.41 38.21
C LEU B 21 3.06 16.64 38.75
N VAL B 22 2.77 15.48 39.36
CA VAL B 22 3.83 14.67 39.94
C VAL B 22 4.76 14.12 38.87
N ALA B 23 4.17 13.57 37.81
CA ALA B 23 4.92 13.17 36.63
C ALA B 23 5.91 14.25 36.21
N LEU B 24 5.46 15.49 36.16
CA LEU B 24 6.30 16.60 35.75
C LEU B 24 7.37 16.85 36.80
N GLY B 25 6.95 16.91 38.06
CA GLY B 25 7.87 17.03 39.16
C GLY B 25 8.85 15.88 39.23
N PHE B 26 8.38 14.68 38.89
CA PHE B 26 9.24 13.50 38.96
C PHE B 26 10.35 13.65 37.94
N ALA B 27 9.95 14.04 36.72
CA ALA B 27 10.87 14.46 35.67
C ALA B 27 11.84 15.54 36.14
N ALA B 28 11.25 16.60 36.70
CA ALA B 28 12.00 17.75 37.19
C ALA B 28 13.04 17.37 38.24
N ALA B 29 12.71 16.38 39.07
CA ALA B 29 13.62 15.89 40.09
C ALA B 29 14.70 15.06 39.42
N ASN B 30 14.27 14.12 38.58
CA ASN B 30 15.18 13.27 37.82
C ASN B 30 16.13 14.13 36.99
N PHE B 31 15.62 15.27 36.53
CA PHE B 31 16.44 16.26 35.83
C PHE B 31 17.56 16.75 36.76
N ALA B 32 17.17 17.22 37.94
CA ALA B 32 18.11 17.67 38.96
C ALA B 32 19.20 16.63 39.26
N ALA B 33 18.77 15.42 39.61
CA ALA B 33 19.66 14.35 40.05
C ALA B 33 20.63 13.91 38.94
N VAL B 34 20.21 14.07 37.69
CA VAL B 34 21.09 13.85 36.55
C VAL B 34 22.04 15.04 36.39
N VAL B 35 21.50 16.25 36.46
CA VAL B 35 22.30 17.47 36.33
C VAL B 35 23.49 17.43 37.28
N ARG B 36 23.24 17.04 38.52
CA ARG B 36 24.27 16.90 39.55
C ARG B 36 25.32 15.81 39.26
N LYS B 37 25.08 14.95 38.27
CA LYS B 37 26.10 14.02 37.78
C LYS B 37 27.23 14.74 37.01
N PRO B 38 28.46 14.18 37.07
CA PRO B 38 29.65 14.80 36.45
C PRO B 38 30.02 14.35 35.04
N GLU B 39 30.89 15.15 34.42
CA GLU B 39 31.63 14.80 33.22
C GLU B 39 33.15 14.75 33.47
N GLY B 40 33.86 13.91 32.73
CA GLY B 40 35.28 13.71 32.95
C GLY B 40 36.16 14.74 32.27
N THR B 41 37.14 14.28 31.51
CA THR B 41 38.11 15.11 30.78
C THR B 41 37.55 16.44 30.23
N GLU B 42 38.43 17.42 30.04
CA GLU B 42 38.09 18.63 29.32
C GLU B 42 37.58 18.29 27.92
N ARG B 43 38.18 17.25 27.34
CA ARG B 43 37.75 16.72 26.05
C ARG B 43 36.35 16.12 26.16
N MET B 44 36.05 15.48 27.28
CA MET B 44 34.71 14.93 27.53
C MET B 44 33.67 16.04 27.67
N LYS B 45 34.03 17.10 28.40
CA LYS B 45 33.14 18.23 28.57
C LYS B 45 32.94 18.96 27.24
N GLU B 46 34.05 19.23 26.56
CA GLU B 46 34.05 19.97 25.30
C GLU B 46 33.15 19.30 24.25
N ILE B 47 33.23 17.98 24.17
CA ILE B 47 32.40 17.19 23.26
C ILE B 47 30.91 17.28 23.63
N SER B 48 30.61 17.29 24.92
CA SER B 48 29.22 17.34 25.38
C SER B 48 28.59 18.63 24.92
N SER B 49 29.31 19.73 25.16
CA SER B 49 28.87 21.05 24.79
C SER B 49 28.68 21.17 23.27
N TYR B 50 29.61 20.58 22.51
CA TYR B 50 29.47 20.50 21.05
C TYR B 50 28.11 20.02 20.58
N ILE B 51 27.71 18.83 21.02
CA ILE B 51 26.44 18.25 20.57
C ILE B 51 25.25 18.98 21.18
N ARG B 52 25.43 19.49 22.39
CA ARG B 52 24.37 20.14 23.14
C ARG B 52 24.03 21.51 22.54
N SER B 53 25.07 22.29 22.28
CA SER B 53 24.94 23.53 21.53
C SER B 53 24.39 23.26 20.14
N GLY B 54 24.92 22.23 19.49
CA GLY B 54 24.46 21.81 18.18
C GLY B 54 22.96 21.56 18.11
N ALA B 55 22.46 20.88 19.14
CA ALA B 55 21.03 20.58 19.27
C ALA B 55 20.18 21.84 19.44
N ASP B 56 20.66 22.73 20.30
CA ASP B 56 19.97 23.98 20.63
C ASP B 56 19.73 24.87 19.42
N SER B 57 20.74 25.02 18.56
CA SER B 57 20.62 25.83 17.34
C SER B 57 19.40 25.37 16.55
N PHE B 58 19.29 24.05 16.41
CA PHE B 58 18.23 23.37 15.70
C PHE B 58 16.85 23.49 16.36
N LEU B 59 16.83 23.39 17.69
CA LEU B 59 15.57 23.48 18.45
C LEU B 59 14.92 24.86 18.34
N ALA B 60 15.74 25.91 18.38
CA ALA B 60 15.25 27.29 18.26
C ALA B 60 14.45 27.49 16.97
N HIS B 61 15.08 27.19 15.84
CA HIS B 61 14.48 27.43 14.53
C HIS B 61 13.18 26.64 14.37
N GLU B 62 13.16 25.43 14.90
CA GLU B 62 11.99 24.56 14.78
C GLU B 62 10.87 25.15 15.63
N THR B 63 11.19 25.47 16.89
CA THR B 63 10.25 26.09 17.80
C THR B 63 9.65 27.34 17.16
N LYS B 64 10.50 28.17 16.56
CA LYS B 64 10.04 29.40 15.94
C LYS B 64 9.06 29.11 14.80
N ALA B 65 9.33 28.05 14.03
CA ALA B 65 8.47 27.67 12.92
C ALA B 65 7.09 27.14 13.31
N ILE B 66 7.02 26.24 14.29
CA ILE B 66 5.72 25.77 14.78
C ILE B 66 4.84 26.92 15.23
N PHE B 67 5.39 27.83 16.04
CA PHE B 67 4.66 29.00 16.53
C PHE B 67 4.00 29.74 15.38
N LYS B 68 4.78 30.06 14.35
CA LYS B 68 4.25 30.81 13.21
C LYS B 68 3.07 30.05 12.62
N VAL B 69 3.28 28.76 12.42
CA VAL B 69 2.24 27.87 11.89
C VAL B 69 1.10 27.59 12.87
N ALA B 70 1.42 27.42 14.15
CA ALA B 70 0.42 27.09 15.17
C ALA B 70 -0.60 28.19 15.37
N ILE B 71 -0.13 29.44 15.31
CA ILE B 71 -1.00 30.60 15.47
C ILE B 71 -2.06 30.63 14.38
N VAL B 72 -1.65 30.58 13.12
CA VAL B 72 -2.57 30.65 12.01
C VAL B 72 -3.66 29.58 12.15
N ILE B 73 -3.25 28.37 12.52
CA ILE B 73 -4.21 27.28 12.69
C ILE B 73 -5.14 27.61 13.85
N ALA B 74 -4.57 28.19 14.91
CA ALA B 74 -5.34 28.51 16.10
C ALA B 74 -6.42 29.52 15.75
N ILE B 75 -6.01 30.60 15.09
CA ILE B 75 -6.92 31.62 14.59
C ILE B 75 -8.03 31.03 13.74
N LEU B 76 -7.61 30.22 12.76
CA LEU B 76 -8.55 29.57 11.83
C LEU B 76 -9.61 28.76 12.57
N LEU B 77 -9.16 27.98 13.55
CA LEU B 77 -10.04 27.16 14.37
C LEU B 77 -11.05 28.03 15.12
N MET B 78 -10.58 29.18 15.57
CA MET B 78 -11.38 30.09 16.38
C MET B 78 -12.51 30.74 15.58
N ILE B 79 -12.21 31.12 14.35
CA ILE B 79 -13.22 31.68 13.45
C ILE B 79 -14.30 30.66 13.07
N PHE B 80 -13.87 29.47 12.69
CA PHE B 80 -14.78 28.47 12.11
C PHE B 80 -15.41 27.51 13.13
N THR B 81 -14.75 27.27 14.25
CA THR B 81 -15.32 26.36 15.24
C THR B 81 -15.78 27.11 16.48
N THR B 82 -14.91 27.24 17.47
CA THR B 82 -15.17 28.05 18.65
C THR B 82 -13.86 28.52 19.25
N TRP B 83 -13.90 29.61 20.01
CA TRP B 83 -12.70 30.19 20.59
C TRP B 83 -12.07 29.14 21.49
N GLN B 84 -12.93 28.37 22.13
CA GLN B 84 -12.56 27.28 23.00
C GLN B 84 -11.67 26.26 22.30
N THR B 85 -12.08 25.84 21.11
CA THR B 85 -11.35 24.87 20.32
C THR B 85 -9.93 25.33 20.03
N GLY B 86 -9.80 26.61 19.67
CA GLY B 86 -8.50 27.19 19.36
C GLY B 86 -7.57 27.30 20.54
N VAL B 87 -8.10 27.62 21.71
CA VAL B 87 -7.30 27.66 22.91
C VAL B 87 -6.79 26.25 23.23
N ALA B 88 -7.71 25.30 23.24
CA ALA B 88 -7.39 23.92 23.57
C ALA B 88 -6.27 23.43 22.65
N PHE B 89 -6.41 23.75 21.38
CA PHE B 89 -5.41 23.44 20.35
C PHE B 89 -4.02 23.94 20.71
N LEU B 90 -3.92 25.23 21.02
CA LEU B 90 -2.66 25.82 21.47
C LEU B 90 -2.14 25.11 22.72
N LEU B 91 -3.05 24.71 23.59
CA LEU B 91 -2.66 24.05 24.84
C LEU B 91 -1.97 22.75 24.49
N GLY B 92 -2.58 22.01 23.56
CA GLY B 92 -2.04 20.77 23.05
C GLY B 92 -0.71 21.00 22.35
N ALA B 93 -0.63 22.06 21.57
CA ALA B 93 0.60 22.37 20.85
C ALA B 93 1.70 22.67 21.86
N VAL B 94 1.39 23.48 22.86
CA VAL B 94 2.32 23.76 23.95
C VAL B 94 2.76 22.52 24.74
N MET B 95 1.82 21.63 25.03
CA MET B 95 2.07 20.47 25.88
C MET B 95 3.07 19.48 25.28
N SER B 96 2.91 19.17 23.99
CA SER B 96 3.82 18.23 23.33
C SER B 96 5.17 18.89 23.05
N ALA B 97 5.15 20.06 22.40
CA ALA B 97 6.33 20.93 22.29
C ALA B 97 7.19 20.88 23.56
N SER B 98 6.57 21.22 24.69
CA SER B 98 7.27 21.30 25.96
C SER B 98 8.01 20.01 26.27
N ALA B 99 7.33 18.88 26.09
CA ALA B 99 7.91 17.56 26.34
C ALA B 99 9.17 17.35 25.51
N GLY B 100 9.08 17.68 24.23
CA GLY B 100 10.21 17.58 23.32
C GLY B 100 11.34 18.51 23.73
N ILE B 101 10.99 19.72 24.13
CA ILE B 101 11.97 20.72 24.54
C ILE B 101 12.69 20.26 25.81
N VAL B 102 11.96 19.57 26.69
CA VAL B 102 12.51 19.10 27.95
C VAL B 102 13.39 17.86 27.74
N GLY B 103 12.87 16.88 27.00
CA GLY B 103 13.60 15.67 26.70
C GLY B 103 14.94 15.91 26.02
N MET B 104 14.96 16.86 25.09
CA MET B 104 16.19 17.20 24.36
C MET B 104 17.24 17.85 25.27
N LYS B 105 16.80 18.82 26.08
CA LYS B 105 17.66 19.44 27.08
C LYS B 105 18.32 18.41 27.98
N MET B 106 17.52 17.49 28.50
CA MET B 106 18.03 16.39 29.33
C MET B 106 19.07 15.53 28.62
N ALA B 107 18.71 15.04 27.44
CA ALA B 107 19.53 14.09 26.69
C ALA B 107 20.96 14.58 26.42
N THR B 108 21.09 15.82 25.95
CA THR B 108 22.39 16.34 25.54
C THR B 108 23.33 16.66 26.71
N ARG B 109 22.83 16.53 27.93
CA ARG B 109 23.66 16.66 29.13
C ARG B 109 23.91 15.30 29.81
N ALA B 110 22.93 14.42 29.70
CA ALA B 110 22.95 13.09 30.31
C ALA B 110 23.92 12.05 29.74
N ASN B 111 24.09 12.05 28.42
CA ASN B 111 25.03 11.14 27.75
C ASN B 111 26.41 10.94 28.39
N VAL B 112 27.17 12.01 28.55
CA VAL B 112 28.45 11.96 29.28
C VAL B 112 28.40 11.27 30.64
N ARG B 113 27.45 11.66 31.47
CA ARG B 113 27.36 11.10 32.81
C ARG B 113 26.93 9.64 32.81
N VAL B 114 26.49 9.14 31.65
CA VAL B 114 26.29 7.71 31.50
C VAL B 114 27.71 7.18 31.27
N ALA B 115 28.33 7.75 30.24
CA ALA B 115 29.68 7.42 29.79
C ALA B 115 30.74 7.49 30.88
N GLU B 116 30.68 8.54 31.70
CA GLU B 116 31.61 8.67 32.82
C GLU B 116 31.44 7.57 33.86
N ALA B 117 30.19 7.20 34.12
CA ALA B 117 29.87 6.04 34.96
C ALA B 117 30.61 4.81 34.44
N ALA B 118 30.63 4.66 33.13
CA ALA B 118 31.30 3.53 32.49
C ALA B 118 32.81 3.53 32.76
N ARG B 119 33.29 4.49 33.54
CA ARG B 119 34.71 4.53 33.84
C ARG B 119 35.03 4.96 35.26
N THR B 120 34.61 6.15 35.69
CA THR B 120 34.77 6.53 37.09
C THR B 120 34.33 5.53 38.17
N THR B 121 33.08 5.08 38.12
CA THR B 121 32.65 3.97 38.98
C THR B 121 33.15 2.62 38.47
N LYS B 122 33.13 2.48 37.15
CA LYS B 122 33.74 1.39 36.35
C LYS B 122 33.01 1.26 35.03
N ILE B 124 29.55 -1.10 35.02
CA ILE B 124 28.54 -1.08 33.97
C ILE B 124 27.14 -0.95 34.54
N GLY B 125 26.90 -1.58 35.68
CA GLY B 125 25.60 -1.51 36.35
C GLY B 125 25.21 -0.11 36.81
N PRO B 126 26.16 0.64 37.39
CA PRO B 126 25.88 2.04 37.77
C PRO B 126 25.90 2.99 36.58
N ALA B 127 26.36 2.51 35.44
CA ALA B 127 26.26 3.27 34.19
C ALA B 127 24.88 3.17 33.54
N LEU B 128 24.28 1.98 33.61
CA LEU B 128 22.88 1.80 33.25
C LEU B 128 21.94 2.63 34.14
N LYS B 129 22.26 2.66 35.43
CA LYS B 129 21.51 3.43 36.41
C LYS B 129 21.51 4.93 36.10
N VAL B 130 22.67 5.46 35.72
CA VAL B 130 22.77 6.82 35.19
C VAL B 130 21.89 7.05 33.95
N ALA B 131 22.21 6.34 32.88
CA ALA B 131 21.57 6.48 31.57
C ALA B 131 20.04 6.52 31.59
N TYR B 132 19.45 5.60 32.34
CA TYR B 132 18.00 5.42 32.46
C TYR B 132 17.24 6.57 33.12
N GLN B 133 17.84 7.14 34.17
CA GLN B 133 17.31 8.36 34.80
C GLN B 133 17.07 9.54 33.83
N GLY B 134 17.99 9.76 32.91
CA GLY B 134 17.81 10.84 31.94
C GLY B 134 16.59 10.57 31.06
N GLY B 135 16.58 9.41 30.41
CA GLY B 135 15.50 9.01 29.52
C GLY B 135 14.10 9.17 30.08
N SER B 136 13.94 8.86 31.36
CA SER B 136 12.64 8.88 32.04
C SER B 136 12.04 10.27 32.16
N VAL B 137 12.88 11.30 32.08
CA VAL B 137 12.39 12.67 32.17
C VAL B 137 11.53 12.94 30.95
N MET B 138 12.00 12.48 29.79
CA MET B 138 11.26 12.62 28.54
C MET B 138 9.94 11.86 28.59
N GLY B 139 9.97 10.67 29.17
CA GLY B 139 8.82 9.78 29.17
C GLY B 139 7.74 10.30 30.10
N LEU B 140 8.16 10.69 31.30
CA LEU B 140 7.25 11.25 32.28
C LEU B 140 6.67 12.57 31.82
N SER B 141 7.49 13.35 31.11
CA SER B 141 7.01 14.63 30.60
C SER B 141 6.00 14.39 29.48
N VAL B 142 6.22 13.35 28.69
CA VAL B 142 5.31 13.02 27.59
C VAL B 142 3.98 12.65 28.20
N GLY B 143 4.03 11.86 29.26
CA GLY B 143 2.84 11.41 29.95
C GLY B 143 2.20 12.56 30.71
N GLY B 144 3.00 13.17 31.57
CA GLY B 144 2.55 14.27 32.41
C GLY B 144 1.95 15.45 31.67
N PHE B 145 2.68 15.97 30.69
CA PHE B 145 2.17 17.08 29.88
C PHE B 145 0.87 16.73 29.17
N ALA B 146 0.93 15.71 28.32
CA ALA B 146 -0.22 15.33 27.51
C ALA B 146 -1.50 15.17 28.33
N LEU B 147 -1.40 14.50 29.48
CA LEU B 147 -2.58 14.33 30.32
C LEU B 147 -2.95 15.60 31.11
N LEU B 148 -1.94 16.34 31.56
CA LEU B 148 -2.16 17.64 32.20
C LEU B 148 -2.98 18.53 31.30
N GLY B 149 -2.53 18.63 30.04
CA GLY B 149 -3.21 19.39 29.02
C GLY B 149 -4.64 18.91 28.95
N LEU B 150 -4.81 17.61 28.77
CA LEU B 150 -6.14 17.00 28.72
C LEU B 150 -6.93 17.25 30.01
N VAL B 151 -6.26 17.20 31.16
CA VAL B 151 -6.93 17.49 32.43
C VAL B 151 -7.42 18.93 32.41
N LEU B 152 -6.58 19.84 31.93
CA LEU B 152 -6.94 21.24 31.81
C LEU B 152 -8.18 21.37 30.92
N VAL B 153 -8.10 20.80 29.72
CA VAL B 153 -9.21 20.90 28.78
C VAL B 153 -10.47 20.30 29.37
N TYR B 154 -10.33 19.16 30.05
CA TYR B 154 -11.47 18.52 30.69
C TYR B 154 -12.08 19.35 31.82
N LEU B 155 -11.23 19.82 32.74
CA LEU B 155 -11.71 20.60 33.88
C LEU B 155 -12.28 21.96 33.47
N ILE B 156 -11.51 22.69 32.67
CA ILE B 156 -11.86 24.05 32.32
C ILE B 156 -12.94 24.07 31.25
N PHE B 157 -12.62 23.54 30.08
CA PHE B 157 -13.56 23.56 28.97
C PHE B 157 -14.71 22.57 29.13
N GLY B 158 -14.43 21.42 29.71
CA GLY B 158 -15.45 20.39 29.87
C GLY B 158 -16.45 20.66 30.98
N LYS B 159 -15.93 21.01 32.14
CA LYS B 159 -16.67 21.13 33.40
C LYS B 159 -17.10 22.56 33.74
N TRP B 160 -16.10 23.42 33.88
CA TRP B 160 -16.29 24.84 34.15
C TRP B 160 -17.20 25.46 33.10
N MET B 161 -16.82 25.41 31.83
CA MET B 161 -17.63 26.01 30.77
C MET B 161 -18.81 25.10 30.41
N GLY B 162 -18.93 24.00 31.14
CA GLY B 162 -20.11 23.13 31.10
C GLY B 162 -20.34 22.27 29.88
N GLN B 163 -19.30 22.05 29.08
CA GLN B 163 -19.48 21.25 27.87
C GLN B 163 -19.73 19.77 28.17
N VAL B 164 -19.27 19.30 29.32
CA VAL B 164 -19.53 17.94 29.76
C VAL B 164 -20.87 17.94 30.48
N ASP B 165 -21.37 19.14 30.75
CA ASP B 165 -22.67 19.33 31.35
C ASP B 165 -23.73 19.36 30.25
N ASN B 166 -23.34 19.89 29.08
CA ASN B 166 -24.29 20.00 27.99
C ASN B 166 -24.19 18.84 26.99
N LEU B 167 -23.14 18.85 26.19
CA LEU B 167 -22.75 17.76 25.28
C LEU B 167 -23.91 17.32 24.37
N ASN B 168 -24.86 18.22 24.15
CA ASN B 168 -25.77 18.19 23.00
C ASN B 168 -25.11 18.68 21.72
N ILE B 169 -25.91 18.79 20.66
CA ILE B 169 -25.37 19.12 19.34
C ILE B 169 -25.45 20.64 19.18
N TYR B 170 -24.28 21.29 19.12
CA TYR B 170 -24.15 22.75 19.03
C TYR B 170 -24.01 23.32 17.62
N THR B 171 -24.45 24.56 17.44
CA THR B 171 -24.30 25.25 16.16
C THR B 171 -23.70 26.64 16.39
N ASN B 172 -22.59 26.89 15.70
CA ASN B 172 -21.73 28.02 16.00
C ASN B 172 -22.08 29.31 15.27
N TRP B 173 -21.21 30.29 15.45
CA TRP B 173 -21.42 31.62 14.89
C TRP B 173 -21.43 31.62 13.37
N LEU B 174 -20.88 30.57 12.75
CA LEU B 174 -20.96 30.43 11.30
C LEU B 174 -22.01 29.42 10.80
N GLY B 175 -22.84 28.94 11.71
CA GLY B 175 -23.79 27.88 11.40
C GLY B 175 -23.14 26.51 11.21
N ILE B 176 -21.86 26.41 11.60
CA ILE B 176 -21.11 25.15 11.64
C ILE B 176 -21.50 24.36 12.89
N ASN B 177 -21.86 23.08 12.72
CA ASN B 177 -22.34 22.28 13.84
C ASN B 177 -21.41 21.16 14.30
N PHE B 178 -21.43 20.95 15.61
CA PHE B 178 -20.60 19.97 16.28
C PHE B 178 -21.03 19.82 17.74
N VAL B 179 -20.61 18.72 18.37
CA VAL B 179 -20.82 18.56 19.80
C VAL B 179 -19.69 19.25 20.53
N PRO B 180 -20.02 20.32 21.27
CA PRO B 180 -19.11 21.22 21.96
C PRO B 180 -17.85 20.56 22.52
N PHE B 181 -18.01 19.56 23.39
CA PHE B 181 -16.84 18.98 24.02
C PHE B 181 -15.98 18.20 23.02
N ALA B 182 -16.64 17.40 22.19
CA ALA B 182 -16.01 16.66 21.11
C ALA B 182 -15.11 17.55 20.26
N MET B 183 -15.67 18.67 19.83
CA MET B 183 -14.96 19.63 18.99
C MET B 183 -13.76 20.19 19.75
N THR B 184 -13.96 20.49 21.03
CA THR B 184 -12.94 21.11 21.85
C THR B 184 -11.68 20.24 21.97
N VAL B 185 -11.88 18.97 22.31
CA VAL B 185 -10.80 18.01 22.46
C VAL B 185 -10.15 17.63 21.13
N SER B 186 -10.92 17.71 20.05
CA SER B 186 -10.39 17.56 18.71
C SER B 186 -9.30 18.57 18.40
N GLY B 187 -9.48 19.80 18.89
CA GLY B 187 -8.46 20.81 18.72
C GLY B 187 -7.20 20.43 19.46
N TYR B 188 -7.36 19.97 20.70
CA TYR B 188 -6.22 19.54 21.50
C TYR B 188 -5.39 18.48 20.79
N ALA B 189 -6.06 17.47 20.23
CA ALA B 189 -5.37 16.42 19.51
C ALA B 189 -4.58 17.02 18.35
N LEU B 190 -5.20 17.98 17.67
CA LEU B 190 -4.58 18.63 16.53
C LEU B 190 -3.33 19.36 16.98
N GLY B 191 -3.39 19.89 18.19
CA GLY B 191 -2.27 20.62 18.77
C GLY B 191 -1.06 19.73 18.90
N CYS B 192 -1.23 18.60 19.56
CA CYS B 192 -0.20 17.57 19.64
C CYS B 192 0.33 17.13 18.27
N SER B 193 -0.58 16.94 17.33
CA SER B 193 -0.22 16.58 15.97
C SER B 193 0.71 17.56 15.27
N ILE B 194 0.48 18.86 15.44
CA ILE B 194 1.26 19.79 14.64
C ILE B 194 2.72 19.81 15.12
N ILE B 195 2.94 19.68 16.42
CA ILE B 195 4.32 19.70 16.90
C ILE B 195 4.95 18.35 16.57
N ALA B 196 4.12 17.31 16.49
CA ALA B 196 4.61 15.99 16.11
C ALA B 196 5.04 15.94 14.65
N MET B 197 4.25 16.56 13.78
CA MET B 197 4.50 16.52 12.35
C MET B 197 5.83 17.18 12.02
N PHE B 198 5.99 18.40 12.53
CA PHE B 198 7.23 19.17 12.40
C PHE B 198 8.46 18.42 12.93
N ASP B 199 8.34 17.84 14.11
CA ASP B 199 9.42 17.09 14.74
C ASP B 199 9.88 15.88 13.91
N ARG B 200 8.94 15.29 13.21
CA ARG B 200 9.22 14.13 12.36
C ARG B 200 9.57 14.50 10.92
N VAL B 201 8.68 15.18 10.20
CA VAL B 201 8.91 15.48 8.80
C VAL B 201 10.04 16.51 8.63
N GLY B 202 10.30 17.28 9.68
CA GLY B 202 11.40 18.24 9.66
C GLY B 202 12.65 17.67 10.28
N GLY B 203 12.54 17.17 11.50
CA GLY B 203 13.72 16.67 12.19
C GLY B 203 14.19 15.37 11.57
N GLY B 204 13.24 14.57 11.10
CA GLY B 204 13.59 13.34 10.40
C GLY B 204 14.39 13.54 9.13
N VAL B 205 14.08 14.60 8.38
CA VAL B 205 14.82 14.88 7.16
C VAL B 205 16.21 15.36 7.56
N TYR B 206 16.25 16.14 8.64
CA TYR B 206 17.49 16.74 9.12
C TYR B 206 18.42 15.63 9.56
N THR B 207 17.91 14.81 10.47
CA THR B 207 18.63 13.70 11.07
C THR B 207 19.36 12.88 10.00
N LYS B 208 18.64 12.55 8.93
CA LYS B 208 19.20 11.72 7.89
C LYS B 208 19.96 12.52 6.85
N ALA B 209 19.58 13.78 6.64
CA ALA B 209 20.41 14.68 5.84
C ALA B 209 21.80 14.73 6.45
N ALA B 210 21.86 14.81 7.78
CA ALA B 210 23.13 14.81 8.50
C ALA B 210 23.87 13.48 8.36
N ASP B 211 23.16 12.37 8.54
CA ASP B 211 23.79 11.05 8.54
C ASP B 211 24.42 10.78 7.18
N MET B 212 23.61 10.97 6.13
CA MET B 212 24.10 10.97 4.76
C MET B 212 25.34 11.83 4.64
N ALA B 213 25.18 13.12 4.95
CA ALA B 213 26.25 14.10 4.78
C ALA B 213 27.54 13.61 5.44
N ALA B 214 27.42 13.21 6.72
CA ALA B 214 28.56 12.65 7.44
C ALA B 214 29.12 11.44 6.71
N ASP B 215 28.25 10.50 6.34
CA ASP B 215 28.70 9.31 5.61
C ASP B 215 28.98 9.64 4.14
N LEU B 216 29.21 10.91 3.84
CA LEU B 216 29.48 11.38 2.48
C LEU B 216 30.68 12.31 2.52
N VAL B 217 31.79 11.80 3.02
CA VAL B 217 33.03 12.57 3.11
C VAL B 217 34.08 12.05 2.14
N ARG B 230 38.71 11.62 12.98
CA ARG B 230 37.32 11.78 13.36
C ARG B 230 36.85 13.22 13.19
N ASN B 231 35.67 13.51 13.74
CA ASN B 231 35.17 14.88 13.89
C ASN B 231 35.13 15.75 12.61
N PRO B 232 34.48 15.26 11.53
CA PRO B 232 34.43 16.24 10.43
C PRO B 232 33.08 16.95 10.41
N ALA B 233 32.00 16.18 10.40
CA ALA B 233 30.65 16.72 10.48
C ALA B 233 29.83 15.72 11.28
N THR B 234 30.54 14.91 12.07
CA THR B 234 29.95 13.84 12.86
C THR B 234 28.98 14.42 13.87
N ILE B 235 29.34 15.58 14.41
CA ILE B 235 28.59 16.25 15.46
C ILE B 235 27.19 16.58 15.00
N ALA B 236 27.04 17.01 13.75
CA ALA B 236 25.73 17.31 13.20
C ALA B 236 24.89 16.04 13.27
N ASP B 237 25.50 14.93 12.89
CA ASP B 237 24.84 13.62 12.89
C ASP B 237 24.51 13.16 14.31
N ASN B 238 25.41 13.46 15.26
CA ASN B 238 25.20 13.09 16.66
C ASN B 238 24.04 13.82 17.33
N VAL B 239 23.77 15.06 16.94
CA VAL B 239 22.61 15.74 17.50
C VAL B 239 21.39 15.05 16.88
N GLY B 240 21.48 14.75 15.57
CA GLY B 240 20.46 14.02 14.85
C GLY B 240 19.93 12.81 15.59
N ASP B 241 20.86 12.02 16.15
CA ASP B 241 20.55 10.80 16.88
C ASP B 241 19.57 11.02 18.04
N ASN B 242 19.65 12.20 18.65
CA ASN B 242 18.74 12.59 19.73
C ASN B 242 17.39 13.11 19.21
N VAL B 243 17.45 14.01 18.23
CA VAL B 243 16.28 14.55 17.55
C VAL B 243 15.25 13.48 17.20
N GLY B 244 15.70 12.47 16.46
CA GLY B 244 14.83 11.40 16.01
C GLY B 244 14.14 10.58 17.11
N ASP B 245 14.92 9.93 17.97
CA ASP B 245 14.32 8.95 18.90
C ASP B 245 14.00 9.48 20.31
N VAL B 246 14.50 10.65 20.68
CA VAL B 246 14.02 11.28 21.92
C VAL B 246 12.84 12.21 21.64
N ALA B 247 13.13 13.36 21.02
CA ALA B 247 12.11 14.36 20.75
C ALA B 247 11.03 13.85 19.81
N GLY B 248 11.45 13.36 18.65
CA GLY B 248 10.50 12.92 17.64
C GLY B 248 9.68 11.73 18.09
N LEU B 249 10.36 10.67 18.51
CA LEU B 249 9.68 9.46 18.99
C LEU B 249 8.78 9.77 20.18
N GLY B 250 9.24 10.67 21.05
CA GLY B 250 8.50 11.00 22.25
C GLY B 250 7.22 11.73 21.87
N ALA B 251 7.32 12.59 20.86
CA ALA B 251 6.19 13.38 20.40
C ALA B 251 5.21 12.48 19.65
N ASP B 252 5.77 11.57 18.87
CA ASP B 252 5.00 10.62 18.06
C ASP B 252 4.09 9.80 18.97
N LEU B 253 4.68 9.18 19.99
CA LEU B 253 3.96 8.30 20.89
C LEU B 253 2.94 9.11 21.68
N LEU B 254 3.34 10.33 22.04
CA LEU B 254 2.45 11.28 22.71
C LEU B 254 1.17 11.47 21.90
N GLU B 255 1.30 11.73 20.61
CA GLU B 255 0.14 11.97 19.76
C GLU B 255 -0.79 10.75 19.71
N SER B 256 -0.23 9.57 19.44
CA SER B 256 -0.99 8.33 19.45
C SER B 256 -1.69 8.16 20.80
N PHE B 257 -0.96 8.46 21.87
CA PHE B 257 -1.50 8.41 23.22
C PHE B 257 -2.70 9.34 23.30
N VAL B 258 -2.48 10.61 22.98
CA VAL B 258 -3.55 11.60 23.00
C VAL B 258 -4.62 11.26 21.98
N GLY B 259 -4.18 10.76 20.83
CA GLY B 259 -5.08 10.37 19.74
C GLY B 259 -6.07 9.32 20.17
N ALA B 260 -5.59 8.35 20.95
CA ALA B 260 -6.42 7.26 21.44
C ALA B 260 -7.46 7.79 22.43
N ILE B 261 -7.02 8.64 23.35
CA ILE B 261 -7.90 9.22 24.37
C ILE B 261 -8.93 10.13 23.71
N VAL B 262 -8.47 11.04 22.87
CA VAL B 262 -9.35 11.97 22.18
C VAL B 262 -10.40 11.18 21.40
N SER B 263 -10.00 10.04 20.84
CA SER B 263 -10.93 9.27 20.03
C SER B 263 -11.98 8.64 20.92
N SER B 264 -11.56 8.11 22.06
CA SER B 264 -12.48 7.59 23.05
C SER B 264 -13.53 8.63 23.44
N ILE B 265 -13.08 9.87 23.61
CA ILE B 265 -13.93 10.97 24.02
C ILE B 265 -14.88 11.39 22.90
N ILE B 266 -14.35 11.45 21.69
CA ILE B 266 -15.14 11.83 20.51
C ILE B 266 -16.24 10.84 20.24
N LEU B 267 -15.90 9.55 20.26
CA LEU B 267 -16.91 8.52 20.12
C LEU B 267 -17.99 8.59 21.19
N ALA B 268 -17.58 8.74 22.46
CA ALA B 268 -18.57 8.85 23.53
C ALA B 268 -19.51 10.03 23.32
N SER B 269 -18.96 11.23 23.12
CA SER B 269 -19.76 12.44 23.02
C SER B 269 -20.84 12.34 21.94
N TYR B 270 -20.43 11.99 20.73
CA TYR B 270 -21.35 11.83 19.61
C TYR B 270 -22.31 10.66 19.77
N MET B 271 -21.94 9.68 20.60
CA MET B 271 -22.84 8.58 20.91
C MET B 271 -24.17 9.04 21.52
N PHE B 272 -24.14 10.17 22.22
CA PHE B 272 -25.33 10.76 22.83
C PHE B 272 -26.41 11.15 21.78
N PRO B 273 -26.07 11.98 20.78
CA PRO B 273 -27.08 12.28 19.76
C PRO B 273 -27.40 11.13 18.82
N ILE B 274 -26.47 10.20 18.62
CA ILE B 274 -26.73 9.05 17.76
C ILE B 274 -27.85 8.15 18.31
N TYR B 275 -27.74 7.81 19.59
CA TYR B 275 -28.65 6.86 20.19
C TYR B 275 -29.91 7.55 20.73
N VAL B 276 -30.49 8.41 19.91
CA VAL B 276 -31.79 9.01 20.20
C VAL B 276 -32.88 8.38 19.34
N GLN B 277 -34.03 8.13 19.94
CA GLN B 277 -35.19 7.64 19.20
C GLN B 277 -36.38 8.60 19.32
N LYS B 278 -36.98 8.95 18.19
CA LYS B 278 -38.19 9.75 18.25
C LYS B 278 -39.30 8.81 18.67
N ILE B 279 -39.96 9.13 19.79
CA ILE B 279 -41.12 8.36 20.20
C ILE B 279 -42.32 9.25 20.52
N GLY B 280 -43.39 9.09 19.75
CA GLY B 280 -44.54 9.98 19.85
C GLY B 280 -44.14 11.44 19.85
N GLU B 281 -43.25 11.79 18.94
CA GLU B 281 -42.74 13.15 18.77
C GLU B 281 -41.96 13.64 19.98
N ASN B 282 -41.58 12.71 20.86
CA ASN B 282 -40.60 12.99 21.90
C ASN B 282 -39.23 12.52 21.44
N LEU B 283 -38.16 13.11 21.97
CA LEU B 283 -36.82 12.57 21.78
C LEU B 283 -36.33 11.80 23.01
N VAL B 284 -36.08 10.50 22.84
CA VAL B 284 -35.65 9.66 23.95
C VAL B 284 -34.20 9.21 23.83
N HIS B 285 -33.34 9.70 24.72
CA HIS B 285 -31.92 9.35 24.69
C HIS B 285 -31.69 7.92 25.17
N GLN B 286 -31.57 6.98 24.24
CA GLN B 286 -31.43 5.57 24.62
C GLN B 286 -30.16 5.29 25.42
N VAL B 287 -29.11 6.07 25.14
CA VAL B 287 -27.96 6.14 26.03
C VAL B 287 -28.01 7.48 26.76
N PRO B 288 -28.32 7.45 28.07
CA PRO B 288 -28.56 8.64 28.89
C PRO B 288 -27.32 9.42 29.35
N LYS B 289 -27.57 10.67 29.74
CA LYS B 289 -26.55 11.65 30.13
C LYS B 289 -25.49 11.13 31.11
N GLU B 290 -25.94 10.45 32.17
CA GLU B 290 -25.04 9.87 33.16
C GLU B 290 -23.97 8.99 32.49
N THR B 291 -24.41 8.14 31.58
CA THR B 291 -23.54 7.17 30.92
C THR B 291 -22.50 7.91 30.07
N ILE B 292 -22.96 8.84 29.26
CA ILE B 292 -22.11 9.60 28.35
C ILE B 292 -21.01 10.32 29.12
N GLN B 293 -21.37 10.96 30.23
CA GLN B 293 -20.44 11.79 30.98
C GLN B 293 -19.33 10.91 31.54
N ALA B 294 -19.70 9.69 31.91
CA ALA B 294 -18.77 8.73 32.51
C ALA B 294 -17.84 8.18 31.44
N LEU B 295 -18.44 7.78 30.32
CA LEU B 295 -17.72 7.29 29.14
C LEU B 295 -16.72 8.29 28.59
N ILE B 296 -17.02 9.58 28.76
CA ILE B 296 -16.08 10.64 28.41
C ILE B 296 -14.93 10.66 29.41
N SER B 297 -15.26 10.63 30.70
CA SER B 297 -14.26 10.72 31.75
C SER B 297 -13.41 9.43 31.91
N TYR B 298 -14.02 8.27 31.67
CA TYR B 298 -13.33 6.98 31.80
C TYR B 298 -11.95 6.86 31.12
N PRO B 299 -11.81 7.25 29.85
CA PRO B 299 -10.50 7.07 29.21
C PRO B 299 -9.40 7.95 29.84
N ILE B 300 -9.81 9.10 30.37
CA ILE B 300 -8.88 10.00 31.05
C ILE B 300 -8.33 9.34 32.30
N PHE B 301 -9.22 8.81 33.14
CA PHE B 301 -8.82 8.14 34.37
C PHE B 301 -7.96 6.92 34.07
N PHE B 302 -8.31 6.22 32.99
CA PHE B 302 -7.53 5.07 32.56
C PHE B 302 -6.09 5.51 32.32
N ALA B 303 -5.93 6.55 31.50
CA ALA B 303 -4.60 7.03 31.15
C ALA B 303 -3.87 7.51 32.40
N LEU B 304 -4.62 8.10 33.33
CA LEU B 304 -4.04 8.55 34.58
C LEU B 304 -3.51 7.36 35.37
N VAL B 305 -4.33 6.33 35.50
CA VAL B 305 -3.92 5.11 36.20
C VAL B 305 -2.67 4.52 35.56
N GLY B 306 -2.66 4.49 34.24
CA GLY B 306 -1.49 4.05 33.50
C GLY B 306 -0.23 4.79 33.88
N LEU B 307 -0.33 6.11 33.99
CA LEU B 307 0.84 6.93 34.28
C LEU B 307 1.31 6.65 35.70
N GLY B 308 0.36 6.50 36.61
CA GLY B 308 0.65 6.22 38.00
C GLY B 308 1.37 4.89 38.09
N CYS B 309 0.88 3.92 37.34
CA CYS B 309 1.44 2.60 37.29
C CYS B 309 2.84 2.66 36.69
N SER B 310 2.99 3.44 35.63
CA SER B 310 4.27 3.62 34.96
C SER B 310 5.33 4.29 35.82
N MET B 311 4.94 5.27 36.65
CA MET B 311 5.86 5.88 37.61
C MET B 311 6.42 4.84 38.59
N LEU B 312 5.53 4.01 39.11
CA LEU B 312 5.92 2.88 39.96
C LEU B 312 6.82 1.91 39.20
N GLY B 313 6.50 1.71 37.93
CA GLY B 313 7.30 0.88 37.04
C GLY B 313 8.66 1.53 36.91
N ILE B 314 8.66 2.86 36.85
CA ILE B 314 9.87 3.62 36.62
C ILE B 314 10.72 3.60 37.89
N LEU B 315 10.11 3.98 39.01
CA LEU B 315 10.83 4.05 40.28
C LEU B 315 11.53 2.76 40.71
N TYR B 316 10.87 1.62 40.56
CA TYR B 316 11.46 0.34 40.95
C TYR B 316 12.81 0.04 40.29
N VAL B 317 12.87 0.16 38.96
CA VAL B 317 14.06 -0.19 38.20
C VAL B 317 15.26 0.71 38.48
N ILE B 318 15.00 2.01 38.59
CA ILE B 318 16.03 2.96 39.01
C ILE B 318 16.64 2.58 40.35
N VAL B 319 15.79 2.45 41.36
CA VAL B 319 16.21 2.18 42.73
C VAL B 319 16.80 0.77 42.88
N LYS B 320 16.29 -0.18 42.11
CA LYS B 320 16.75 -1.57 42.11
C LYS B 320 18.27 -1.71 42.24
N LYS B 321 18.71 -2.77 42.90
CA LYS B 321 20.11 -3.17 42.85
C LYS B 321 20.52 -3.30 41.39
N PRO B 322 21.74 -2.83 41.05
CA PRO B 322 22.08 -2.81 39.63
C PRO B 322 22.21 -4.21 39.05
N SER B 323 22.23 -4.29 37.73
CA SER B 323 22.46 -5.54 37.03
C SER B 323 23.71 -5.51 36.15
N ASP B 324 23.98 -6.64 35.51
CA ASP B 324 24.97 -6.70 34.45
C ASP B 324 24.21 -6.70 33.12
N ASN B 325 22.89 -6.89 33.21
CA ASN B 325 22.04 -6.90 32.03
C ASN B 325 21.13 -5.68 32.04
N PRO B 326 21.45 -4.68 31.21
CA PRO B 326 20.67 -3.44 31.15
C PRO B 326 19.36 -3.68 30.42
N GLN B 327 19.32 -4.72 29.61
CA GLN B 327 18.08 -5.13 28.96
C GLN B 327 17.08 -5.54 30.03
N ARG B 328 17.56 -6.34 30.98
CA ARG B 328 16.71 -6.83 32.05
C ARG B 328 16.13 -5.69 32.87
N GLU B 329 16.97 -4.71 33.21
CA GLU B 329 16.52 -3.47 33.86
C GLU B 329 15.35 -2.82 33.14
N LEU B 330 15.61 -2.39 31.91
CA LEU B 330 14.63 -1.74 31.04
C LEU B 330 13.31 -2.50 30.91
N ASN B 331 13.41 -3.81 30.74
CA ASN B 331 12.25 -4.65 30.52
C ASN B 331 11.38 -4.76 31.77
N ILE B 332 12.02 -4.79 32.93
CA ILE B 332 11.30 -4.81 34.20
C ILE B 332 10.38 -3.59 34.35
N SER B 333 10.85 -2.43 33.90
CA SER B 333 10.07 -1.20 34.00
C SER B 333 8.80 -1.30 33.17
N LEU B 334 8.96 -1.77 31.93
CA LEU B 334 7.83 -2.04 31.05
C LEU B 334 6.82 -3.00 31.68
N TRP B 335 7.24 -4.23 31.93
CA TRP B 335 6.40 -5.22 32.61
C TRP B 335 5.76 -4.71 33.90
N THR B 336 6.51 -3.97 34.70
CA THR B 336 5.99 -3.49 35.98
C THR B 336 4.87 -2.51 35.72
N SER B 337 5.08 -1.61 34.76
CA SER B 337 4.11 -0.59 34.40
C SER B 337 2.85 -1.19 33.80
N ALA B 338 2.99 -2.32 33.13
CA ALA B 338 1.90 -2.91 32.36
C ALA B 338 1.04 -3.84 33.20
N LEU B 339 1.68 -4.69 34.00
CA LEU B 339 0.95 -5.54 34.94
C LEU B 339 0.10 -4.64 35.81
N LEU B 340 0.75 -3.63 36.37
CA LEU B 340 0.14 -2.71 37.31
C LEU B 340 -1.11 -2.10 36.67
N THR B 341 -0.97 -1.70 35.42
CA THR B 341 -2.05 -1.03 34.71
C THR B 341 -3.22 -1.97 34.45
N VAL B 342 -2.93 -3.19 34.00
CA VAL B 342 -3.96 -4.22 33.89
C VAL B 342 -4.77 -4.38 35.17
N VAL B 343 -4.06 -4.43 36.29
CA VAL B 343 -4.69 -4.72 37.58
C VAL B 343 -5.56 -3.57 38.07
N LEU B 344 -4.95 -2.40 38.24
CA LEU B 344 -5.63 -1.26 38.80
C LEU B 344 -6.81 -0.85 37.92
N THR B 345 -6.62 -0.97 36.61
CA THR B 345 -7.66 -0.63 35.64
C THR B 345 -8.93 -1.43 35.82
N ALA B 346 -8.78 -2.72 36.14
CA ALA B 346 -9.93 -3.60 36.24
C ALA B 346 -10.81 -3.24 37.42
N PHE B 347 -10.19 -2.87 38.53
CA PHE B 347 -10.95 -2.28 39.60
C PHE B 347 -11.55 -1.00 39.08
N LEU B 348 -10.71 -0.14 38.51
CA LEU B 348 -11.15 1.13 37.97
C LEU B 348 -12.32 0.95 37.00
N THR B 349 -12.20 -0.04 36.12
CA THR B 349 -13.19 -0.22 35.08
C THR B 349 -14.52 -0.72 35.62
N TYR B 350 -14.47 -1.79 36.40
CA TYR B 350 -15.67 -2.36 37.01
C TYR B 350 -16.44 -1.35 37.84
N PHE B 351 -15.73 -0.72 38.76
CA PHE B 351 -16.32 0.13 39.79
C PHE B 351 -16.86 1.44 39.21
N TYR B 352 -16.21 1.97 38.19
CA TYR B 352 -16.57 3.28 37.67
C TYR B 352 -17.80 3.14 36.78
N LEU B 353 -17.94 1.97 36.16
CA LEU B 353 -19.07 1.67 35.27
C LEU B 353 -19.97 0.60 35.89
N LYS B 354 -19.77 0.35 37.19
CA LYS B 354 -20.48 -0.67 37.96
C LYS B 354 -21.99 -0.81 37.79
N ASP B 355 -22.72 0.30 37.77
CA ASP B 355 -24.17 0.18 37.79
C ASP B 355 -24.83 1.01 36.71
N LEU B 356 -24.25 0.98 35.52
CA LEU B 356 -24.49 2.03 34.54
C LEU B 356 -25.77 1.66 33.79
N GLN B 357 -25.98 2.23 32.61
CA GLN B 357 -27.19 1.97 31.84
C GLN B 357 -27.01 2.32 30.37
N GLY B 358 -27.59 1.51 29.50
CA GLY B 358 -27.46 1.69 28.06
C GLY B 358 -26.15 1.24 27.43
N LEU B 359 -25.35 0.50 28.19
CA LEU B 359 -24.07 0.01 27.72
C LEU B 359 -24.33 -1.06 26.66
N ASP B 360 -25.42 -1.80 26.87
CA ASP B 360 -25.99 -2.67 25.84
C ASP B 360 -26.07 -1.97 24.49
N VAL B 361 -26.75 -0.85 24.43
CA VAL B 361 -26.99 -0.16 23.17
C VAL B 361 -25.66 0.39 22.62
N LEU B 362 -24.75 0.70 23.54
CA LEU B 362 -23.44 1.24 23.18
C LEU B 362 -22.58 0.24 22.42
N GLY B 363 -22.85 -1.04 22.59
CA GLY B 363 -22.00 -2.01 21.95
C GLY B 363 -21.20 -2.81 22.97
N PHE B 364 -21.55 -2.67 24.25
CA PHE B 364 -20.79 -3.28 25.34
C PHE B 364 -21.31 -4.67 25.63
N ARG B 365 -20.64 -5.67 25.07
CA ARG B 365 -21.15 -7.03 25.12
C ARG B 365 -21.27 -7.57 26.53
N PHE B 366 -20.35 -7.17 27.41
CA PHE B 366 -20.36 -7.71 28.76
C PHE B 366 -20.57 -6.71 29.90
N GLY B 367 -21.22 -5.58 29.59
CA GLY B 367 -21.65 -4.63 30.62
C GLY B 367 -20.70 -4.18 31.72
N ALA B 368 -20.04 -3.02 31.54
CA ALA B 368 -19.20 -2.37 32.58
C ALA B 368 -17.74 -2.74 32.44
N ILE B 369 -17.46 -4.03 32.61
CA ILE B 369 -16.11 -4.56 32.53
C ILE B 369 -15.57 -4.57 31.10
N SER B 370 -16.47 -4.49 30.14
CA SER B 370 -16.15 -4.66 28.71
C SER B 370 -14.88 -3.95 28.21
N PRO B 371 -14.75 -2.61 28.43
CA PRO B 371 -13.59 -1.89 27.89
C PRO B 371 -12.24 -2.28 28.49
N TRP B 372 -12.23 -2.85 29.69
CA TRP B 372 -10.98 -3.33 30.29
C TRP B 372 -10.40 -4.46 29.48
N PHE B 373 -11.25 -5.37 29.02
CA PHE B 373 -10.86 -6.41 28.08
C PHE B 373 -10.27 -5.87 26.77
N SER B 374 -10.84 -4.79 26.26
CA SER B 374 -10.33 -4.17 25.04
C SER B 374 -8.94 -3.64 25.28
N ALA B 375 -8.76 -3.01 26.43
CA ALA B 375 -7.49 -2.42 26.80
C ALA B 375 -6.43 -3.51 26.86
N ILE B 376 -6.83 -4.64 27.43
CA ILE B 376 -5.94 -5.78 27.58
C ILE B 376 -5.52 -6.26 26.21
N ILE B 377 -6.49 -6.35 25.30
CA ILE B 377 -6.24 -6.74 23.93
C ILE B 377 -5.22 -5.80 23.30
N GLY B 378 -5.44 -4.50 23.50
CA GLY B 378 -4.51 -3.50 23.02
C GLY B 378 -3.12 -3.62 23.61
N ILE B 379 -3.04 -3.79 24.93
CA ILE B 379 -1.75 -3.96 25.60
C ILE B 379 -0.97 -5.09 24.94
N PHE B 380 -1.62 -6.24 24.81
CA PHE B 380 -0.95 -7.42 24.31
C PHE B 380 -0.61 -7.26 22.83
N SER B 381 -1.52 -6.65 22.09
CA SER B 381 -1.26 -6.31 20.70
C SER B 381 0.02 -5.48 20.59
N GLY B 382 0.10 -4.45 21.43
CA GLY B 382 1.26 -3.58 21.48
C GLY B 382 2.54 -4.36 21.70
N ILE B 383 2.51 -5.24 22.69
CA ILE B 383 3.66 -6.06 23.06
C ILE B 383 4.04 -7.01 21.93
N LEU B 384 3.05 -7.67 21.34
CA LEU B 384 3.30 -8.57 20.22
C LEU B 384 3.93 -7.82 19.05
N ILE B 385 3.38 -6.65 18.74
CA ILE B 385 3.85 -5.83 17.63
C ILE B 385 5.30 -5.42 17.82
N GLY B 386 5.68 -5.17 19.07
CA GLY B 386 7.07 -4.94 19.41
C GLY B 386 7.94 -6.12 19.07
N PHE B 387 7.57 -7.30 19.55
CA PHE B 387 8.24 -8.54 19.23
C PHE B 387 8.45 -8.73 17.73
N TRP B 388 7.41 -8.46 16.93
CA TRP B 388 7.51 -8.67 15.49
C TRP B 388 8.56 -7.76 14.87
N ALA B 389 8.75 -6.60 15.47
CA ALA B 389 9.63 -5.61 14.89
C ALA B 389 11.06 -6.07 15.15
N GLU B 390 11.30 -6.54 16.37
CA GLU B 390 12.58 -7.16 16.72
C GLU B 390 12.95 -8.37 15.87
N TYR B 391 12.02 -9.31 15.75
CA TYR B 391 12.28 -10.58 15.07
C TYR B 391 12.83 -10.38 13.66
N TYR B 392 12.22 -9.46 12.93
CA TYR B 392 12.56 -9.18 11.54
C TYR B 392 13.75 -8.24 11.35
N THR B 393 14.27 -7.69 12.45
CA THR B 393 15.21 -6.58 12.36
C THR B 393 16.53 -6.93 13.04
N SER B 394 16.49 -7.89 13.95
CA SER B 394 17.65 -8.32 14.74
C SER B 394 18.36 -9.50 14.02
N TYR B 395 19.64 -9.34 13.68
CA TYR B 395 20.55 -10.47 13.34
C TYR B 395 20.70 -11.64 14.34
N ARG B 396 19.73 -11.73 15.23
CA ARG B 396 19.70 -12.46 16.47
C ARG B 396 18.82 -13.65 16.15
N TYR B 397 17.85 -13.31 15.31
CA TYR B 397 16.97 -14.23 14.63
C TYR B 397 17.23 -14.32 13.13
N LYS B 398 16.49 -15.21 12.50
CA LYS B 398 16.77 -15.79 11.19
C LYS B 398 16.63 -14.87 9.97
N PRO B 399 15.57 -14.03 9.87
CA PRO B 399 15.36 -13.30 8.61
C PRO B 399 16.60 -12.46 8.24
N THR B 400 17.19 -11.82 9.22
CA THR B 400 18.36 -10.97 9.04
C THR B 400 19.63 -11.80 8.79
N GLN B 401 19.77 -12.90 9.53
CA GLN B 401 20.86 -13.87 9.31
C GLN B 401 20.98 -14.25 7.83
N PHE B 402 19.86 -14.58 7.19
CA PHE B 402 19.88 -14.99 5.79
C PHE B 402 20.39 -13.84 4.94
N LEU B 403 19.78 -12.67 5.13
CA LEU B 403 20.15 -11.47 4.39
C LEU B 403 21.66 -11.29 4.47
N GLY B 404 22.16 -11.19 5.70
CA GLY B 404 23.58 -11.13 5.99
C GLY B 404 24.41 -12.09 5.17
N LYS B 405 24.05 -13.37 5.23
CA LYS B 405 24.75 -14.41 4.48
C LYS B 405 24.64 -14.26 2.96
N SER B 406 23.55 -13.67 2.49
CA SER B 406 23.39 -13.44 1.05
C SER B 406 24.34 -12.37 0.51
N SER B 407 25.00 -11.65 1.40
CA SER B 407 25.97 -10.61 1.02
C SER B 407 27.10 -11.16 0.13
N ILE B 408 27.39 -12.44 0.26
CA ILE B 408 28.43 -13.09 -0.52
C ILE B 408 28.08 -13.22 -1.99
N GLU B 409 26.81 -12.99 -2.32
CA GLU B 409 26.36 -13.07 -3.69
C GLU B 409 26.27 -11.71 -4.41
N GLY B 410 26.41 -10.62 -3.68
CA GLY B 410 26.54 -9.31 -4.31
C GLY B 410 25.58 -8.24 -3.83
N THR B 411 25.78 -7.02 -4.30
CA THR B 411 24.94 -5.88 -3.96
C THR B 411 23.50 -6.03 -4.42
N GLY B 412 23.33 -6.54 -5.64
CA GLY B 412 22.01 -6.79 -6.21
C GLY B 412 21.16 -7.67 -5.31
N MET B 413 21.73 -8.79 -4.89
CA MET B 413 21.02 -9.75 -4.03
C MET B 413 20.60 -9.13 -2.70
N VAL B 414 21.50 -8.37 -2.08
CA VAL B 414 21.22 -7.72 -0.79
C VAL B 414 20.01 -6.79 -0.85
N ILE B 415 19.94 -5.98 -1.89
CA ILE B 415 18.84 -5.04 -2.01
C ILE B 415 17.53 -5.81 -2.21
N SER B 416 17.51 -6.70 -3.21
CA SER B 416 16.32 -7.48 -3.50
C SER B 416 15.86 -8.32 -2.31
N ASN B 417 16.81 -8.95 -1.61
CA ASN B 417 16.50 -9.75 -0.43
C ASN B 417 16.00 -8.92 0.75
N GLY B 418 16.48 -7.69 0.86
CA GLY B 418 16.11 -6.80 1.93
C GLY B 418 14.73 -6.24 1.73
N LEU B 419 14.46 -5.85 0.49
CA LEU B 419 13.12 -5.55 0.02
C LEU B 419 12.16 -6.71 0.28
N SER B 420 12.55 -7.90 -0.16
CA SER B 420 11.75 -9.11 0.07
C SER B 420 11.41 -9.29 1.55
N LEU B 421 12.40 -9.06 2.42
CA LEU B 421 12.23 -9.24 3.85
C LEU B 421 11.15 -8.32 4.43
N GLY B 422 11.22 -7.05 4.09
CA GLY B 422 10.31 -6.07 4.65
C GLY B 422 8.89 -6.21 4.15
N MET B 423 8.73 -6.47 2.86
CA MET B 423 7.42 -6.79 2.31
C MET B 423 6.74 -7.93 3.06
N LYS B 424 7.50 -8.99 3.35
CA LYS B 424 6.96 -10.13 4.08
C LYS B 424 6.73 -9.76 5.54
N SER B 425 7.51 -8.82 6.04
CA SER B 425 7.58 -8.61 7.48
C SER B 425 6.31 -7.90 7.92
N VAL B 426 5.54 -7.44 6.93
CA VAL B 426 4.32 -6.71 7.18
C VAL B 426 3.20 -7.61 7.72
N PHE B 427 3.23 -8.89 7.35
CA PHE B 427 2.11 -9.77 7.66
C PHE B 427 1.94 -10.10 9.15
N PRO B 428 3.00 -10.59 9.83
CA PRO B 428 2.76 -10.99 11.22
C PRO B 428 2.29 -9.87 12.16
N PRO B 429 2.91 -8.68 12.12
CA PRO B 429 2.36 -7.62 12.99
C PRO B 429 0.95 -7.25 12.57
N THR B 430 0.71 -7.09 11.27
CA THR B 430 -0.64 -6.80 10.79
C THR B 430 -1.64 -7.86 11.21
N LEU B 431 -1.33 -9.14 11.05
CA LEU B 431 -2.22 -10.20 11.53
C LEU B 431 -2.58 -9.98 12.99
N THR B 432 -1.56 -9.59 13.76
CA THR B 432 -1.70 -9.31 15.18
C THR B 432 -2.68 -8.15 15.36
N LEU B 433 -2.51 -7.14 14.51
CA LEU B 433 -3.42 -5.99 14.45
C LEU B 433 -4.82 -6.40 14.06
N VAL B 434 -4.94 -7.25 13.04
CA VAL B 434 -6.25 -7.77 12.64
C VAL B 434 -6.94 -8.43 13.83
N LEU B 435 -6.25 -9.35 14.49
CA LEU B 435 -6.84 -10.10 15.59
C LEU B 435 -7.19 -9.19 16.77
N GLY B 436 -6.34 -8.19 16.99
CA GLY B 436 -6.55 -7.25 18.08
C GLY B 436 -7.79 -6.39 17.88
N ILE B 437 -7.99 -5.91 16.67
CA ILE B 437 -9.16 -5.11 16.33
C ILE B 437 -10.43 -5.92 16.51
N LEU B 438 -10.44 -7.10 15.89
CA LEU B 438 -11.57 -8.02 15.89
C LEU B 438 -12.09 -8.28 17.30
N PHE B 439 -11.18 -8.56 18.22
CA PHE B 439 -11.53 -8.91 19.59
C PHE B 439 -11.99 -7.64 20.31
N ALA B 440 -11.25 -6.55 20.12
CA ALA B 440 -11.61 -5.24 20.66
C ALA B 440 -13.08 -4.88 20.41
N ASP B 441 -13.55 -5.06 19.18
CA ASP B 441 -14.90 -4.66 18.82
C ASP B 441 -15.94 -5.64 19.36
N TYR B 442 -15.54 -6.87 19.58
CA TYR B 442 -16.43 -7.86 20.16
C TYR B 442 -16.78 -7.51 21.60
N PHE B 443 -15.79 -6.98 22.31
CA PHE B 443 -15.93 -6.70 23.74
C PHE B 443 -16.67 -5.40 24.05
N ALA B 444 -16.40 -4.35 23.27
CA ALA B 444 -16.81 -3.01 23.66
C ALA B 444 -17.11 -2.13 22.45
N GLY B 445 -17.38 -2.77 21.33
CA GLY B 445 -17.72 -2.09 20.09
C GLY B 445 -16.63 -1.16 19.57
N LEU B 446 -17.03 -0.23 18.71
CA LEU B 446 -16.12 0.74 18.11
C LEU B 446 -15.35 1.48 19.19
N TYR B 447 -16.05 1.75 20.29
CA TYR B 447 -15.46 2.36 21.47
C TYR B 447 -14.32 1.49 21.99
N GLY B 448 -14.54 0.18 21.96
CA GLY B 448 -13.54 -0.80 22.32
C GLY B 448 -12.27 -0.76 21.48
N VAL B 449 -12.39 -0.37 20.22
CA VAL B 449 -11.22 -0.28 19.35
C VAL B 449 -10.33 0.84 19.88
N ALA B 450 -10.95 1.97 20.25
CA ALA B 450 -10.18 3.13 20.66
C ALA B 450 -9.56 2.90 22.04
N ILE B 451 -10.33 2.28 22.92
CA ILE B 451 -9.83 1.90 24.24
C ILE B 451 -8.69 0.89 24.12
N ALA B 452 -8.75 0.05 23.09
CA ALA B 452 -7.68 -0.91 22.86
C ALA B 452 -6.43 -0.15 22.51
N ALA B 453 -6.56 0.81 21.60
CA ALA B 453 -5.49 1.74 21.28
C ALA B 453 -4.94 2.36 22.56
N LEU B 454 -5.84 2.79 23.43
CA LEU B 454 -5.46 3.42 24.68
C LEU B 454 -4.73 2.47 25.61
N GLY B 455 -5.25 1.24 25.71
CA GLY B 455 -4.62 0.23 26.54
C GLY B 455 -3.21 -0.08 26.05
N MET B 456 -3.09 -0.26 24.73
CA MET B 456 -1.80 -0.46 24.08
C MET B 456 -0.78 0.57 24.55
N LEU B 457 -1.23 1.81 24.64
CA LEU B 457 -0.39 2.95 24.99
C LEU B 457 -0.58 3.36 26.45
N SER B 458 -1.36 2.58 27.20
CA SER B 458 -1.62 2.93 28.60
C SER B 458 -0.38 3.03 29.46
N PHE B 459 0.73 2.48 29.02
CA PHE B 459 1.96 2.58 29.79
C PHE B 459 3.03 3.25 28.95
N VAL B 460 2.59 4.27 28.22
CA VAL B 460 3.44 4.98 27.27
C VAL B 460 4.67 5.63 27.90
N ALA B 461 4.53 6.09 29.14
CA ALA B 461 5.62 6.72 29.87
C ALA B 461 6.87 5.86 30.00
N THR B 462 6.71 4.63 30.46
CA THR B 462 7.86 3.74 30.60
C THR B 462 8.40 3.38 29.22
N SER B 463 7.48 3.18 28.28
CA SER B 463 7.82 2.89 26.88
C SER B 463 8.69 3.97 26.25
N VAL B 464 8.29 5.22 26.42
CA VAL B 464 9.02 6.35 25.85
C VAL B 464 10.39 6.50 26.49
N SER B 465 10.45 6.29 27.80
CA SER B 465 11.72 6.25 28.51
C SER B 465 12.72 5.29 27.88
N VAL B 466 12.30 4.05 27.63
CA VAL B 466 13.19 3.09 27.00
C VAL B 466 13.55 3.55 25.59
N ASP B 467 12.61 4.21 24.93
CA ASP B 467 12.89 4.77 23.61
C ASP B 467 13.93 5.86 23.76
N SER B 468 13.72 6.72 24.76
CA SER B 468 14.56 7.88 24.94
C SER B 468 15.90 7.46 25.49
N TYR B 469 15.90 6.34 26.22
CA TYR B 469 17.12 5.66 26.66
C TYR B 469 18.13 5.46 25.53
N GLY B 470 17.61 5.23 24.32
CA GLY B 470 18.38 4.82 23.17
C GLY B 470 19.43 5.79 22.64
N PRO B 471 19.02 7.03 22.35
CA PRO B 471 19.97 8.04 21.88
C PRO B 471 20.99 8.41 22.94
N ILE B 472 20.56 8.42 24.20
CA ILE B 472 21.45 8.74 25.31
C ILE B 472 22.63 7.78 25.32
N ALA B 473 22.36 6.48 25.16
CA ALA B 473 23.41 5.48 25.14
C ALA B 473 24.32 5.62 23.91
N ASP B 474 23.73 5.73 22.73
CA ASP B 474 24.49 5.85 21.48
C ASP B 474 25.56 6.94 21.53
N ASN B 475 25.16 8.11 21.99
CA ASN B 475 26.08 9.24 22.17
C ASN B 475 27.15 8.96 23.22
N ALA B 476 26.75 8.40 24.36
CA ALA B 476 27.69 7.99 25.40
C ALA B 476 28.79 7.14 24.79
N GLY B 477 28.41 6.18 23.95
CA GLY B 477 29.34 5.33 23.24
C GLY B 477 30.26 6.11 22.31
N GLY B 478 29.66 6.92 21.45
CA GLY B 478 30.39 7.78 20.51
C GLY B 478 31.37 8.71 21.19
N ILE B 479 30.92 9.31 22.29
CA ILE B 479 31.74 10.18 23.14
C ILE B 479 33.02 9.48 23.62
N SER B 480 32.90 8.19 23.93
CA SER B 480 34.04 7.36 24.25
C SER B 480 35.02 7.23 23.09
N GLU B 481 34.51 7.07 21.87
CA GLU B 481 35.39 6.92 20.70
C GLU B 481 36.18 8.21 20.44
N MET B 482 35.53 9.36 20.52
CA MET B 482 36.21 10.64 20.24
C MET B 482 37.28 10.94 21.29
N CYS B 483 36.88 10.81 22.55
CA CYS B 483 37.75 10.97 23.72
C CYS B 483 38.83 9.89 23.90
N GLU B 484 38.65 8.76 23.23
CA GLU B 484 39.43 7.51 23.40
C GLU B 484 39.63 6.98 24.83
N LEU B 485 38.66 7.21 25.71
CA LEU B 485 38.77 6.70 27.08
C LEU B 485 38.80 5.16 27.16
N ASP B 486 39.99 4.60 27.35
CA ASP B 486 40.24 3.15 27.45
C ASP B 486 39.61 2.25 26.36
N PRO B 487 39.94 0.94 26.40
CA PRO B 487 39.15 -0.06 25.68
C PRO B 487 38.17 -0.77 26.61
N GLU B 488 38.61 -1.10 27.82
CA GLU B 488 37.77 -1.71 28.83
C GLU B 488 36.55 -0.85 29.16
N VAL B 489 36.78 0.46 29.21
CA VAL B 489 35.70 1.43 29.41
C VAL B 489 34.85 1.45 28.15
N ARG B 490 35.54 1.42 27.02
CA ARG B 490 34.92 1.43 25.70
C ARG B 490 34.09 0.17 25.50
N LYS B 491 34.48 -0.90 26.18
CA LYS B 491 33.77 -2.18 26.11
C LYS B 491 32.36 -2.00 26.66
N ILE B 492 32.26 -1.39 27.84
CA ILE B 492 30.97 -1.08 28.45
C ILE B 492 30.15 -0.16 27.55
N THR B 493 30.78 0.92 27.11
CA THR B 493 30.18 1.90 26.19
C THR B 493 29.54 1.24 24.96
N ASP B 494 30.29 0.38 24.27
CA ASP B 494 29.81 -0.37 23.09
C ASP B 494 28.61 -1.25 23.42
N HIS B 495 28.58 -1.77 24.65
CA HIS B 495 27.54 -2.68 25.10
C HIS B 495 26.22 -1.91 25.24
N LEU B 496 26.27 -0.83 26.02
CA LEU B 496 25.16 0.12 26.16
C LEU B 496 24.53 0.53 24.83
N ASP B 497 25.37 0.91 23.87
CA ASP B 497 24.93 1.32 22.53
C ASP B 497 24.22 0.21 21.74
N ALA B 498 24.83 -0.97 21.67
CA ALA B 498 24.18 -2.13 21.07
C ALA B 498 22.73 -2.33 21.51
N VAL B 499 22.49 -2.20 22.81
CA VAL B 499 21.15 -2.37 23.37
C VAL B 499 20.22 -1.18 23.08
N GLY B 500 20.76 0.04 23.14
CA GLY B 500 20.03 1.21 22.67
C GLY B 500 19.41 1.01 21.31
N ASN B 501 20.20 0.44 20.39
CA ASN B 501 19.80 0.35 19.00
C ASN B 501 18.69 -0.70 18.85
N THR B 502 18.80 -1.75 19.66
CA THR B 502 17.79 -2.80 19.76
C THR B 502 16.46 -2.33 20.35
N THR B 503 16.48 -1.81 21.57
CA THR B 503 15.27 -1.33 22.23
C THR B 503 14.58 -0.25 21.41
N ALA B 504 15.37 0.48 20.62
CA ALA B 504 14.84 1.49 19.71
C ALA B 504 14.08 0.85 18.56
N ALA B 505 14.53 -0.32 18.09
CA ALA B 505 13.84 -0.98 17.00
C ALA B 505 12.55 -1.63 17.50
N ILE B 506 12.59 -2.26 18.67
CA ILE B 506 11.39 -2.68 19.37
C ILE B 506 10.45 -1.47 19.54
N GLY B 507 11.04 -0.39 20.05
CA GLY B 507 10.33 0.86 20.30
C GLY B 507 9.64 1.44 19.09
N LYS B 508 10.43 1.68 18.04
CA LYS B 508 9.93 2.12 16.73
C LYS B 508 8.78 1.24 16.28
N GLY B 509 8.93 -0.06 16.51
CA GLY B 509 8.00 -1.07 16.05
C GLY B 509 6.66 -0.89 16.75
N PHE B 510 6.75 -0.73 18.07
CA PHE B 510 5.60 -0.46 18.92
C PHE B 510 4.88 0.83 18.57
N ALA B 511 5.63 1.88 18.27
CA ALA B 511 5.00 3.14 17.91
C ALA B 511 4.23 3.07 16.59
N ILE B 512 4.67 2.20 15.67
CA ILE B 512 3.94 1.98 14.43
C ILE B 512 2.64 1.22 14.65
N GLY B 513 2.71 0.13 15.43
CA GLY B 513 1.53 -0.59 15.88
C GLY B 513 0.50 0.32 16.49
N SER B 514 0.97 1.22 17.35
CA SER B 514 0.07 2.06 18.12
C SER B 514 -0.47 3.19 17.26
N ALA B 515 0.33 3.61 16.28
CA ALA B 515 -0.08 4.63 15.33
C ALA B 515 -1.26 4.16 14.49
N ILE B 516 -1.28 2.86 14.19
CA ILE B 516 -2.28 2.30 13.30
C ILE B 516 -3.57 2.16 14.08
N PHE B 517 -3.47 1.74 15.33
CA PHE B 517 -4.65 1.52 16.15
C PHE B 517 -5.28 2.87 16.44
N ALA B 518 -4.43 3.85 16.72
CA ALA B 518 -4.89 5.21 16.96
C ALA B 518 -5.56 5.80 15.71
N ALA B 519 -4.87 5.69 14.57
CA ALA B 519 -5.40 6.20 13.31
C ALA B 519 -6.76 5.61 12.96
N LEU B 520 -6.91 4.32 13.18
CA LEU B 520 -8.17 3.63 12.92
C LEU B 520 -9.29 4.08 13.86
N SER B 521 -8.92 4.38 15.10
CA SER B 521 -9.84 4.97 16.07
C SER B 521 -10.28 6.37 15.65
N LEU B 522 -9.33 7.12 15.12
CA LEU B 522 -9.58 8.48 14.66
C LEU B 522 -10.45 8.47 13.41
N PHE B 523 -10.36 7.39 12.62
CA PHE B 523 -11.28 7.20 11.52
C PHE B 523 -12.70 7.01 12.00
N ALA B 524 -12.89 6.15 12.99
CA ALA B 524 -14.21 5.96 13.60
C ALA B 524 -14.77 7.30 14.09
N SER B 525 -13.89 8.11 14.66
CA SER B 525 -14.24 9.43 15.17
C SER B 525 -14.74 10.32 14.04
N TYR B 526 -13.98 10.34 12.94
CA TYR B 526 -14.36 11.07 11.74
C TYR B 526 -15.80 10.80 11.31
N MET B 527 -16.21 9.54 11.35
CA MET B 527 -17.55 9.19 10.91
C MET B 527 -18.62 9.60 11.94
N PHE B 528 -18.32 9.41 13.21
CA PHE B 528 -19.25 9.80 14.27
C PHE B 528 -19.47 11.31 14.23
N SER B 529 -18.40 12.05 13.94
CA SER B 529 -18.43 13.50 13.89
C SER B 529 -19.31 14.03 12.75
N GLN B 530 -19.83 13.12 11.93
CA GLN B 530 -20.66 13.50 10.79
C GLN B 530 -22.18 13.54 11.04
N ILE B 531 -22.65 13.06 12.18
CA ILE B 531 -24.08 13.16 12.48
C ILE B 531 -24.55 14.58 12.25
N SER B 532 -25.67 14.74 11.58
CA SER B 532 -26.21 16.06 11.34
C SER B 532 -27.51 16.14 12.11
N PRO B 533 -27.99 17.36 12.40
CA PRO B 533 -29.32 17.46 12.99
C PRO B 533 -30.35 16.70 12.18
N SER B 534 -30.16 16.71 10.85
CA SER B 534 -31.11 16.07 9.97
C SER B 534 -30.90 14.57 9.85
N ASP B 535 -29.93 14.02 10.58
CA ASP B 535 -29.80 12.57 10.54
C ASP B 535 -30.43 12.06 11.83
N ILE B 536 -30.72 13.02 12.72
CA ILE B 536 -31.15 12.70 14.07
C ILE B 536 -32.46 11.95 13.89
N GLY B 537 -32.60 10.81 14.53
CA GLY B 537 -33.91 10.20 14.66
C GLY B 537 -33.49 8.82 14.24
N LYS B 538 -32.97 8.76 13.01
CA LYS B 538 -33.01 7.58 12.17
C LYS B 538 -32.16 6.55 12.89
N PRO B 539 -32.36 5.25 12.60
CA PRO B 539 -31.45 4.28 13.19
C PRO B 539 -29.97 4.59 12.96
N PRO B 540 -29.15 4.35 13.99
CA PRO B 540 -27.68 4.43 13.97
C PRO B 540 -27.05 3.76 12.76
N SER B 541 -27.46 2.53 12.48
CA SER B 541 -26.88 1.73 11.40
C SER B 541 -27.04 2.39 10.02
N LEU B 542 -27.94 3.37 9.94
CA LEU B 542 -28.15 4.15 8.71
C LEU B 542 -27.31 5.43 8.72
N VAL B 543 -26.71 5.73 9.87
CA VAL B 543 -25.98 6.98 10.13
C VAL B 543 -24.48 6.74 10.31
N LEU B 544 -24.16 5.56 10.81
CA LEU B 544 -22.79 5.11 11.02
C LEU B 544 -22.45 4.30 9.79
N LEU B 545 -22.29 5.02 8.68
CA LEU B 545 -22.15 4.39 7.38
C LEU B 545 -21.23 5.09 6.37
N LEU B 546 -20.28 4.30 5.90
CA LEU B 546 -19.43 4.60 4.75
C LEU B 546 -19.51 3.46 3.74
N ASN B 547 -20.18 3.67 2.61
CA ASN B 547 -20.48 2.55 1.73
C ASN B 547 -19.32 2.41 0.74
N MET B 548 -18.65 1.26 0.75
CA MET B 548 -17.52 1.08 -0.14
C MET B 548 -17.96 0.88 -1.58
N LEU B 549 -19.23 0.55 -1.78
CA LEU B 549 -19.74 0.38 -3.13
C LEU B 549 -19.91 1.72 -3.82
N ASP B 550 -19.93 2.78 -3.01
CA ASP B 550 -20.09 4.12 -3.55
C ASP B 550 -18.79 4.51 -4.25
N ALA B 551 -18.88 4.89 -5.51
CA ALA B 551 -17.72 5.31 -6.30
C ALA B 551 -16.89 6.42 -5.68
N ARG B 552 -17.55 7.40 -5.06
CA ARG B 552 -16.82 8.46 -4.39
C ARG B 552 -15.91 7.92 -3.31
N VAL B 553 -16.35 6.88 -2.62
CA VAL B 553 -15.58 6.36 -1.51
C VAL B 553 -14.40 5.59 -2.09
N ILE B 554 -14.67 4.81 -3.13
CA ILE B 554 -13.65 4.03 -3.83
C ILE B 554 -12.54 4.92 -4.41
N ALA B 555 -12.95 5.97 -5.10
CA ALA B 555 -12.00 6.94 -5.67
C ALA B 555 -11.17 7.55 -4.56
N GLY B 556 -11.86 8.03 -3.53
CA GLY B 556 -11.24 8.57 -2.34
C GLY B 556 -10.17 7.64 -1.83
N ALA B 557 -10.52 6.36 -1.72
CA ALA B 557 -9.61 5.37 -1.15
C ALA B 557 -8.39 5.22 -2.05
N LEU B 558 -8.61 5.25 -3.36
CA LEU B 558 -7.49 5.09 -4.27
C LEU B 558 -6.61 6.32 -4.15
N LEU B 559 -7.24 7.48 -4.05
CA LEU B 559 -6.53 8.75 -4.07
C LEU B 559 -5.69 8.84 -2.81
N GLY B 560 -6.28 8.36 -1.72
CA GLY B 560 -5.67 8.47 -0.41
C GLY B 560 -4.50 7.51 -0.35
N ALA B 561 -4.64 6.41 -1.08
CA ALA B 561 -3.59 5.41 -1.11
C ALA B 561 -2.39 5.93 -1.89
N ALA B 562 -2.65 6.53 -3.05
CA ALA B 562 -1.60 7.08 -3.89
C ALA B 562 -0.86 8.22 -3.22
N ILE B 563 -1.63 9.07 -2.54
CA ILE B 563 -1.08 10.19 -1.78
C ILE B 563 -0.12 9.71 -0.69
N THR B 564 -0.44 8.58 -0.09
CA THR B 564 0.42 8.05 0.95
C THR B 564 1.72 7.56 0.34
N TYR B 565 1.65 7.01 -0.86
CA TYR B 565 2.87 6.59 -1.54
C TYR B 565 3.70 7.80 -1.97
N TYR B 566 3.03 8.84 -2.48
CA TYR B 566 3.73 10.06 -2.88
C TYR B 566 4.50 10.61 -1.70
N PHE B 567 3.78 10.78 -0.59
CA PHE B 567 4.34 11.29 0.66
C PHE B 567 5.63 10.54 1.01
N SER B 568 5.62 9.23 0.81
CA SER B 568 6.75 8.40 1.21
C SER B 568 7.88 8.67 0.24
N GLY B 569 7.54 8.75 -1.04
CA GLY B 569 8.49 8.97 -2.10
C GLY B 569 9.20 10.31 -2.03
N TYR B 570 8.42 11.34 -1.73
CA TYR B 570 8.92 12.71 -1.61
C TYR B 570 10.01 12.79 -0.54
N LEU B 571 9.78 12.15 0.59
CA LEU B 571 10.70 12.21 1.73
C LEU B 571 12.06 11.61 1.42
N ILE B 572 12.10 10.57 0.60
CA ILE B 572 13.38 10.04 0.17
C ILE B 572 14.12 11.17 -0.53
N SER B 573 13.44 11.83 -1.46
CA SER B 573 14.07 12.83 -2.31
C SER B 573 14.42 14.05 -1.47
N ALA B 574 13.55 14.35 -0.51
CA ALA B 574 13.76 15.44 0.44
C ALA B 574 15.03 15.28 1.26
N VAL B 575 15.23 14.09 1.82
CA VAL B 575 16.45 13.81 2.58
C VAL B 575 17.71 14.02 1.75
N THR B 576 17.72 13.53 0.51
CA THR B 576 18.93 13.57 -0.30
C THR B 576 19.24 14.97 -0.81
N LYS B 577 18.21 15.66 -1.31
CA LYS B 577 18.28 17.10 -1.57
C LYS B 577 18.97 17.81 -0.40
N ALA B 578 18.40 17.67 0.79
CA ALA B 578 18.88 18.36 1.96
C ALA B 578 20.30 17.90 2.26
N ALA B 579 20.49 16.58 2.30
CA ALA B 579 21.80 15.96 2.48
C ALA B 579 22.87 16.65 1.63
N MET B 580 22.64 16.69 0.32
CA MET B 580 23.57 17.33 -0.62
C MET B 580 23.86 18.77 -0.22
N LYS B 581 22.82 19.49 0.21
CA LYS B 581 22.97 20.84 0.70
C LYS B 581 23.89 20.86 1.93
N MET B 582 23.86 19.79 2.72
CA MET B 582 24.73 19.72 3.88
C MET B 582 26.13 19.44 3.34
N VAL B 583 26.25 18.39 2.52
CA VAL B 583 27.52 18.02 1.88
C VAL B 583 28.27 19.24 1.34
N ASP B 584 27.51 20.10 0.65
CA ASP B 584 28.00 21.37 0.13
C ASP B 584 28.39 22.38 1.22
N GLU B 585 27.70 22.34 2.36
CA GLU B 585 28.07 23.17 3.52
C GLU B 585 29.37 22.71 4.16
N ILE B 586 29.63 21.40 4.13
CA ILE B 586 30.94 20.93 4.51
C ILE B 586 31.92 21.45 3.46
N ARG B 587 31.69 21.06 2.21
CA ARG B 587 32.55 21.45 1.09
C ARG B 587 32.85 22.96 0.99
N ARG B 588 31.84 23.81 1.20
CA ARG B 588 32.07 25.27 1.18
C ARG B 588 32.64 25.92 2.45
N GLN B 589 32.48 25.31 3.61
CA GLN B 589 33.17 25.77 4.81
C GLN B 589 34.65 25.37 4.87
N ALA B 590 34.90 24.10 4.54
CA ALA B 590 36.23 23.50 4.55
C ALA B 590 37.16 23.80 3.37
N ARG B 591 36.60 24.05 2.19
CA ARG B 591 37.44 24.51 1.07
C ARG B 591 37.95 25.95 1.15
N GLU B 592 37.14 26.86 1.68
CA GLU B 592 37.60 28.24 1.88
C GLU B 592 38.72 28.33 2.92
N CYS B 608 27.70 26.73 11.69
CA CYS B 608 26.99 25.77 10.85
C CYS B 608 25.75 25.22 11.55
N ILE B 609 25.54 23.91 11.42
CA ILE B 609 24.39 23.23 12.03
C ILE B 609 23.01 23.80 11.65
N GLU B 610 22.89 25.12 11.79
CA GLU B 610 21.67 25.87 11.46
C GLU B 610 21.35 25.79 9.97
N ILE B 611 22.39 25.86 9.14
CA ILE B 611 22.22 25.86 7.69
C ILE B 611 21.44 24.65 7.15
N THR B 612 21.97 23.45 7.34
CA THR B 612 21.24 22.24 6.96
C THR B 612 19.92 22.03 7.72
N SER B 613 19.85 22.42 8.98
CA SER B 613 18.58 22.32 9.73
C SER B 613 17.43 23.17 9.19
N ASP B 614 17.74 24.42 8.84
CA ASP B 614 16.78 25.32 8.23
C ASP B 614 16.28 24.85 6.86
N ASN B 615 17.22 24.48 5.98
CA ASN B 615 16.83 23.97 4.67
C ASN B 615 15.99 22.71 4.81
N ALA B 616 16.31 21.88 5.81
CA ALA B 616 15.53 20.69 6.11
C ALA B 616 14.09 21.12 6.43
N LEU B 617 13.98 22.17 7.24
CA LEU B 617 12.69 22.77 7.61
C LEU B 617 11.94 23.36 6.43
N LYS B 618 12.57 24.29 5.72
CA LYS B 618 11.99 24.89 4.51
C LYS B 618 11.32 23.86 3.59
N GLN B 619 11.96 22.70 3.43
CA GLN B 619 11.50 21.68 2.50
C GLN B 619 10.60 20.65 3.21
N MET B 620 9.78 21.12 4.14
CA MET B 620 8.97 20.26 5.01
C MET B 620 7.52 20.67 4.84
N GLY B 621 7.27 21.97 4.86
CA GLY B 621 5.97 22.53 4.55
C GLY B 621 5.27 21.72 3.46
N TYR B 622 5.98 21.50 2.36
CA TYR B 622 5.40 20.82 1.20
C TYR B 622 4.82 19.44 1.59
N PRO B 623 5.63 18.51 2.15
CA PRO B 623 5.01 17.31 2.74
C PRO B 623 3.89 17.63 3.73
N ALA B 624 4.10 18.67 4.53
CA ALA B 624 3.16 19.05 5.57
C ALA B 624 1.89 19.62 4.94
N PHE B 625 2.06 20.27 3.80
CA PHE B 625 0.92 20.78 3.02
C PHE B 625 0.09 19.58 2.58
N ILE B 626 0.77 18.54 2.10
CA ILE B 626 0.11 17.30 1.70
C ILE B 626 -0.71 16.76 2.87
N ALA B 627 -0.06 16.63 4.02
CA ALA B 627 -0.67 16.04 5.21
C ALA B 627 -1.95 16.76 5.63
N ILE B 628 -1.93 18.08 5.60
CA ILE B 628 -2.93 18.87 6.31
C ILE B 628 -4.04 19.37 5.38
N LEU B 629 -3.66 19.81 4.19
CA LEU B 629 -4.63 20.40 3.26
C LEU B 629 -5.37 19.38 2.40
N THR B 630 -4.81 18.18 2.24
CA THR B 630 -5.44 17.16 1.39
C THR B 630 -6.90 16.84 1.77
N PRO B 631 -7.21 16.70 3.07
CA PRO B 631 -8.64 16.46 3.39
C PRO B 631 -9.49 17.66 3.00
N LEU B 632 -8.98 18.86 3.30
CA LEU B 632 -9.65 20.11 2.99
C LEU B 632 -9.95 20.27 1.50
N VAL B 633 -8.91 20.22 0.68
CA VAL B 633 -9.07 20.28 -0.77
C VAL B 633 -10.06 19.24 -1.26
N THR B 634 -9.77 17.97 -1.02
CA THR B 634 -10.64 16.91 -1.52
C THR B 634 -12.03 17.00 -0.89
N GLY B 635 -12.07 17.31 0.41
CA GLY B 635 -13.31 17.58 1.11
C GLY B 635 -14.22 18.67 0.58
N PHE B 636 -13.66 19.84 0.29
CA PHE B 636 -14.45 20.96 -0.18
C PHE B 636 -14.80 20.73 -1.64
N LEU B 637 -13.95 19.95 -2.30
CA LEU B 637 -14.23 19.51 -3.66
C LEU B 637 -15.32 18.46 -3.70
N LEU B 638 -15.19 17.43 -2.87
CA LEU B 638 -15.96 16.21 -3.08
C LEU B 638 -16.76 15.66 -1.88
N GLY B 639 -16.58 16.22 -0.69
CA GLY B 639 -17.47 15.83 0.41
C GLY B 639 -16.99 14.74 1.34
N ALA B 640 -17.87 14.34 2.24
CA ALA B 640 -17.57 13.44 3.35
C ALA B 640 -17.27 12.01 2.91
N GLU B 641 -17.96 11.53 1.87
CA GLU B 641 -17.69 10.20 1.35
C GLU B 641 -16.28 10.07 0.81
N PHE B 642 -15.86 11.03 -0.01
CA PHE B 642 -14.57 10.96 -0.66
C PHE B 642 -13.44 10.98 0.39
N VAL B 643 -13.54 11.90 1.34
CA VAL B 643 -12.55 12.01 2.42
C VAL B 643 -12.54 10.75 3.27
N GLY B 644 -13.70 10.09 3.35
CA GLY B 644 -13.82 8.84 4.06
C GLY B 644 -12.97 7.79 3.38
N GLY B 645 -13.18 7.66 2.07
CA GLY B 645 -12.26 6.92 1.21
C GLY B 645 -10.81 7.25 1.48
N VAL B 646 -10.48 8.54 1.45
CA VAL B 646 -9.10 8.98 1.57
C VAL B 646 -8.50 8.49 2.88
N LEU B 647 -9.23 8.71 3.97
CA LEU B 647 -8.76 8.29 5.28
C LEU B 647 -8.46 6.79 5.33
N ILE B 648 -9.33 5.99 4.73
CA ILE B 648 -9.11 4.55 4.69
C ILE B 648 -7.89 4.17 3.86
N GLY B 649 -7.80 4.70 2.63
CA GLY B 649 -6.63 4.53 1.80
C GLY B 649 -5.36 4.97 2.50
N THR B 650 -5.45 6.11 3.18
CA THR B 650 -4.29 6.72 3.83
C THR B 650 -3.79 5.79 4.93
N VAL B 651 -4.72 5.29 5.73
CA VAL B 651 -4.38 4.46 6.87
C VAL B 651 -3.89 3.10 6.38
N LEU B 652 -4.61 2.52 5.43
CA LEU B 652 -4.21 1.22 4.87
C LEU B 652 -2.81 1.28 4.27
N SER B 653 -2.58 2.27 3.42
CA SER B 653 -1.33 2.34 2.67
C SER B 653 -0.22 2.68 3.63
N GLY B 654 -0.53 3.52 4.60
CA GLY B 654 0.48 4.08 5.48
C GLY B 654 0.88 2.98 6.45
N ALA B 655 -0.10 2.18 6.86
CA ALA B 655 0.15 1.11 7.81
C ALA B 655 1.12 0.12 7.19
N MET B 656 0.87 -0.25 5.94
CA MET B 656 1.64 -1.27 5.27
C MET B 656 3.08 -0.80 5.02
N LEU B 657 3.19 0.39 4.45
CA LEU B 657 4.48 0.97 4.11
C LEU B 657 5.30 1.26 5.36
N ALA B 658 4.62 1.60 6.45
CA ALA B 658 5.30 1.89 7.70
C ALA B 658 6.05 0.67 8.20
N ILE B 659 5.38 -0.48 8.20
CA ILE B 659 5.95 -1.70 8.73
C ILE B 659 7.14 -2.15 7.89
N LEU B 660 6.92 -2.18 6.58
CA LEU B 660 7.95 -2.55 5.61
C LEU B 660 9.27 -1.79 5.78
N THR B 661 9.16 -0.47 5.81
CA THR B 661 10.33 0.39 5.88
C THR B 661 11.10 0.32 7.19
N ALA B 662 10.36 0.28 8.30
CA ALA B 662 10.97 0.07 9.60
C ALA B 662 11.79 -1.22 9.72
N ASN B 663 11.15 -2.34 9.42
CA ASN B 663 11.81 -3.64 9.55
C ASN B 663 12.96 -3.86 8.58
N SER B 664 12.75 -3.50 7.31
CA SER B 664 13.79 -3.66 6.29
C SER B 664 15.01 -2.80 6.58
N GLY B 665 14.77 -1.56 6.96
CA GLY B 665 15.82 -0.59 7.21
C GLY B 665 16.65 -0.99 8.41
N GLY B 666 15.97 -1.46 9.45
CA GLY B 666 16.61 -2.03 10.62
C GLY B 666 17.38 -3.31 10.30
N ALA B 667 16.80 -4.16 9.46
CA ALA B 667 17.43 -5.43 9.11
C ALA B 667 18.71 -5.15 8.33
N TRP B 668 18.63 -4.19 7.40
CA TRP B 668 19.76 -3.81 6.56
C TRP B 668 20.90 -3.30 7.43
N ASP B 669 20.53 -2.51 8.44
CA ASP B 669 21.46 -2.01 9.44
C ASP B 669 22.10 -3.16 10.20
N ASN B 670 21.26 -3.98 10.82
CA ASN B 670 21.70 -5.13 11.60
C ASN B 670 22.40 -6.25 10.81
N ALA B 671 22.15 -6.36 9.51
CA ALA B 671 22.93 -7.28 8.69
C ALA B 671 24.39 -6.84 8.55
N LYS B 672 24.63 -5.55 8.36
CA LYS B 672 26.00 -5.05 8.28
C LYS B 672 26.73 -5.31 9.60
N LYS B 673 26.09 -4.92 10.71
CA LYS B 673 26.59 -5.17 12.07
C LYS B 673 26.96 -6.64 12.25
N TYR B 674 26.08 -7.52 11.78
CA TYR B 674 26.20 -8.97 11.94
C TYR B 674 27.60 -9.36 11.48
N LEU B 675 27.95 -8.90 10.28
CA LEU B 675 29.27 -9.12 9.71
C LEU B 675 30.38 -8.36 10.46
N GLU B 676 30.07 -7.15 10.92
CA GLU B 676 31.01 -6.39 11.76
C GLU B 676 31.38 -7.05 13.09
N ALA B 677 30.46 -7.77 13.71
CA ALA B 677 30.84 -8.54 14.89
C ALA B 677 31.48 -9.86 14.48
N GLY B 678 31.60 -10.08 13.17
CA GLY B 678 32.39 -11.17 12.64
C GLY B 678 31.54 -12.43 12.71
N ASN B 679 30.71 -12.68 11.71
CA ASN B 679 29.76 -13.78 11.82
C ASN B 679 29.50 -14.55 10.52
N LEU B 680 30.20 -14.18 9.46
CA LEU B 680 30.17 -14.97 8.23
C LEU B 680 31.27 -16.01 8.27
N GLU B 681 32.34 -15.70 7.54
CA GLU B 681 33.53 -16.51 7.36
C GLU B 681 34.33 -15.79 6.30
N GLY B 682 33.64 -14.88 5.62
CA GLY B 682 34.20 -13.96 4.65
C GLY B 682 35.25 -12.97 5.16
N TYR B 683 35.68 -13.15 6.41
CA TYR B 683 36.68 -12.30 7.08
C TYR B 683 36.07 -11.00 7.56
N GLY B 684 35.29 -10.35 6.70
CA GLY B 684 34.57 -9.15 7.09
C GLY B 684 35.30 -7.84 6.87
N LYS B 685 34.57 -6.74 7.03
CA LYS B 685 35.13 -5.44 7.40
C LYS B 685 35.96 -4.83 6.27
N GLY B 686 35.34 -3.95 5.50
CA GLY B 686 35.89 -3.53 4.22
C GLY B 686 35.98 -4.58 3.12
N SER B 687 35.60 -5.82 3.42
CA SER B 687 35.48 -6.85 2.40
C SER B 687 34.27 -6.65 1.49
N GLU B 688 34.29 -7.34 0.35
CA GLU B 688 33.31 -7.14 -0.73
C GLU B 688 31.84 -7.38 -0.38
N PRO B 689 31.54 -8.41 0.45
CA PRO B 689 30.16 -8.51 0.94
C PRO B 689 29.77 -7.33 1.83
N HIS B 690 30.71 -6.90 2.67
CA HIS B 690 30.49 -5.79 3.59
C HIS B 690 30.16 -4.49 2.86
N LYS B 691 30.90 -4.21 1.78
CA LYS B 691 30.62 -3.06 0.93
C LYS B 691 29.18 -3.07 0.41
N ALA B 692 28.71 -4.24 0.00
CA ALA B 692 27.36 -4.40 -0.53
C ALA B 692 26.31 -4.13 0.55
N LEU B 693 26.56 -4.63 1.76
CA LEU B 693 25.67 -4.38 2.89
C LEU B 693 25.64 -2.92 3.32
N VAL B 694 26.78 -2.24 3.18
CA VAL B 694 26.85 -0.81 3.48
C VAL B 694 25.94 -0.01 2.56
N ILE B 695 26.07 -0.24 1.25
CA ILE B 695 25.21 0.41 0.26
C ILE B 695 23.73 0.17 0.54
N GLY B 696 23.38 -1.05 0.93
CA GLY B 696 22.03 -1.35 1.35
C GLY B 696 21.61 -0.58 2.59
N ASP B 697 22.54 -0.44 3.53
CA ASP B 697 22.26 0.32 4.76
C ASP B 697 22.10 1.81 4.47
N THR B 698 22.82 2.30 3.47
CA THR B 698 22.72 3.72 3.14
C THR B 698 21.38 3.98 2.46
N VAL B 699 20.89 3.01 1.71
CA VAL B 699 19.56 3.10 1.13
C VAL B 699 18.50 3.01 2.24
N GLY B 700 18.79 2.18 3.23
CA GLY B 700 17.80 1.83 4.25
C GLY B 700 17.52 2.90 5.27
N ASP B 701 18.55 3.68 5.59
CA ASP B 701 18.50 4.58 6.74
C ASP B 701 17.43 5.69 6.61
N PRO B 702 17.41 6.43 5.49
CA PRO B 702 16.25 7.32 5.26
C PRO B 702 14.90 6.61 5.24
N LEU B 703 14.85 5.36 4.81
CA LEU B 703 13.60 4.63 4.83
C LEU B 703 13.12 4.29 6.24
N LYS B 704 13.99 3.75 7.08
CA LYS B 704 13.53 3.31 8.40
C LYS B 704 13.29 4.50 9.34
N ASP B 705 14.09 5.56 9.20
CA ASP B 705 14.07 6.67 10.15
C ASP B 705 13.38 7.94 9.65
N THR B 706 13.13 8.04 8.35
CA THR B 706 12.43 9.21 7.83
C THR B 706 11.10 8.86 7.17
N VAL B 707 11.12 8.00 6.17
CA VAL B 707 9.91 7.68 5.44
C VAL B 707 8.89 7.01 6.37
N GLY B 708 9.27 5.88 6.93
CA GLY B 708 8.39 5.13 7.80
C GLY B 708 7.77 5.89 8.98
N PRO B 709 8.61 6.60 9.77
CA PRO B 709 8.13 7.30 10.96
C PRO B 709 7.22 8.49 10.63
N SER B 710 7.46 9.13 9.49
CA SER B 710 6.56 10.16 8.98
C SER B 710 5.18 9.62 8.66
N LEU B 711 5.12 8.37 8.21
CA LEU B 711 3.85 7.75 7.86
C LEU B 711 3.01 7.52 9.11
N ASP B 712 3.68 7.19 10.21
CA ASP B 712 3.00 7.13 11.50
C ASP B 712 2.20 8.41 11.69
N ILE B 713 2.86 9.55 11.53
CA ILE B 713 2.23 10.84 11.76
C ILE B 713 1.14 11.12 10.72
N LEU B 714 1.45 10.84 9.46
CA LEU B 714 0.52 11.12 8.36
C LEU B 714 -0.85 10.48 8.54
N ILE B 715 -0.87 9.19 8.85
CA ILE B 715 -2.11 8.44 8.98
C ILE B 715 -2.95 8.91 10.17
N LYS B 716 -2.30 9.61 11.10
CA LYS B 716 -3.01 10.17 12.25
C LYS B 716 -3.50 11.60 12.03
N ILE B 717 -2.59 12.53 11.76
CA ILE B 717 -2.96 13.95 11.67
C ILE B 717 -4.03 14.17 10.59
N MET B 718 -3.97 13.39 9.51
CA MET B 718 -4.90 13.53 8.40
C MET B 718 -6.31 13.18 8.88
N SER B 719 -6.37 12.26 9.83
CA SER B 719 -7.63 11.84 10.43
C SER B 719 -8.12 12.95 11.36
N VAL B 720 -7.22 13.47 12.18
CA VAL B 720 -7.56 14.54 13.12
C VAL B 720 -8.10 15.74 12.35
N VAL B 721 -7.37 16.14 11.31
CA VAL B 721 -7.77 17.27 10.49
C VAL B 721 -9.17 17.00 9.97
N SER B 722 -9.39 15.78 9.48
CA SER B 722 -10.67 15.41 8.90
C SER B 722 -11.80 15.44 9.92
N VAL B 723 -11.51 15.00 11.15
CA VAL B 723 -12.53 14.98 12.20
C VAL B 723 -13.05 16.40 12.41
N ILE B 724 -12.13 17.35 12.39
CA ILE B 724 -12.48 18.74 12.62
C ILE B 724 -13.15 19.34 11.38
N ALA B 725 -12.48 19.25 10.24
CA ALA B 725 -12.99 19.93 9.06
C ALA B 725 -14.25 19.30 8.45
N VAL B 726 -14.65 18.12 8.92
CA VAL B 726 -15.82 17.45 8.34
C VAL B 726 -17.08 18.13 8.82
N SER B 727 -16.95 18.86 9.92
CA SER B 727 -17.87 19.91 10.33
C SER B 727 -18.35 20.77 9.16
N ILE B 728 -17.45 21.10 8.25
CA ILE B 728 -17.79 22.07 7.22
C ILE B 728 -18.09 21.48 5.84
N PHE B 729 -17.17 20.69 5.30
CA PHE B 729 -17.32 20.20 3.93
C PHE B 729 -18.33 19.06 3.76
N LYS B 730 -18.91 18.59 4.86
CA LYS B 730 -19.99 17.62 4.78
C LYS B 730 -21.14 18.24 3.99
N HIS B 731 -21.42 19.51 4.26
CA HIS B 731 -22.58 20.20 3.70
C HIS B 731 -22.18 21.09 2.52
N VAL B 732 -21.00 21.68 2.63
CA VAL B 732 -20.58 22.87 1.87
C VAL B 732 -19.69 22.54 0.65
N HIS B 733 -19.41 21.25 0.45
CA HIS B 733 -18.61 20.80 -0.70
C HIS B 733 -19.08 21.24 -2.09
N LEU B 734 -18.13 21.23 -3.02
CA LEU B 734 -18.27 21.83 -4.36
C LEU B 734 -19.13 20.99 -5.30
N PHE B 735 -18.61 19.84 -5.72
CA PHE B 735 -19.34 18.97 -6.62
C PHE B 735 -20.17 17.96 -5.82
#